data_7QEE
#
_entry.id   7QEE
#
_cell.length_a   62.499
_cell.length_b   82.173
_cell.length_c   93.041
_cell.angle_alpha   113.690
_cell.angle_beta   90.650
_cell.angle_gamma   90.310
#
_symmetry.space_group_name_H-M   'P 1'
#
loop_
_entity.id
_entity.type
_entity.pdbx_description
1 polymer SN243
2 non-polymer 'ZINC ION'
3 non-polymer 'SULFATE ION'
4 non-polymer '4-nitrophenyl beta-D-glucopyranosiduronic acid'
5 non-polymer 'beta-D-glucopyranuronic acid'
6 water water
#
_entity_poly.entity_id   1
_entity_poly.type   'polypeptide(L)'
_entity_poly.pdbx_seq_one_letter_code
;SATTPPGDLEQPELEARVKEIIEVDGYQFRDLNDNGELDPYEDWRLPTPERVADLVGQMSLVEKSGLMLINTLNAACDPQ
TGEFGVLPAQADNYINTQHMHRFVFRNVVDVRAEGVECTGTGTPVVSPAEAATFTNAVQEMSEATRLGIPSLFKSNARNH
IDPDARVGINEAAGAFSAFPKEAGIAAAALGEQARRTGEATTGDMSVVADFADVMGEEWASIGLRGMYGYMADLSTEPRW
YRTHETFTEDAYLAAEIMETLVQTLQGEELTDNGLALSPQTRVALTLKHFPGGGPQELGLDPHYAFGKAQVYPAGRFEEH
FLPFQAAIDAGVSSIMPYYGVPVDVPVVGGEPGETYPHTGFAFSDSIVNGLLRDQLGFTGYVNSNTGIINDRAWGLEGNT
VPERVAAAINGGTDTLSGFSDVSVITDLYEADLISEERIDLAAERLLEPLFDMGLFENPYVDPDVATATVGADDHRAVGL
DLQRKSLVLLQNEETDEGPVLPLKEGGDVYILGDFTEETVESYGYEVTNGNVAEGEERPSAAGSDYVLISMTAKTNAGDY
VSDDPSLGLNPDHGTNPSVIIGDDGEPLPGLDGQSLWGAADVCVHKEGHEENPSCTDNRLRFGGAYPWESSILDFTGMEA
AESWEVVPSLETIQEVMAEVEDPSKVILHVYFRQPYVLDEESGLRDAGAILAGFGMTDTALMDVLTGAYAPQGKLPFALA
GTREAIIEQDSDRPGYDETEDGALYPFGYGLTYEDDTEE
;
_entity_poly.pdbx_strand_id   A,B
#
# COMPACT_ATOMS: atom_id res chain seq x y z
N GLU A 10 11.08 36.75 -0.70
CA GLU A 10 11.18 37.50 0.55
C GLU A 10 10.12 37.09 1.56
N GLN A 11 8.89 37.52 1.33
CA GLN A 11 7.77 37.34 2.25
C GLN A 11 7.45 35.90 2.62
N PRO A 12 7.75 35.47 3.85
CA PRO A 12 7.39 34.10 4.28
C PRO A 12 5.95 33.96 4.71
N GLU A 13 5.45 32.73 4.57
CA GLU A 13 4.10 32.36 5.00
C GLU A 13 3.92 32.50 6.52
N LEU A 14 2.82 33.13 6.94
CA LEU A 14 2.46 33.28 8.35
C LEU A 14 1.08 32.68 8.64
N GLU A 15 0.92 32.16 9.85
CA GLU A 15 -0.35 31.66 10.38
C GLU A 15 -0.49 32.05 11.85
N ALA A 16 -1.67 32.54 12.26
CA ALA A 16 -1.85 32.95 13.66
C ALA A 16 -3.28 32.69 14.12
N ARG A 17 -3.41 31.88 15.17
CA ARG A 17 -4.69 31.49 15.75
C ARG A 17 -5.09 32.30 16.99
N VAL A 18 -4.18 33.10 17.54
CA VAL A 18 -4.47 33.86 18.76
C VAL A 18 -4.06 35.30 18.53
N LYS A 19 -2.78 35.51 18.26
CA LYS A 19 -2.25 36.84 17.97
C LYS A 19 -2.75 37.35 16.61
N GLU A 20 -2.41 38.62 16.33
CA GLU A 20 -2.81 39.33 15.13
C GLU A 20 -1.62 39.55 14.21
N ILE A 21 -1.88 39.66 12.90
CA ILE A 21 -0.83 39.97 11.94
C ILE A 21 -0.81 41.49 11.74
N ILE A 22 0.35 42.06 11.39
CA ILE A 22 0.44 43.49 11.21
C ILE A 22 1.31 43.80 9.99
N GLU A 23 0.84 44.79 9.23
CA GLU A 23 1.37 45.14 7.94
C GLU A 23 2.50 46.10 8.29
N VAL A 24 3.72 45.95 7.80
CA VAL A 24 4.72 46.99 8.08
C VAL A 24 5.74 47.06 6.96
N ASP A 25 6.12 48.28 6.60
CA ASP A 25 7.13 48.53 5.58
C ASP A 25 6.83 47.76 4.29
N GLY A 26 5.57 47.39 4.07
CA GLY A 26 5.21 46.70 2.84
C GLY A 26 5.18 45.18 2.94
N TYR A 27 5.45 44.62 4.12
CA TYR A 27 5.52 43.19 4.37
C TYR A 27 4.56 42.83 5.51
N GLN A 28 4.42 41.54 5.78
CA GLN A 28 3.54 41.06 6.86
C GLN A 28 4.34 40.43 7.98
N PHE A 29 3.85 40.59 9.22
CA PHE A 29 4.56 40.17 10.42
C PHE A 29 3.54 39.75 11.47
N ARG A 30 3.94 38.86 12.37
CA ARG A 30 3.08 38.43 13.48
C ARG A 30 3.34 39.26 14.73
N ASP A 31 2.27 39.81 15.31
CA ASP A 31 2.37 40.65 16.50
C ASP A 31 2.28 39.78 17.76
N LEU A 32 3.39 39.07 18.03
CA LEU A 32 3.38 37.97 18.99
C LEU A 32 3.28 38.44 20.44
N ASN A 33 3.69 39.68 20.72
CA ASN A 33 3.55 40.26 22.05
C ASN A 33 2.24 41.02 22.24
N ASP A 34 1.40 41.10 21.19
CA ASP A 34 0.08 41.73 21.27
C ASP A 34 0.19 43.20 21.65
N ASN A 35 1.30 43.84 21.27
CA ASN A 35 1.49 45.25 21.58
C ASN A 35 1.17 46.16 20.41
N GLY A 36 0.70 45.63 19.30
CA GLY A 36 0.28 46.45 18.19
C GLY A 36 1.37 47.02 17.33
N GLU A 37 2.60 47.07 17.81
CA GLU A 37 3.72 47.47 16.98
C GLU A 37 4.68 46.30 16.77
N LEU A 38 5.57 46.44 15.79
CA LEU A 38 6.46 45.36 15.38
C LEU A 38 7.78 45.43 16.13
N ASP A 39 8.02 44.46 17.05
CA ASP A 39 9.32 44.31 17.71
C ASP A 39 10.36 43.68 16.80
N PRO A 40 11.65 43.91 17.08
CA PRO A 40 12.70 43.22 16.31
C PRO A 40 12.58 41.71 16.28
N TYR A 41 12.15 41.08 17.39
CA TYR A 41 12.07 39.62 17.42
C TYR A 41 10.92 39.08 16.55
N GLU A 42 9.91 39.90 16.29
CA GLU A 42 8.86 39.56 15.35
C GLU A 42 9.24 39.91 13.90
N ASP A 43 10.39 40.53 13.69
CA ASP A 43 10.78 41.06 12.38
C ASP A 43 11.66 40.03 11.67
N TRP A 44 11.03 39.19 10.84
CA TRP A 44 11.76 38.11 10.20
C TRP A 44 12.86 38.57 9.26
N ARG A 45 12.93 39.87 8.94
CA ARG A 45 13.98 40.37 8.05
C ARG A 45 15.34 40.39 8.74
N LEU A 46 15.36 40.49 10.07
CA LEU A 46 16.62 40.63 10.78
C LEU A 46 17.25 39.26 11.05
N PRO A 47 18.58 39.19 11.14
CA PRO A 47 19.24 37.92 11.42
C PRO A 47 18.90 37.45 12.81
N THR A 48 18.96 36.15 13.01
CA THR A 48 18.49 35.55 14.27
C THR A 48 19.09 36.18 15.52
N PRO A 49 20.42 36.42 15.61
CA PRO A 49 20.96 37.06 16.82
C PRO A 49 20.27 38.34 17.27
N GLU A 50 19.76 39.17 16.35
CA GLU A 50 19.06 40.37 16.79
C GLU A 50 17.67 40.05 17.32
N ARG A 51 16.96 39.14 16.65
CA ARG A 51 15.65 38.75 17.15
C ARG A 51 15.75 38.07 18.51
N VAL A 52 16.72 37.16 18.69
CA VAL A 52 16.90 36.53 19.99
C VAL A 52 17.22 37.59 21.04
N ALA A 53 18.21 38.43 20.75
CA ALA A 53 18.61 39.48 21.70
C ALA A 53 17.42 40.33 22.10
N ASP A 54 16.62 40.77 21.12
CA ASP A 54 15.43 41.56 21.43
C ASP A 54 14.41 40.75 22.24
N LEU A 55 14.34 39.44 22.00
CA LEU A 55 13.34 38.64 22.70
C LEU A 55 13.75 38.39 24.14
N VAL A 56 15.01 38.03 24.37
CA VAL A 56 15.46 37.73 25.73
C VAL A 56 15.36 38.96 26.62
N GLY A 57 15.69 40.13 26.08
CA GLY A 57 15.42 41.40 26.70
C GLY A 57 14.06 41.55 27.37
N GLN A 58 13.01 41.04 26.71
CA GLN A 58 11.65 41.24 27.19
C GLN A 58 11.14 40.10 28.07
N MET A 59 11.98 39.16 28.50
CA MET A 59 11.49 37.96 29.17
C MET A 59 11.71 38.01 30.68
N SER A 60 10.67 37.67 31.41
CA SER A 60 10.73 37.41 32.84
C SER A 60 11.81 36.39 33.20
N LEU A 61 12.20 36.42 34.47
CA LEU A 61 13.04 35.36 35.03
C LEU A 61 12.36 34.01 34.88
N VAL A 62 11.03 33.95 35.07
CA VAL A 62 10.27 32.71 34.92
C VAL A 62 10.08 32.33 33.48
N GLU A 63 10.01 33.29 32.59
CA GLU A 63 9.88 32.94 31.20
C GLU A 63 11.16 32.34 30.67
N LYS A 64 12.30 32.92 31.06
CA LYS A 64 13.57 32.39 30.57
C LYS A 64 13.91 31.02 31.14
N SER A 65 13.47 30.69 32.35
CA SER A 65 13.88 29.40 32.90
C SER A 65 12.91 28.28 32.52
N GLY A 66 11.67 28.59 32.13
CA GLY A 66 10.79 27.57 31.59
C GLY A 66 11.34 26.93 30.32
N LEU A 67 12.10 27.70 29.54
CA LEU A 67 12.76 27.15 28.38
C LEU A 67 13.68 26.00 28.75
N MET A 68 14.21 26.00 29.95
CA MET A 68 15.18 25.00 30.37
C MET A 68 14.51 23.70 30.81
N LEU A 69 13.24 23.53 30.51
CA LEU A 69 12.53 22.28 30.78
C LEU A 69 12.00 21.67 29.49
N ILE A 70 12.05 20.33 29.40
CA ILE A 70 11.38 19.58 28.35
C ILE A 70 10.79 18.31 28.97
N ASN A 71 9.48 18.12 28.80
CA ASN A 71 8.78 16.99 29.42
C ASN A 71 7.75 16.40 28.47
N THR A 72 7.29 15.20 28.83
CA THR A 72 6.27 14.52 28.07
C THR A 72 5.00 15.36 27.95
N LEU A 73 4.48 15.48 26.73
CA LEU A 73 3.16 16.08 26.50
C LEU A 73 2.48 15.25 25.43
N ASN A 74 1.75 14.21 25.87
CA ASN A 74 1.06 13.31 24.98
C ASN A 74 -0.36 13.79 24.65
N ALA A 75 -0.77 13.54 23.40
CA ALA A 75 -2.17 13.66 23.03
C ALA A 75 -3.08 12.88 23.96
N ALA A 76 -4.26 13.43 24.20
CA ALA A 76 -5.31 12.74 24.93
C ALA A 76 -6.51 12.54 24.03
N CYS A 77 -7.48 11.78 24.54
CA CYS A 77 -8.77 11.66 23.89
C CYS A 77 -9.86 12.24 24.80
N ASP A 78 -10.98 12.58 24.21
CA ASP A 78 -12.10 13.08 24.98
C ASP A 78 -13.10 11.94 25.17
N PRO A 79 -13.20 11.35 26.37
CA PRO A 79 -14.05 10.17 26.51
C PRO A 79 -15.52 10.45 26.25
N GLN A 80 -15.96 11.68 26.45
CA GLN A 80 -17.36 12.02 26.24
C GLN A 80 -17.68 12.32 24.77
N THR A 81 -16.71 12.81 24.00
CA THR A 81 -16.96 13.20 22.61
C THR A 81 -16.45 12.19 21.59
N GLY A 82 -15.58 11.26 21.98
CA GLY A 82 -14.97 10.37 21.01
C GLY A 82 -13.90 11.00 20.16
N GLU A 83 -13.50 12.23 20.44
CA GLU A 83 -12.44 12.87 19.68
C GLU A 83 -11.07 12.51 20.26
N PHE A 84 -10.14 12.13 19.39
CA PHE A 84 -8.74 11.94 19.75
C PHE A 84 -7.88 13.13 19.30
N GLY A 85 -6.79 13.34 20.04
CA GLY A 85 -5.89 14.41 19.72
C GLY A 85 -6.27 15.69 20.42
N VAL A 86 -6.71 15.55 21.66
CA VAL A 86 -6.95 16.72 22.50
C VAL A 86 -5.84 16.76 23.55
N LEU A 87 -5.65 17.96 24.12
CA LEU A 87 -4.61 18.16 25.11
C LEU A 87 -4.93 17.39 26.37
N PRO A 88 -3.91 16.87 27.05
CA PRO A 88 -4.16 16.25 28.35
C PRO A 88 -4.39 17.32 29.43
N ALA A 89 -4.51 16.88 30.69
CA ALA A 89 -4.78 17.83 31.75
C ALA A 89 -3.54 18.66 32.07
N GLN A 90 -2.36 18.03 32.05
CA GLN A 90 -1.12 18.69 32.44
C GLN A 90 -0.70 19.79 31.49
N ALA A 91 -1.42 20.00 30.39
CA ALA A 91 -1.01 20.99 29.41
C ALA A 91 -1.02 22.39 30.00
N ASP A 92 -2.14 22.75 30.63
CA ASP A 92 -2.29 24.06 31.26
C ASP A 92 -1.14 24.35 32.21
N ASN A 93 -0.87 23.42 33.12
CA ASN A 93 0.17 23.64 34.11
C ASN A 93 1.54 23.73 33.45
N TYR A 94 1.74 23.01 32.35
CA TYR A 94 3.06 23.02 31.73
C TYR A 94 3.31 24.33 30.98
N ILE A 95 2.31 24.86 30.28
CA ILE A 95 2.60 25.90 29.32
C ILE A 95 2.41 27.26 29.99
N ASN A 96 1.43 27.37 30.90
CA ASN A 96 1.04 28.62 31.56
C ASN A 96 1.72 28.83 32.90
N THR A 97 1.79 27.78 33.72
CA THR A 97 2.45 27.88 35.01
C THR A 97 3.96 27.72 34.86
N GLN A 98 4.42 26.60 34.31
CA GLN A 98 5.84 26.36 34.22
C GLN A 98 6.46 26.98 32.97
N HIS A 99 5.66 27.54 32.07
CA HIS A 99 6.14 28.29 30.91
C HIS A 99 7.09 27.45 30.04
N MET A 100 6.66 26.24 29.71
CA MET A 100 7.42 25.34 28.86
C MET A 100 7.10 25.57 27.39
N HIS A 101 8.09 25.30 26.54
CA HIS A 101 7.91 25.35 25.10
C HIS A 101 8.56 24.16 24.42
N ARG A 102 9.01 23.15 25.18
CA ARG A 102 9.62 21.96 24.60
C ARG A 102 8.98 20.72 25.22
N PHE A 103 8.55 19.80 24.36
CA PHE A 103 7.83 18.63 24.85
C PHE A 103 8.32 17.39 24.13
N VAL A 104 8.07 16.23 24.75
CA VAL A 104 8.30 14.93 24.13
C VAL A 104 6.95 14.31 23.80
N PHE A 105 6.70 14.07 22.52
CA PHE A 105 5.49 13.43 22.02
C PHE A 105 5.71 11.92 21.97
N ARG A 106 4.93 11.16 22.73
CA ARG A 106 5.16 9.73 22.87
C ARG A 106 4.03 8.81 22.41
N ASN A 107 2.91 9.32 21.96
CA ASN A 107 1.87 8.45 21.44
C ASN A 107 2.36 7.65 20.23
N VAL A 108 1.86 6.42 20.10
CA VAL A 108 1.94 5.72 18.82
C VAL A 108 1.03 6.42 17.80
N VAL A 109 1.50 6.54 16.57
CA VAL A 109 0.68 7.02 15.46
C VAL A 109 0.31 5.83 14.58
N ASP A 110 -0.99 5.57 14.47
CA ASP A 110 -1.51 4.46 13.68
C ASP A 110 -3.02 4.64 13.53
N VAL A 111 -3.60 3.80 12.64
CA VAL A 111 -5.05 3.60 12.55
C VAL A 111 -5.52 2.75 13.73
N ARG A 112 -6.51 3.23 14.45
CA ARG A 112 -7.02 2.42 15.55
C ARG A 112 -7.88 1.29 15.02
N ALA A 113 -7.76 0.13 15.65
CA ALA A 113 -8.61 -0.98 15.28
C ALA A 113 -10.07 -0.60 15.47
N GLU A 114 -10.95 -1.45 14.94
CA GLU A 114 -12.37 -1.20 15.13
C GLU A 114 -12.74 -1.45 16.58
N GLY A 115 -13.75 -0.71 17.05
CA GLY A 115 -14.21 -0.82 18.41
C GLY A 115 -13.39 -0.14 19.46
N VAL A 116 -12.14 0.25 19.16
CA VAL A 116 -11.29 0.91 20.15
C VAL A 116 -11.85 2.30 20.38
N GLU A 117 -12.41 2.52 21.56
CA GLU A 117 -12.96 3.81 21.94
C GLU A 117 -12.05 4.45 22.97
N CYS A 118 -12.27 5.74 23.22
CA CYS A 118 -11.45 6.44 24.22
C CYS A 118 -11.67 5.83 25.59
N THR A 119 -10.58 5.34 26.18
CA THR A 119 -10.58 4.91 27.56
C THR A 119 -10.24 6.12 28.41
N GLY A 120 -9.32 5.94 29.37
CA GLY A 120 -8.80 7.08 30.11
C GLY A 120 -7.35 6.82 30.46
N THR A 121 -6.47 7.73 30.05
CA THR A 121 -5.07 7.76 30.49
C THR A 121 -4.31 6.48 30.12
N GLY A 122 -4.44 6.06 28.87
CA GLY A 122 -3.70 4.90 28.43
C GLY A 122 -2.84 5.23 27.22
N THR A 123 -2.26 6.44 27.23
CA THR A 123 -1.65 7.13 26.09
C THR A 123 -2.23 6.58 24.79
N PRO A 124 -3.21 7.27 24.24
CA PRO A 124 -3.96 6.72 23.10
C PRO A 124 -3.17 6.72 21.81
N VAL A 125 -3.50 5.77 20.94
CA VAL A 125 -3.03 5.77 19.57
C VAL A 125 -3.81 6.83 18.81
N VAL A 126 -3.11 7.63 18.03
CA VAL A 126 -3.73 8.74 17.31
C VAL A 126 -3.37 8.60 15.84
N SER A 127 -4.28 9.02 14.99
CA SER A 127 -4.04 9.04 13.57
C SER A 127 -3.11 10.19 13.19
N PRO A 128 -2.53 10.15 11.98
CA PRO A 128 -1.68 11.28 11.56
C PRO A 128 -2.37 12.63 11.67
N ALA A 129 -3.61 12.72 11.17
CA ALA A 129 -4.38 13.96 11.29
C ALA A 129 -4.66 14.31 12.75
N GLU A 130 -5.00 13.30 13.56
CA GLU A 130 -5.25 13.57 14.96
C GLU A 130 -3.98 14.09 15.67
N ALA A 131 -2.82 13.44 15.42
CA ALA A 131 -1.56 13.94 15.98
C ALA A 131 -1.27 15.37 15.57
N ALA A 132 -1.48 15.71 14.29
CA ALA A 132 -1.21 17.08 13.86
C ALA A 132 -2.21 18.04 14.49
N THR A 133 -3.47 17.62 14.61
CA THR A 133 -4.45 18.37 15.39
C THR A 133 -3.92 18.72 16.78
N PHE A 134 -3.43 17.70 17.49
CA PHE A 134 -2.86 17.90 18.82
C PHE A 134 -1.73 18.93 18.81
N THR A 135 -0.66 18.67 18.03
CA THR A 135 0.48 19.59 18.05
C THR A 135 0.09 21.00 17.62
N ASN A 136 -0.89 21.12 16.71
CA ASN A 136 -1.45 22.44 16.41
C ASN A 136 -2.12 23.05 17.64
N ALA A 137 -2.92 22.25 18.36
CA ALA A 137 -3.56 22.76 19.56
C ALA A 137 -2.52 23.27 20.55
N VAL A 138 -1.43 22.51 20.70
CA VAL A 138 -0.40 22.91 21.64
C VAL A 138 0.27 24.19 21.18
N GLN A 139 0.53 24.33 19.88
CA GLN A 139 1.06 25.58 19.38
C GLN A 139 0.09 26.72 19.60
N GLU A 140 -1.22 26.46 19.47
CA GLU A 140 -2.21 27.51 19.71
C GLU A 140 -2.15 27.98 21.16
N MET A 141 -2.02 27.06 22.10
CA MET A 141 -1.88 27.46 23.49
C MET A 141 -0.53 28.11 23.75
N SER A 142 0.53 27.64 23.07
CA SER A 142 1.82 28.29 23.14
C SER A 142 1.76 29.72 22.62
N GLU A 143 1.07 29.93 21.50
CA GLU A 143 0.94 31.27 20.95
C GLU A 143 0.11 32.17 21.87
N ALA A 144 -0.71 31.58 22.74
CA ALA A 144 -1.53 32.35 23.65
C ALA A 144 -0.73 32.97 24.80
N THR A 145 0.56 32.65 24.93
CA THR A 145 1.38 33.23 25.97
C THR A 145 1.62 34.72 25.70
N ARG A 146 2.32 35.34 26.65
CA ARG A 146 2.56 36.78 26.58
C ARG A 146 3.36 37.12 25.34
N LEU A 147 4.43 36.38 25.10
CA LEU A 147 5.30 36.67 23.98
C LEU A 147 5.06 35.74 22.80
N GLY A 148 4.11 34.81 22.93
CA GLY A 148 3.76 33.92 21.83
C GLY A 148 4.94 33.15 21.27
N ILE A 149 5.84 32.69 22.15
CA ILE A 149 6.95 31.84 21.71
C ILE A 149 6.39 30.46 21.36
N PRO A 150 6.68 29.94 20.16
CA PRO A 150 6.15 28.63 19.79
C PRO A 150 6.87 27.51 20.54
N SER A 151 6.31 26.30 20.41
CA SER A 151 6.86 25.08 20.99
C SER A 151 7.52 24.18 19.95
N LEU A 152 8.38 23.30 20.45
CA LEU A 152 8.97 22.22 19.69
C LEU A 152 8.71 20.88 20.37
N PHE A 153 8.25 19.90 19.60
CA PHE A 153 8.08 18.53 20.06
C PHE A 153 9.27 17.68 19.65
N LYS A 154 9.69 16.80 20.53
CA LYS A 154 10.68 15.81 20.17
C LYS A 154 10.11 14.44 20.45
N SER A 155 10.78 13.41 19.91
CA SER A 155 10.28 12.06 20.01
C SER A 155 11.43 11.08 19.80
N ASN A 156 11.29 9.91 20.40
CA ASN A 156 12.14 8.81 20.03
C ASN A 156 11.74 8.30 18.64
N ALA A 157 12.54 7.40 18.08
CA ALA A 157 12.38 7.02 16.68
C ALA A 157 11.03 6.36 16.48
N ARG A 158 10.53 6.37 15.23
CA ARG A 158 9.19 5.85 14.92
C ARG A 158 9.08 5.03 13.63
N ASN A 159 10.11 4.97 12.79
CA ASN A 159 10.06 4.37 11.47
C ASN A 159 10.71 2.99 11.41
N HIS A 160 10.85 2.31 12.54
CA HIS A 160 11.51 1.03 12.55
C HIS A 160 10.56 -0.06 12.98
N ILE A 161 10.63 -1.19 12.25
CA ILE A 161 9.95 -2.40 12.64
C ILE A 161 10.47 -2.90 13.98
N ASP A 162 9.56 -3.35 14.84
CA ASP A 162 9.87 -4.07 16.06
C ASP A 162 9.67 -5.56 15.82
N PRO A 163 10.74 -6.37 15.80
CA PRO A 163 10.55 -7.84 15.82
C PRO A 163 10.21 -8.39 17.20
N ALA A 173 6.37 0.14 12.14
CA ALA A 173 5.23 0.00 13.04
C ALA A 173 4.37 1.28 13.03
N GLY A 174 3.11 1.15 13.45
CA GLY A 174 2.16 2.26 13.39
C GLY A 174 1.67 2.56 11.99
N ALA A 175 1.49 3.85 11.67
CA ALA A 175 1.29 4.30 10.30
C ALA A 175 2.53 4.98 9.73
N PHE A 176 3.55 5.21 10.54
CA PHE A 176 4.82 5.67 9.99
C PHE A 176 5.45 4.55 9.16
N SER A 177 6.02 4.94 8.01
CA SER A 177 6.58 3.96 7.08
C SER A 177 7.70 3.13 7.74
N ALA A 178 7.54 1.81 7.65
CA ALA A 178 8.37 0.86 8.36
C ALA A 178 9.64 0.51 7.58
N PHE A 179 10.78 0.80 8.18
CA PHE A 179 12.10 0.39 7.76
C PHE A 179 12.64 -0.61 8.74
N PRO A 180 13.75 -1.29 8.42
CA PRO A 180 14.40 -2.13 9.43
C PRO A 180 14.97 -1.25 10.53
N LYS A 181 15.45 -1.89 11.60
CA LYS A 181 16.14 -1.21 12.69
C LYS A 181 17.42 -0.52 12.20
N GLU A 182 17.94 0.41 13.01
CA GLU A 182 19.14 1.16 12.67
C GLU A 182 20.28 0.31 12.13
N ALA A 183 20.62 -0.76 12.84
CA ALA A 183 21.67 -1.63 12.37
C ALA A 183 21.31 -2.23 11.02
N GLY A 184 20.00 -2.41 10.76
CA GLY A 184 19.56 -2.90 9.46
C GLY A 184 19.76 -1.90 8.34
N ILE A 185 19.62 -0.62 8.64
CA ILE A 185 19.90 0.41 7.65
C ILE A 185 21.39 0.43 7.31
N ALA A 186 22.26 0.32 8.32
CA ALA A 186 23.70 0.21 8.05
C ALA A 186 24.01 -1.04 7.25
N ALA A 187 23.42 -2.16 7.64
CA ALA A 187 23.58 -3.37 6.84
C ALA A 187 23.21 -3.11 5.38
N ALA A 188 22.13 -2.36 5.13
CA ALA A 188 21.78 -2.12 3.74
C ALA A 188 22.81 -1.21 3.08
N ALA A 189 23.29 -0.21 3.81
CA ALA A 189 24.24 0.73 3.23
C ALA A 189 25.58 0.08 2.95
N LEU A 190 26.06 -0.80 3.85
CA LEU A 190 27.28 -1.54 3.56
C LEU A 190 27.12 -2.42 2.32
N GLY A 191 25.98 -3.14 2.22
CA GLY A 191 25.78 -4.04 1.11
C GLY A 191 25.67 -3.33 -0.22
N GLU A 192 25.14 -2.11 -0.22
CA GLU A 192 24.99 -1.38 -1.47
C GLU A 192 26.34 -0.84 -1.93
N GLN A 193 27.20 -0.45 -0.98
CA GLN A 193 28.58 -0.13 -1.31
C GLN A 193 29.29 -1.35 -1.89
N ALA A 194 29.24 -2.47 -1.15
CA ALA A 194 29.85 -3.70 -1.63
C ALA A 194 29.36 -4.08 -3.02
N ARG A 195 28.04 -4.06 -3.22
CA ARG A 195 27.46 -4.39 -4.51
C ARG A 195 28.11 -3.59 -5.64
N ARG A 196 28.25 -2.30 -5.45
CA ARG A 196 28.68 -1.43 -6.53
C ARG A 196 30.18 -1.15 -6.57
N THR A 197 30.94 -1.40 -5.49
CA THR A 197 32.39 -1.17 -5.48
C THR A 197 33.20 -2.42 -5.22
N GLY A 198 32.77 -3.27 -4.29
CA GLY A 198 33.42 -4.52 -3.99
C GLY A 198 33.74 -4.74 -2.54
N GLU A 199 33.96 -3.68 -1.76
CA GLU A 199 34.20 -3.89 -0.34
C GLU A 199 33.26 -3.01 0.49
N ALA A 200 33.10 -3.41 1.75
CA ALA A 200 32.19 -2.80 2.71
C ALA A 200 32.99 -2.05 3.76
N THR A 201 33.18 -0.74 3.55
CA THR A 201 33.93 0.06 4.50
C THR A 201 33.04 1.08 5.18
N THR A 202 32.77 2.20 4.49
CA THR A 202 32.01 3.31 5.04
C THR A 202 30.55 3.35 4.57
N GLY A 203 30.16 2.47 3.66
CA GLY A 203 28.79 2.38 3.22
C GLY A 203 28.42 3.39 2.15
N ASP A 204 27.24 3.15 1.56
CA ASP A 204 26.64 4.01 0.55
C ASP A 204 25.50 4.79 1.20
N MET A 205 25.72 6.08 1.42
CA MET A 205 24.75 6.92 2.11
C MET A 205 23.55 7.28 1.26
N SER A 206 23.50 6.88 -0.02
CA SER A 206 22.28 7.09 -0.77
C SER A 206 21.12 6.38 -0.07
N VAL A 207 21.39 5.18 0.44
CA VAL A 207 20.40 4.44 1.23
C VAL A 207 19.95 5.27 2.41
N VAL A 208 20.91 5.68 3.26
CA VAL A 208 20.61 6.41 4.47
C VAL A 208 19.82 7.66 4.14
N ALA A 209 20.19 8.32 3.04
CA ALA A 209 19.51 9.56 2.68
C ALA A 209 18.07 9.28 2.31
N ASP A 210 17.83 8.15 1.63
CA ASP A 210 16.48 7.80 1.21
C ASP A 210 15.57 7.56 2.40
N PHE A 211 16.04 6.76 3.37
CA PHE A 211 15.27 6.58 4.60
C PHE A 211 15.00 7.92 5.28
N ALA A 212 16.06 8.68 5.56
CA ALA A 212 15.90 9.91 6.31
C ALA A 212 14.96 10.87 5.59
N ASP A 213 14.89 10.79 4.26
CA ASP A 213 14.02 11.68 3.52
C ASP A 213 12.55 11.31 3.74
N VAL A 214 12.24 10.02 3.70
CA VAL A 214 10.89 9.55 4.05
C VAL A 214 10.57 9.95 5.48
N MET A 215 11.51 9.72 6.39
CA MET A 215 11.29 10.07 7.79
C MET A 215 10.96 11.55 7.95
N GLY A 216 11.74 12.41 7.32
CA GLY A 216 11.57 13.83 7.46
C GLY A 216 10.19 14.33 7.11
N GLU A 217 9.74 14.02 5.89
CA GLU A 217 8.44 14.50 5.45
C GLU A 217 7.32 13.98 6.36
N GLU A 218 7.44 12.74 6.83
CA GLU A 218 6.38 12.17 7.67
C GLU A 218 6.35 12.86 9.02
N TRP A 219 7.53 13.01 9.65
CA TRP A 219 7.63 13.68 10.94
C TRP A 219 7.17 15.14 10.86
N ALA A 220 7.69 15.88 9.87
CA ALA A 220 7.32 17.30 9.76
C ALA A 220 5.83 17.49 9.48
N SER A 221 5.21 16.53 8.78
CA SER A 221 3.83 16.69 8.34
C SER A 221 2.86 16.69 9.50
N ILE A 222 3.26 16.12 10.62
CA ILE A 222 2.41 16.10 11.81
C ILE A 222 2.88 17.13 12.84
N GLY A 223 3.82 18.01 12.46
CA GLY A 223 4.28 19.03 13.37
C GLY A 223 5.27 18.56 14.43
N LEU A 224 6.03 17.52 14.15
CA LEU A 224 7.05 16.94 15.03
C LEU A 224 8.42 17.29 14.46
N ARG A 225 8.99 18.41 14.91
CA ARG A 225 10.20 18.96 14.31
C ARG A 225 11.49 18.63 15.09
N GLY A 226 11.41 17.81 16.13
CA GLY A 226 12.60 17.46 16.89
C GLY A 226 12.71 15.98 17.13
N MET A 227 13.93 15.52 17.37
CA MET A 227 14.14 14.11 17.66
C MET A 227 15.12 13.91 18.81
N TYR A 228 14.68 13.17 19.82
CA TYR A 228 15.59 12.59 20.81
C TYR A 228 16.33 11.46 20.08
N GLY A 229 17.39 11.85 19.38
CA GLY A 229 18.10 10.94 18.51
C GLY A 229 18.54 11.65 17.23
N TYR A 230 19.17 10.93 16.29
CA TYR A 230 19.39 9.49 16.39
C TYR A 230 20.54 9.15 17.34
N MET A 231 20.75 7.87 17.63
CA MET A 231 21.87 7.42 18.46
C MET A 231 23.15 7.36 17.63
N ALA A 232 24.22 7.98 18.11
CA ALA A 232 25.54 7.96 17.43
C ALA A 232 26.42 6.95 18.14
N ASP A 233 25.85 6.27 19.10
CA ASP A 233 26.59 5.28 19.90
C ASP A 233 27.05 4.09 19.05
N LEU A 234 28.17 3.50 19.45
CA LEU A 234 28.76 2.37 18.72
C LEU A 234 28.47 1.06 19.45
N SER A 235 28.32 -0.02 18.70
CA SER A 235 28.03 -1.36 19.26
C SER A 235 29.32 -2.08 19.66
N THR A 236 30.25 -1.39 20.32
CA THR A 236 31.59 -1.95 20.67
C THR A 236 31.50 -2.93 21.84
N GLU A 237 30.39 -2.94 22.57
CA GLU A 237 30.18 -3.88 23.70
C GLU A 237 28.91 -4.68 23.44
N PRO A 238 29.05 -5.92 22.93
CA PRO A 238 27.90 -6.73 22.57
C PRO A 238 26.93 -6.95 23.71
N ARG A 239 27.41 -6.79 24.93
CA ARG A 239 26.58 -7.08 26.11
C ARG A 239 25.69 -5.88 26.45
N TRP A 240 25.92 -4.75 25.81
CA TRP A 240 25.07 -3.58 26.04
C TRP A 240 23.69 -3.82 25.44
N TYR A 241 22.65 -3.82 26.26
CA TYR A 241 21.32 -4.08 25.73
C TYR A 241 20.91 -3.06 24.66
N ARG A 242 21.46 -1.85 24.66
CA ARG A 242 21.01 -0.81 23.71
C ARG A 242 21.56 -1.00 22.29
N THR A 243 22.37 -2.02 22.06
CA THR A 243 22.88 -2.34 20.70
C THR A 243 21.72 -2.43 19.72
N HIS A 244 20.49 -2.56 20.21
CA HIS A 244 19.30 -2.71 19.34
C HIS A 244 18.98 -1.40 18.62
N GLU A 245 19.52 -0.28 19.10
CA GLU A 245 19.26 1.05 18.49
C GLU A 245 20.56 1.64 17.96
N THR A 246 21.58 0.81 17.80
CA THR A 246 22.89 1.26 17.26
C THR A 246 22.97 0.94 15.78
N PHE A 247 23.54 1.84 15.00
CA PHE A 247 23.75 1.61 13.55
C PHE A 247 24.92 0.65 13.31
N THR A 248 26.04 0.85 13.97
CA THR A 248 27.23 -0.02 13.76
C THR A 248 28.20 -0.02 14.93
N GLU A 249 29.22 -0.87 14.85
CA GLU A 249 30.31 -0.90 15.85
C GLU A 249 31.49 -0.13 15.27
N ASP A 250 31.39 0.28 14.02
CA ASP A 250 32.50 0.98 13.34
C ASP A 250 32.27 2.48 13.41
N ALA A 251 33.16 3.17 14.10
CA ALA A 251 33.03 4.62 14.29
C ALA A 251 32.97 5.35 12.94
N TYR A 252 33.75 4.88 11.97
CA TYR A 252 33.86 5.61 10.71
C TYR A 252 32.62 5.41 9.84
N LEU A 253 32.00 4.23 9.92
CA LEU A 253 30.69 4.08 9.32
C LEU A 253 29.67 4.92 10.08
N ALA A 254 29.73 4.86 11.42
CA ALA A 254 28.85 5.69 12.25
C ALA A 254 28.92 7.17 11.87
N ALA A 255 30.12 7.67 11.59
CA ALA A 255 30.29 9.09 11.26
C ALA A 255 29.63 9.43 9.94
N GLU A 256 29.65 8.51 8.96
CA GLU A 256 29.03 8.85 7.70
C GLU A 256 27.51 8.80 7.79
N ILE A 257 26.98 7.87 8.58
CA ILE A 257 25.53 7.84 8.74
C ILE A 257 25.05 9.08 9.48
N MET A 258 25.79 9.49 10.53
CA MET A 258 25.38 10.65 11.30
C MET A 258 25.39 11.90 10.43
N GLU A 259 26.50 12.11 9.69
CA GLU A 259 26.58 13.22 8.75
C GLU A 259 25.39 13.22 7.81
N THR A 260 25.08 12.06 7.22
CA THR A 260 23.99 11.97 6.25
C THR A 260 22.66 12.24 6.91
N LEU A 261 22.41 11.59 8.05
CA LEU A 261 21.15 11.89 8.75
C LEU A 261 21.01 13.40 8.96
N VAL A 262 22.05 14.06 9.50
CA VAL A 262 21.93 15.49 9.78
C VAL A 262 21.69 16.25 8.50
N GLN A 263 22.45 15.92 7.45
CA GLN A 263 22.28 16.60 6.16
C GLN A 263 20.86 16.45 5.63
N THR A 264 20.30 15.23 5.65
CA THR A 264 18.97 15.04 5.07
C THR A 264 17.87 15.58 5.98
N LEU A 265 17.93 15.28 7.27
CA LEU A 265 16.84 15.67 8.15
C LEU A 265 16.88 17.16 8.46
N GLN A 266 18.07 17.71 8.70
CA GLN A 266 18.18 19.12 9.05
C GLN A 266 18.41 20.05 7.85
N GLY A 267 19.07 19.58 6.81
CA GLY A 267 19.38 20.43 5.68
C GLY A 267 20.88 20.69 5.58
N GLU A 268 21.27 21.27 4.44
CA GLU A 268 22.67 21.56 4.19
C GLU A 268 23.03 23.04 4.30
N GLU A 269 22.06 23.94 4.41
CA GLU A 269 22.37 25.35 4.68
C GLU A 269 22.73 25.51 6.15
N LEU A 270 24.01 25.75 6.45
CA LEU A 270 24.30 26.16 7.80
C LEU A 270 24.11 27.66 7.98
N THR A 271 23.99 28.07 9.23
CA THR A 271 23.88 29.47 9.54
C THR A 271 25.27 30.00 9.83
N ASP A 272 25.37 31.33 9.99
CA ASP A 272 26.63 31.93 10.44
C ASP A 272 27.16 31.20 11.66
N ASN A 273 26.28 30.84 12.59
CA ASN A 273 26.63 30.09 13.80
C ASN A 273 27.00 28.64 13.50
N GLY A 274 26.87 28.19 12.27
CA GLY A 274 27.32 26.86 11.93
C GLY A 274 26.31 25.75 12.15
N LEU A 275 25.03 26.08 12.33
CA LEU A 275 23.99 25.09 12.59
C LEU A 275 23.13 24.90 11.35
N ALA A 276 22.80 23.63 11.06
CA ALA A 276 21.99 23.26 9.89
C ALA A 276 20.54 23.53 10.20
N LEU A 277 20.16 24.81 10.14
CA LEU A 277 18.82 25.23 10.56
C LEU A 277 18.22 26.19 9.54
N SER A 278 17.03 25.84 9.05
CA SER A 278 16.34 26.58 8.02
C SER A 278 14.85 26.32 8.16
N PRO A 279 13.99 27.15 7.58
CA PRO A 279 12.55 26.81 7.61
C PRO A 279 12.24 25.48 6.93
N GLN A 280 13.09 25.01 6.04
CA GLN A 280 12.89 23.67 5.47
C GLN A 280 13.52 22.58 6.31
N THR A 281 14.20 22.92 7.39
CA THR A 281 14.60 21.90 8.34
C THR A 281 13.37 21.11 8.80
N ARG A 282 13.35 19.83 8.48
CA ARG A 282 12.14 19.08 8.75
C ARG A 282 12.14 18.50 10.16
N VAL A 283 13.27 17.98 10.58
CA VAL A 283 13.43 17.49 11.95
C VAL A 283 14.80 17.93 12.42
N ALA A 284 14.84 18.74 13.49
CA ALA A 284 16.10 19.08 14.13
C ALA A 284 16.49 17.92 15.04
N LEU A 285 17.75 17.49 14.96
CA LEU A 285 18.20 16.32 15.69
C LEU A 285 18.81 16.73 17.03
N THR A 286 18.56 15.93 18.05
CA THR A 286 19.36 16.08 19.25
C THR A 286 20.11 14.76 19.40
N LEU A 287 21.31 14.73 18.84
CA LEU A 287 22.11 13.53 18.80
C LEU A 287 22.41 13.06 20.22
N LYS A 288 22.59 11.74 20.37
CA LYS A 288 22.78 11.10 21.67
C LYS A 288 23.58 9.84 21.46
N HIS A 289 24.16 9.29 22.54
CA HIS A 289 24.32 9.94 23.85
C HIS A 289 25.78 10.41 24.05
N PHE A 290 26.00 11.72 23.93
CA PHE A 290 27.35 12.25 23.95
C PHE A 290 28.08 11.87 25.24
N PRO A 291 29.38 11.53 25.17
CA PRO A 291 30.18 11.45 23.94
C PRO A 291 30.24 10.04 23.37
N GLY A 292 29.38 9.15 23.86
CA GLY A 292 29.35 7.78 23.40
C GLY A 292 28.89 6.85 24.50
N GLY A 293 27.64 6.37 24.36
CA GLY A 293 27.08 5.44 25.33
C GLY A 293 27.58 4.02 25.21
N GLY A 294 28.22 3.70 24.09
CA GLY A 294 28.59 2.35 23.74
C GLY A 294 29.43 1.54 24.72
N PRO A 295 30.54 2.12 25.23
CA PRO A 295 31.54 1.25 25.92
C PRO A 295 31.27 1.06 27.41
N GLN A 296 30.26 0.25 27.72
CA GLN A 296 29.75 0.06 29.08
C GLN A 296 30.42 -1.14 29.74
N GLU A 297 30.92 -0.95 30.95
CA GLU A 297 31.60 -2.03 31.64
C GLU A 297 30.68 -3.19 31.77
N LEU A 298 31.11 -4.35 31.30
CA LEU A 298 30.32 -5.57 31.34
C LEU A 298 29.02 -5.41 30.58
N GLY A 299 28.95 -4.41 29.69
CA GLY A 299 27.70 -4.06 29.05
C GLY A 299 26.58 -3.65 30.00
N LEU A 300 26.87 -3.43 31.28
CA LEU A 300 25.82 -2.95 32.17
C LEU A 300 25.56 -1.49 31.86
N ASP A 301 24.25 -1.08 31.86
CA ASP A 301 23.76 0.21 31.37
C ASP A 301 23.58 1.20 32.51
N PRO A 302 23.95 2.47 32.34
CA PRO A 302 23.91 3.44 33.45
C PRO A 302 22.54 4.03 33.77
N HIS A 303 21.44 3.56 33.14
CA HIS A 303 20.12 3.73 33.72
C HIS A 303 20.08 3.20 35.14
N TYR A 304 20.89 2.19 35.39
CA TYR A 304 20.90 1.42 36.61
C TYR A 304 22.12 1.82 37.42
N ALA A 305 22.03 1.71 38.75
CA ALA A 305 23.15 2.10 39.59
C ALA A 305 24.36 1.19 39.38
N PHE A 306 24.15 -0.13 39.27
CA PHE A 306 25.30 -1.01 39.04
C PHE A 306 26.02 -0.71 37.74
N GLY A 307 25.43 0.09 36.87
CA GLY A 307 25.93 0.24 35.52
C GLY A 307 26.54 1.60 35.26
N LYS A 308 26.96 2.30 36.31
CA LYS A 308 27.43 3.66 36.12
C LYS A 308 28.67 3.75 35.24
N ALA A 309 29.46 2.68 35.12
CA ALA A 309 30.81 2.80 34.55
C ALA A 309 30.83 2.71 33.03
N GLN A 310 31.57 3.63 32.41
CA GLN A 310 32.09 3.46 31.05
C GLN A 310 33.60 3.30 31.14
N VAL A 311 34.12 2.21 30.55
CA VAL A 311 35.54 1.88 30.59
C VAL A 311 36.10 1.73 29.18
N TYR A 312 37.37 2.06 29.04
CA TYR A 312 38.01 2.26 27.75
C TYR A 312 39.35 1.52 27.70
N PRO A 313 39.33 0.19 27.80
CA PRO A 313 40.60 -0.56 27.84
C PRO A 313 41.50 -0.36 26.64
N ALA A 314 40.93 -0.12 25.47
CA ALA A 314 41.70 0.14 24.26
C ALA A 314 41.91 1.62 24.00
N GLY A 315 41.59 2.47 24.97
CA GLY A 315 41.75 3.90 24.80
C GLY A 315 41.11 4.44 23.54
N ARG A 316 39.82 4.17 23.35
CA ARG A 316 39.14 4.56 22.13
C ARG A 316 38.15 5.69 22.36
N PHE A 317 38.17 6.32 23.52
CA PHE A 317 37.33 7.47 23.83
C PHE A 317 37.23 8.42 22.65
N GLU A 318 38.33 8.69 21.96
CA GLU A 318 38.24 9.64 20.86
C GLU A 318 37.52 9.02 19.67
N GLU A 319 37.69 7.73 19.43
CA GLU A 319 37.00 7.07 18.33
C GLU A 319 35.49 7.09 18.54
N HIS A 320 35.04 6.96 19.80
CA HIS A 320 33.62 6.89 20.10
C HIS A 320 32.92 8.23 19.90
N PHE A 321 33.61 9.35 19.96
CA PHE A 321 32.91 10.61 19.70
C PHE A 321 33.17 11.15 18.29
N LEU A 322 33.90 10.41 17.46
CA LEU A 322 33.99 10.77 16.05
C LEU A 322 32.62 10.95 15.41
N PRO A 323 31.62 10.08 15.62
CA PRO A 323 30.30 10.34 15.00
C PRO A 323 29.70 11.66 15.43
N PHE A 324 29.95 12.05 16.68
CA PHE A 324 29.43 13.31 17.14
C PHE A 324 30.15 14.46 16.45
N GLN A 325 31.46 14.35 16.25
N GLN A 325 31.48 14.34 16.30
CA GLN A 325 32.18 15.40 15.53
CA GLN A 325 32.26 15.31 15.53
C GLN A 325 31.66 15.53 14.11
C GLN A 325 31.66 15.51 14.14
N ALA A 326 31.45 14.40 13.43
CA ALA A 326 30.84 14.44 12.11
C ALA A 326 29.49 15.16 12.15
N ALA A 327 28.64 14.79 13.11
CA ALA A 327 27.32 15.41 13.20
C ALA A 327 27.41 16.88 13.61
N ILE A 328 28.31 17.21 14.53
CA ILE A 328 28.52 18.60 14.94
C ILE A 328 28.98 19.42 13.75
N ASP A 329 29.95 18.90 13.00
CA ASP A 329 30.48 19.61 11.84
C ASP A 329 29.42 19.79 10.76
N ALA A 330 28.45 18.88 10.69
CA ALA A 330 27.38 19.03 9.73
C ALA A 330 26.30 19.97 10.23
N GLY A 331 26.32 20.31 11.52
CA GLY A 331 25.45 21.32 12.08
C GLY A 331 24.30 20.80 12.90
N VAL A 332 24.53 19.68 13.61
CA VAL A 332 23.47 19.15 14.46
C VAL A 332 22.99 20.22 15.44
N SER A 333 21.69 20.22 15.68
CA SER A 333 21.02 21.27 16.43
C SER A 333 21.32 21.18 17.91
N SER A 334 21.41 19.97 18.43
CA SER A 334 21.38 19.74 19.87
C SER A 334 22.06 18.42 20.18
N ILE A 335 22.40 18.23 21.46
CA ILE A 335 23.20 17.09 21.90
C ILE A 335 22.71 16.64 23.28
N MET A 336 22.56 15.34 23.46
CA MET A 336 22.21 14.74 24.75
C MET A 336 23.40 14.02 25.34
N PRO A 337 23.91 14.43 26.50
CA PRO A 337 24.96 13.64 27.17
C PRO A 337 24.35 12.40 27.82
N TYR A 338 25.18 11.38 28.00
CA TYR A 338 24.67 10.14 28.61
C TYR A 338 24.75 10.18 30.14
N TYR A 339 24.27 9.11 30.77
CA TYR A 339 24.34 9.01 32.21
C TYR A 339 25.66 8.42 32.70
N GLY A 340 26.41 7.76 31.81
CA GLY A 340 27.62 7.05 32.20
C GLY A 340 28.67 7.94 32.85
N VAL A 341 29.57 7.29 33.56
CA VAL A 341 30.72 7.89 34.22
C VAL A 341 32.00 7.45 33.49
N PRO A 342 32.81 8.36 32.94
CA PRO A 342 34.02 7.96 32.20
C PRO A 342 35.20 7.61 33.10
N VAL A 343 35.36 6.33 33.40
CA VAL A 343 36.40 5.90 34.32
C VAL A 343 37.78 6.11 33.70
N ASP A 344 38.62 6.92 34.38
CA ASP A 344 40.06 7.04 34.11
C ASP A 344 40.38 7.43 32.67
N VAL A 345 39.70 8.46 32.18
CA VAL A 345 39.76 8.84 30.78
C VAL A 345 40.57 10.13 30.66
N PRO A 346 41.74 10.09 30.07
CA PRO A 346 42.48 11.33 29.75
C PRO A 346 41.65 12.48 29.20
N VAL A 347 41.71 13.65 29.85
CA VAL A 347 41.10 14.85 29.28
C VAL A 347 41.73 15.16 27.92
N VAL A 348 40.88 15.38 26.92
CA VAL A 348 41.31 15.71 25.56
C VAL A 348 41.74 17.17 25.52
N GLY A 349 42.93 17.41 24.98
CA GLY A 349 43.47 18.75 24.97
C GLY A 349 43.82 19.28 26.33
N GLY A 350 44.23 18.41 27.26
CA GLY A 350 44.57 18.82 28.60
C GLY A 350 45.98 18.36 28.96
N GLU A 351 46.42 18.79 30.13
CA GLU A 351 47.76 18.46 30.59
C GLU A 351 47.91 16.97 30.93
N PRO A 352 49.08 16.39 30.67
CA PRO A 352 49.27 14.95 30.91
C PRO A 352 48.83 14.55 32.31
N GLY A 353 48.20 13.38 32.41
CA GLY A 353 47.79 12.85 33.71
C GLY A 353 46.39 13.26 34.12
N GLU A 354 45.91 14.39 33.61
CA GLU A 354 44.57 14.91 33.89
C GLU A 354 43.49 13.97 33.35
N THR A 355 42.47 13.67 34.17
CA THR A 355 41.34 12.87 33.71
C THR A 355 40.00 13.56 33.99
N TYR A 356 39.01 13.21 33.18
CA TYR A 356 37.65 13.72 33.35
C TYR A 356 37.09 13.29 34.71
N PRO A 357 36.24 14.12 35.33
CA PRO A 357 35.66 13.77 36.63
C PRO A 357 34.89 12.47 36.59
N HIS A 358 34.95 11.72 37.68
CA HIS A 358 34.16 10.49 37.80
C HIS A 358 32.73 10.83 38.20
N THR A 359 32.08 11.55 37.30
CA THR A 359 30.66 11.81 37.38
C THR A 359 30.03 11.57 36.01
N GLY A 360 28.73 11.33 36.04
CA GLY A 360 27.89 11.36 34.86
C GLY A 360 28.20 12.52 33.94
N PHE A 361 28.30 12.22 32.64
CA PHE A 361 28.68 13.21 31.63
C PHE A 361 27.87 14.48 31.74
N ALA A 362 26.56 14.35 32.02
CA ALA A 362 25.67 15.50 32.06
C ALA A 362 26.08 16.54 33.11
N PHE A 363 26.82 16.13 34.14
CA PHE A 363 27.19 16.98 35.27
C PHE A 363 28.63 17.44 35.22
N SER A 364 29.43 16.98 34.27
CA SER A 364 30.86 17.32 34.20
C SER A 364 31.01 18.47 33.22
N ASP A 365 31.36 19.63 33.77
CA ASP A 365 31.60 20.81 32.96
C ASP A 365 32.71 20.58 31.95
N SER A 366 33.77 19.84 32.34
CA SER A 366 34.83 19.51 31.38
C SER A 366 34.31 18.74 30.17
N ILE A 367 33.18 18.05 30.27
CA ILE A 367 32.66 17.26 29.15
C ILE A 367 31.67 18.09 28.31
N VAL A 368 30.71 18.76 28.96
CA VAL A 368 29.68 19.47 28.19
C VAL A 368 30.18 20.85 27.74
N ASN A 369 31.07 21.50 28.52
CA ASN A 369 31.72 22.74 28.06
C ASN A 369 33.14 22.53 27.56
N GLY A 370 33.93 21.73 28.27
CA GLY A 370 35.28 21.42 27.82
C GLY A 370 35.35 20.70 26.48
N LEU A 371 34.88 19.44 26.45
CA LEU A 371 35.04 18.61 25.26
C LEU A 371 34.12 19.05 24.14
N LEU A 372 32.80 19.02 24.41
CA LEU A 372 31.78 19.28 23.41
C LEU A 372 32.00 20.61 22.72
N ARG A 373 32.13 21.69 23.50
CA ARG A 373 32.11 23.02 22.94
C ARG A 373 33.53 23.52 22.61
N ASP A 374 34.46 23.40 23.55
CA ASP A 374 35.79 24.00 23.33
C ASP A 374 36.70 23.09 22.53
N GLN A 375 36.64 21.78 22.76
CA GLN A 375 37.43 20.89 21.93
C GLN A 375 36.73 20.58 20.61
N LEU A 376 35.40 20.36 20.60
CA LEU A 376 34.73 19.88 19.39
C LEU A 376 33.98 20.97 18.64
N GLY A 377 33.81 22.15 19.23
CA GLY A 377 33.30 23.30 18.50
C GLY A 377 31.80 23.40 18.41
N PHE A 378 31.06 22.61 19.19
CA PHE A 378 29.62 22.64 19.09
C PHE A 378 29.10 23.97 19.58
N THR A 379 28.16 24.54 18.82
CA THR A 379 27.65 25.87 19.09
C THR A 379 26.16 25.88 19.38
N GLY A 380 25.57 24.71 19.63
CA GLY A 380 24.14 24.64 19.84
C GLY A 380 23.77 24.42 21.30
N TYR A 381 22.67 23.74 21.57
CA TYR A 381 22.24 23.55 22.95
C TYR A 381 22.37 22.10 23.40
N VAL A 382 22.35 21.92 24.71
CA VAL A 382 22.54 20.62 25.32
C VAL A 382 21.28 20.24 26.07
N ASN A 383 20.66 19.14 25.63
CA ASN A 383 19.44 18.58 26.19
C ASN A 383 19.85 17.44 27.12
N SER A 384 19.59 17.58 28.42
CA SER A 384 19.95 16.49 29.32
C SER A 384 19.14 15.24 28.99
N ASN A 385 19.70 14.08 29.35
CA ASN A 385 18.90 12.87 29.34
C ASN A 385 17.83 12.95 30.45
N THR A 386 16.89 12.01 30.43
CA THR A 386 15.69 12.10 31.25
C THR A 386 15.84 11.42 32.61
N GLY A 387 15.51 12.16 33.66
CA GLY A 387 15.58 11.61 34.99
C GLY A 387 16.95 11.60 35.64
N ILE A 388 17.82 12.57 35.30
CA ILE A 388 19.11 12.61 35.95
C ILE A 388 19.01 13.21 37.35
N ILE A 389 18.21 14.28 37.49
CA ILE A 389 18.25 15.05 38.73
C ILE A 389 17.76 14.24 39.91
N ASN A 390 16.80 13.37 39.71
CA ASN A 390 16.26 12.66 40.85
C ASN A 390 16.74 11.23 40.97
N ASP A 391 16.88 10.51 39.86
CA ASP A 391 17.20 9.11 39.99
C ASP A 391 18.61 8.74 39.54
N ARG A 392 19.27 9.57 38.74
CA ARG A 392 20.57 9.13 38.15
C ARG A 392 21.66 10.20 38.10
N ALA A 393 21.81 11.02 39.16
CA ALA A 393 22.96 11.92 39.19
C ALA A 393 24.16 11.17 39.75
N TRP A 394 24.78 10.37 38.87
CA TRP A 394 25.96 9.59 39.26
C TRP A 394 27.14 10.48 39.63
N GLY A 395 27.79 10.19 40.75
CA GLY A 395 28.82 11.05 41.29
C GLY A 395 28.30 12.16 42.16
N LEU A 396 26.98 12.35 42.20
CA LEU A 396 26.31 13.35 43.03
C LEU A 396 25.25 12.65 43.86
N GLU A 397 25.53 11.41 44.27
CA GLU A 397 24.57 10.64 45.05
C GLU A 397 24.24 11.33 46.35
N GLY A 398 25.22 11.99 46.95
CA GLY A 398 25.00 12.71 48.20
C GLY A 398 24.32 14.04 48.05
N ASN A 399 24.50 14.71 46.92
CA ASN A 399 24.00 16.07 46.75
C ASN A 399 22.47 16.09 46.77
N THR A 400 21.92 17.28 47.02
CA THR A 400 20.49 17.54 46.95
C THR A 400 20.09 17.76 45.50
N VAL A 401 18.77 17.84 45.28
CA VAL A 401 18.23 18.06 43.95
C VAL A 401 18.61 19.43 43.41
N PRO A 402 18.42 20.53 44.16
CA PRO A 402 18.90 21.83 43.64
C PRO A 402 20.38 21.81 43.36
N GLU A 403 21.15 21.10 44.19
CA GLU A 403 22.57 20.99 43.92
C GLU A 403 22.81 20.27 42.60
N ARG A 404 22.04 19.21 42.33
CA ARG A 404 22.18 18.44 41.09
C ARG A 404 21.75 19.25 39.87
N VAL A 405 20.66 19.99 39.98
CA VAL A 405 20.22 20.86 38.89
C VAL A 405 21.29 21.88 38.56
N ALA A 406 21.85 22.53 39.59
CA ALA A 406 22.87 23.54 39.36
C ALA A 406 24.14 22.94 38.75
N ALA A 407 24.51 21.74 39.19
CA ALA A 407 25.67 21.07 38.59
C ALA A 407 25.51 20.90 37.09
N ALA A 408 24.32 20.47 36.64
CA ALA A 408 24.11 20.23 35.22
C ALA A 408 24.08 21.54 34.45
N ILE A 409 23.36 22.53 34.97
CA ILE A 409 23.22 23.79 34.23
C ILE A 409 24.58 24.47 34.13
N ASN A 410 25.30 24.56 35.26
CA ASN A 410 26.63 25.15 35.20
C ASN A 410 27.62 24.24 34.50
N GLY A 411 27.36 22.93 34.49
CA GLY A 411 28.11 22.03 33.63
C GLY A 411 27.97 22.32 32.14
N GLY A 412 26.89 22.98 31.72
CA GLY A 412 26.70 23.33 30.31
C GLY A 412 25.43 22.79 29.71
N THR A 413 24.74 21.90 30.42
CA THR A 413 23.41 21.48 30.04
C THR A 413 22.49 22.69 30.08
N ASP A 414 21.70 22.87 29.03
CA ASP A 414 20.84 24.04 28.89
C ASP A 414 19.38 23.73 29.18
N THR A 415 18.96 22.47 29.10
CA THR A 415 17.56 22.13 29.34
C THR A 415 17.43 20.72 29.88
N LEU A 416 16.46 20.51 30.76
CA LEU A 416 16.36 19.31 31.57
C LEU A 416 15.14 18.47 31.17
N SER A 417 15.39 17.20 30.81
CA SER A 417 14.32 16.36 30.35
C SER A 417 13.75 15.60 31.55
N GLY A 418 12.42 15.58 31.65
CA GLY A 418 11.80 15.00 32.83
C GLY A 418 11.93 15.81 34.10
N PHE A 419 12.17 17.12 34.00
CA PHE A 419 12.14 18.01 35.15
C PHE A 419 11.10 19.10 34.91
N SER A 420 10.21 19.29 35.90
CA SER A 420 9.00 20.07 35.66
C SER A 420 8.66 21.06 36.78
N ASP A 421 9.65 21.48 37.57
CA ASP A 421 9.42 22.47 38.62
C ASP A 421 10.32 23.66 38.32
N VAL A 422 9.77 24.61 37.57
CA VAL A 422 10.53 25.79 37.17
C VAL A 422 11.01 26.55 38.41
N SER A 423 10.19 26.56 39.46
CA SER A 423 10.52 27.26 40.70
C SER A 423 11.89 26.88 41.23
N VAL A 424 12.28 25.61 41.09
CA VAL A 424 13.59 25.20 41.59
C VAL A 424 14.68 25.92 40.81
N ILE A 425 14.51 26.05 39.49
CA ILE A 425 15.48 26.83 38.74
C ILE A 425 15.50 28.26 39.23
N THR A 426 14.32 28.88 39.33
CA THR A 426 14.27 30.26 39.82
C THR A 426 14.82 30.36 41.24
N ASP A 427 14.48 29.40 42.12
CA ASP A 427 15.00 29.44 43.48
C ASP A 427 16.53 29.47 43.47
N LEU A 428 17.16 28.67 42.60
CA LEU A 428 18.62 28.65 42.53
C LEU A 428 19.18 29.99 42.06
N TYR A 429 18.49 30.65 41.11
CA TYR A 429 18.92 31.99 40.72
C TYR A 429 18.83 32.95 41.90
N GLU A 430 17.70 32.91 42.64
CA GLU A 430 17.50 33.83 43.74
C GLU A 430 18.34 33.46 44.95
N ALA A 431 18.97 32.30 44.95
CA ALA A 431 20.03 32.01 45.90
C ALA A 431 21.41 32.13 45.26
N ASP A 432 21.50 32.72 44.06
CA ASP A 432 22.76 32.92 43.34
C ASP A 432 23.52 31.61 43.15
N LEU A 433 22.77 30.52 42.97
CA LEU A 433 23.37 29.24 42.60
C LEU A 433 23.47 29.08 41.10
N ILE A 434 22.82 29.96 40.33
CA ILE A 434 22.91 30.00 38.88
C ILE A 434 22.87 31.48 38.48
N SER A 435 23.85 31.93 37.70
CA SER A 435 23.90 33.34 37.30
C SER A 435 22.76 33.69 36.33
N GLU A 436 22.42 34.97 36.27
CA GLU A 436 21.47 35.38 35.24
C GLU A 436 22.12 35.36 33.86
N GLU A 437 23.43 35.57 33.76
CA GLU A 437 24.06 35.46 32.46
C GLU A 437 23.90 34.03 31.93
N ARG A 438 23.99 33.04 32.83
CA ARG A 438 23.91 31.65 32.41
C ARG A 438 22.52 31.34 31.86
N ILE A 439 21.46 31.67 32.62
CA ILE A 439 20.09 31.52 32.10
C ILE A 439 19.91 32.28 30.80
N ASP A 440 20.42 33.50 30.71
CA ASP A 440 20.33 34.21 29.44
C ASP A 440 20.99 33.40 28.33
N LEU A 441 22.16 32.83 28.64
CA LEU A 441 22.91 32.04 27.68
C LEU A 441 22.17 30.78 27.28
N ALA A 442 21.44 30.17 28.22
CA ALA A 442 20.56 29.07 27.87
C ALA A 442 19.46 29.57 26.95
N ALA A 443 18.68 30.54 27.43
CA ALA A 443 17.61 31.12 26.62
C ALA A 443 18.07 31.42 25.19
N GLU A 444 19.24 32.04 25.05
CA GLU A 444 19.74 32.30 23.70
C GLU A 444 19.81 31.01 22.87
N ARG A 445 20.49 29.99 23.40
CA ARG A 445 20.73 28.78 22.63
C ARG A 445 19.42 28.06 22.29
N LEU A 446 18.43 28.18 23.16
CA LEU A 446 17.19 27.45 23.02
C LEU A 446 16.27 28.14 22.03
N LEU A 447 16.32 29.47 21.98
CA LEU A 447 15.53 30.21 21.02
C LEU A 447 16.12 30.12 19.62
N GLU A 448 17.45 30.04 19.49
CA GLU A 448 18.05 30.13 18.16
C GLU A 448 17.46 29.15 17.16
N PRO A 449 17.32 27.84 17.45
CA PRO A 449 16.72 26.95 16.44
C PRO A 449 15.30 27.34 16.03
N LEU A 450 14.45 27.74 16.98
CA LEU A 450 13.06 28.07 16.66
C LEU A 450 12.93 29.21 15.66
N PHE A 451 13.75 30.25 15.80
CA PHE A 451 13.77 31.31 14.79
C PHE A 451 14.19 30.75 13.44
N ASP A 452 15.38 30.13 13.41
CA ASP A 452 15.96 29.64 12.16
C ASP A 452 15.05 28.63 11.46
N MET A 453 14.32 27.83 12.23
CA MET A 453 13.43 26.84 11.63
C MET A 453 12.10 27.43 11.20
N GLY A 454 11.96 28.76 11.28
CA GLY A 454 10.77 29.43 10.80
C GLY A 454 9.57 29.31 11.70
N LEU A 455 9.73 28.78 12.91
CA LEU A 455 8.60 28.55 13.80
C LEU A 455 8.03 29.85 14.36
N PHE A 456 8.77 30.96 14.32
CA PHE A 456 8.19 32.23 14.75
C PHE A 456 7.35 32.88 13.66
N GLU A 457 7.41 32.37 12.43
CA GLU A 457 6.54 32.78 11.33
C GLU A 457 5.29 31.92 11.22
N ASN A 458 5.46 30.61 11.17
CA ASN A 458 4.31 29.72 11.13
C ASN A 458 4.68 28.46 11.89
N PRO A 459 4.07 28.23 13.05
CA PRO A 459 4.25 26.98 13.79
C PRO A 459 3.22 25.89 13.53
N TYR A 460 2.30 26.09 12.58
CA TYR A 460 1.19 25.18 12.41
C TYR A 460 1.37 24.27 11.20
N VAL A 461 0.58 23.21 11.16
CA VAL A 461 0.58 22.30 10.03
C VAL A 461 -0.85 21.95 9.68
N ASP A 462 -1.04 21.51 8.43
CA ASP A 462 -2.32 21.02 7.90
C ASP A 462 -2.60 19.56 8.25
N PRO A 463 -3.60 19.28 9.09
CA PRO A 463 -3.87 17.88 9.44
C PRO A 463 -4.34 17.02 8.27
N ASP A 464 -5.13 17.55 7.31
CA ASP A 464 -5.41 16.78 6.10
C ASP A 464 -4.12 16.24 5.48
N VAL A 465 -3.07 17.06 5.39
CA VAL A 465 -1.86 16.69 4.66
C VAL A 465 -1.04 15.61 5.38
N ALA A 466 -1.14 15.50 6.69
CA ALA A 466 -0.49 14.39 7.36
C ALA A 466 -1.09 13.07 6.91
N THR A 467 -2.42 13.03 6.84
CA THR A 467 -3.13 11.89 6.25
C THR A 467 -2.60 11.43 4.89
N ALA A 468 -2.33 12.35 3.95
CA ALA A 468 -1.76 11.93 2.66
C ALA A 468 -0.26 11.61 2.72
N THR A 469 0.41 11.90 3.84
CA THR A 469 1.86 11.80 3.94
C THR A 469 2.32 10.61 4.78
N VAL A 470 1.76 10.39 5.97
CA VAL A 470 2.31 9.35 6.85
C VAL A 470 1.93 7.98 6.30
N GLY A 471 2.90 7.26 5.78
CA GLY A 471 2.65 5.93 5.28
C GLY A 471 2.16 5.90 3.86
N ALA A 472 2.34 6.99 3.11
CA ALA A 472 2.07 7.01 1.69
C ALA A 472 2.70 5.79 1.02
N ASP A 473 2.07 5.31 -0.06
CA ASP A 473 2.53 4.10 -0.73
C ASP A 473 3.98 4.17 -1.16
N ASP A 474 4.37 5.27 -1.81
CA ASP A 474 5.76 5.42 -2.25
C ASP A 474 6.73 5.37 -1.06
N HIS A 475 6.36 5.99 0.08
CA HIS A 475 7.23 5.94 1.25
C HIS A 475 7.39 4.51 1.75
N ARG A 476 6.28 3.75 1.84
CA ARG A 476 6.42 2.36 2.27
C ARG A 476 7.19 1.53 1.27
N ALA A 477 7.21 1.96 0.01
CA ALA A 477 8.02 1.28 -0.98
C ALA A 477 9.50 1.40 -0.61
N VAL A 478 9.95 2.59 -0.21
CA VAL A 478 11.34 2.79 0.21
C VAL A 478 11.66 1.90 1.40
N GLY A 479 10.74 1.84 2.36
CA GLY A 479 10.95 0.97 3.49
C GLY A 479 11.10 -0.48 3.07
N LEU A 480 10.21 -0.95 2.18
CA LEU A 480 10.33 -2.35 1.79
C LEU A 480 11.61 -2.60 1.02
N ASP A 481 12.04 -1.62 0.23
CA ASP A 481 13.31 -1.73 -0.48
C ASP A 481 14.45 -1.85 0.53
N LEU A 482 14.43 -1.05 1.60
CA LEU A 482 15.52 -1.13 2.56
C LEU A 482 15.42 -2.39 3.38
N GLN A 483 14.20 -2.86 3.64
CA GLN A 483 14.04 -4.13 4.33
C GLN A 483 14.77 -5.24 3.59
N ARG A 484 14.58 -5.32 2.29
CA ARG A 484 15.17 -6.43 1.56
C ARG A 484 16.68 -6.30 1.46
N LYS A 485 17.20 -5.06 1.49
CA LYS A 485 18.64 -4.85 1.42
C LYS A 485 19.30 -4.92 2.78
N SER A 486 18.51 -4.92 3.85
CA SER A 486 19.05 -5.06 5.19
C SER A 486 19.35 -6.50 5.51
N LEU A 487 18.70 -7.44 4.83
CA LEU A 487 18.87 -8.85 5.17
C LEU A 487 20.29 -9.30 4.87
N VAL A 488 20.93 -9.97 5.83
CA VAL A 488 22.31 -10.45 5.67
C VAL A 488 22.28 -11.96 5.63
N LEU A 489 22.88 -12.54 4.59
CA LEU A 489 22.94 -14.00 4.41
C LEU A 489 24.30 -14.44 4.92
N LEU A 490 24.31 -15.23 5.99
CA LEU A 490 25.56 -15.55 6.68
C LEU A 490 26.14 -16.90 6.29
N GLN A 491 25.29 -17.84 5.90
CA GLN A 491 25.70 -19.21 5.59
C GLN A 491 24.72 -19.76 4.56
N ASN A 492 25.23 -20.56 3.62
CA ASN A 492 24.39 -21.06 2.54
C ASN A 492 24.99 -22.36 1.99
N GLU A 493 24.70 -23.47 2.68
CA GLU A 493 25.29 -24.75 2.31
C GLU A 493 25.06 -25.05 0.84
N GLU A 494 26.10 -25.57 0.19
CA GLU A 494 25.98 -26.13 -1.16
C GLU A 494 25.68 -27.63 -1.03
N THR A 495 24.42 -28.00 -1.21
CA THR A 495 24.05 -29.41 -1.28
C THR A 495 24.49 -30.04 -2.60
N ASP A 496 24.43 -31.37 -2.64
CA ASP A 496 24.55 -32.10 -3.89
C ASP A 496 23.49 -31.67 -4.91
N GLU A 497 22.37 -31.13 -4.46
CA GLU A 497 21.36 -30.58 -5.36
C GLU A 497 21.54 -29.09 -5.60
N GLY A 498 22.55 -28.46 -4.98
CA GLY A 498 22.85 -27.07 -5.18
C GLY A 498 22.89 -26.33 -3.86
N PRO A 499 22.88 -25.00 -3.89
CA PRO A 499 22.79 -24.25 -2.64
C PRO A 499 21.38 -24.20 -2.08
N VAL A 500 21.31 -24.20 -0.75
CA VAL A 500 20.05 -24.19 -0.02
C VAL A 500 19.16 -23.03 -0.47
N LEU A 501 19.71 -21.85 -0.53
CA LEU A 501 18.95 -20.67 -0.96
C LEU A 501 19.47 -20.18 -2.29
N PRO A 502 18.60 -19.68 -3.17
CA PRO A 502 17.13 -19.49 -2.98
C PRO A 502 16.30 -20.78 -2.95
N LEU A 503 15.11 -20.69 -2.36
CA LEU A 503 14.20 -21.83 -2.33
C LEU A 503 13.77 -22.23 -3.74
N LYS A 504 13.65 -23.53 -3.96
CA LYS A 504 12.97 -24.04 -5.14
C LYS A 504 11.46 -23.77 -5.03
N GLU A 505 10.80 -23.76 -6.19
CA GLU A 505 9.35 -23.56 -6.24
C GLU A 505 8.59 -24.73 -5.64
N GLY A 506 7.61 -24.43 -4.79
CA GLY A 506 6.76 -25.44 -4.21
C GLY A 506 7.47 -26.32 -3.22
N GLY A 507 6.71 -27.04 -2.42
CA GLY A 507 7.27 -27.95 -1.43
C GLY A 507 6.53 -27.79 -0.12
N ASP A 508 6.67 -28.78 0.73
CA ASP A 508 6.16 -28.70 2.08
C ASP A 508 7.15 -27.91 2.96
N VAL A 509 6.67 -26.88 3.62
CA VAL A 509 7.50 -26.00 4.42
C VAL A 509 6.98 -26.00 5.85
N TYR A 510 7.85 -26.28 6.81
CA TYR A 510 7.51 -26.20 8.22
C TYR A 510 7.94 -24.84 8.74
N ILE A 511 7.10 -24.17 9.51
CA ILE A 511 7.46 -22.87 10.03
C ILE A 511 7.39 -22.89 11.55
N LEU A 512 8.36 -22.22 12.16
CA LEU A 512 8.53 -22.08 13.59
C LEU A 512 8.98 -20.65 13.81
N GLY A 513 8.37 -19.98 14.77
CA GLY A 513 8.70 -18.59 15.02
C GLY A 513 7.70 -17.71 14.34
N ASP A 514 7.84 -16.40 14.55
CA ASP A 514 6.83 -15.46 14.04
C ASP A 514 6.91 -15.45 12.51
N PHE A 515 5.96 -16.14 11.89
CA PHE A 515 5.79 -16.26 10.45
C PHE A 515 4.30 -16.25 10.18
N THR A 516 3.81 -15.36 9.31
CA THR A 516 2.41 -15.41 8.92
C THR A 516 2.25 -16.49 7.83
N GLU A 517 1.53 -17.58 8.17
CA GLU A 517 1.43 -18.74 7.29
C GLU A 517 0.94 -18.37 5.89
N GLU A 518 -0.04 -17.47 5.80
CA GLU A 518 -0.60 -17.14 4.49
C GLU A 518 0.43 -16.47 3.60
N THR A 519 1.31 -15.66 4.17
CA THR A 519 2.30 -14.97 3.32
C THR A 519 3.33 -15.94 2.76
N VAL A 520 3.81 -16.87 3.59
CA VAL A 520 4.64 -17.94 3.08
C VAL A 520 3.86 -18.75 2.06
N GLU A 521 2.62 -19.11 2.39
CA GLU A 521 1.82 -19.98 1.53
C GLU A 521 1.61 -19.36 0.15
N SER A 522 1.38 -18.05 0.10
CA SER A 522 1.15 -17.40 -1.19
C SER A 522 2.34 -17.49 -2.14
N TYR A 523 3.54 -17.77 -1.65
CA TYR A 523 4.65 -17.94 -2.57
C TYR A 523 4.65 -19.32 -3.20
N GLY A 524 3.65 -20.15 -2.89
CA GLY A 524 3.48 -21.43 -3.54
C GLY A 524 3.91 -22.63 -2.73
N TYR A 525 3.96 -22.52 -1.40
CA TYR A 525 4.34 -23.63 -0.54
C TYR A 525 3.14 -24.05 0.29
N GLU A 526 3.05 -25.35 0.57
CA GLU A 526 2.05 -25.85 1.50
C GLU A 526 2.71 -25.92 2.87
N VAL A 527 2.13 -25.24 3.86
CA VAL A 527 2.82 -24.88 5.09
C VAL A 527 2.20 -25.59 6.29
N THR A 528 3.04 -26.26 7.06
CA THR A 528 2.70 -26.75 8.39
C THR A 528 3.17 -25.75 9.43
N ASN A 529 2.32 -25.47 10.41
CA ASN A 529 2.65 -24.49 11.44
C ASN A 529 3.09 -25.22 12.71
N GLY A 530 4.36 -25.03 13.09
CA GLY A 530 4.86 -25.53 14.35
C GLY A 530 4.61 -24.62 15.54
N ASN A 531 3.96 -23.49 15.34
CA ASN A 531 3.57 -22.62 16.43
C ASN A 531 2.25 -23.09 17.04
N VAL A 532 2.30 -23.50 18.32
CA VAL A 532 1.13 -24.01 19.02
C VAL A 532 1.07 -23.39 20.41
N ALA A 533 -0.14 -23.42 20.99
CA ALA A 533 -0.36 -23.02 22.37
C ALA A 533 0.46 -23.93 23.31
N GLU A 534 0.53 -23.55 24.58
CA GLU A 534 1.50 -24.23 25.44
C GLU A 534 1.10 -25.67 25.72
N GLY A 535 -0.20 -25.98 25.66
CA GLY A 535 -0.64 -27.33 25.98
C GLY A 535 -0.69 -28.24 24.77
N GLU A 536 -1.19 -27.70 23.66
CA GLU A 536 -1.40 -28.43 22.40
C GLU A 536 -0.15 -29.17 21.94
N GLU A 537 -0.38 -30.19 21.11
CA GLU A 537 0.66 -31.08 20.58
C GLU A 537 1.25 -30.48 19.31
N ARG A 538 2.55 -30.24 19.33
CA ARG A 538 3.21 -29.64 18.17
C ARG A 538 3.34 -30.68 17.05
N PRO A 539 2.98 -30.35 15.82
CA PRO A 539 3.15 -31.30 14.71
C PRO A 539 4.63 -31.56 14.42
N SER A 540 4.94 -32.78 14.01
CA SER A 540 6.34 -33.07 13.73
C SER A 540 6.78 -32.35 12.47
N ALA A 541 8.09 -32.21 12.31
CA ALA A 541 8.65 -31.55 11.14
C ALA A 541 9.17 -32.52 10.11
N ALA A 542 9.09 -33.83 10.39
CA ALA A 542 9.64 -34.81 9.46
C ALA A 542 8.93 -34.74 8.12
N GLY A 543 9.67 -35.05 7.08
CA GLY A 543 9.16 -35.03 5.74
C GLY A 543 9.01 -33.66 5.11
N SER A 544 9.38 -32.59 5.83
CA SER A 544 9.35 -31.28 5.21
C SER A 544 10.48 -31.15 4.19
N ASP A 545 10.22 -30.35 3.15
CA ASP A 545 11.26 -30.01 2.19
C ASP A 545 12.10 -28.84 2.67
N TYR A 546 11.49 -27.95 3.44
CA TYR A 546 12.13 -26.79 4.04
C TYR A 546 11.62 -26.57 5.45
N VAL A 547 12.52 -26.15 6.32
CA VAL A 547 12.16 -25.70 7.66
C VAL A 547 12.59 -24.24 7.74
N LEU A 548 11.63 -23.34 7.87
CA LEU A 548 11.88 -21.92 8.10
C LEU A 548 11.68 -21.65 9.58
N ILE A 549 12.78 -21.31 10.25
CA ILE A 549 12.77 -20.92 11.66
C ILE A 549 13.12 -19.45 11.74
N SER A 550 12.31 -18.68 12.45
CA SER A 550 12.62 -17.30 12.73
C SER A 550 12.76 -17.15 14.23
N MET A 551 13.98 -16.84 14.67
CA MET A 551 14.27 -16.85 16.12
C MET A 551 14.99 -15.60 16.58
N THR A 552 15.04 -15.40 17.90
CA THR A 552 15.72 -14.22 18.49
C THR A 552 15.93 -14.52 19.97
N ALA A 553 16.55 -13.59 20.69
CA ALA A 553 16.73 -13.76 22.14
C ALA A 553 16.17 -12.53 22.84
N LYS A 554 15.52 -12.73 23.98
CA LYS A 554 14.90 -11.60 24.70
C LYS A 554 15.28 -11.65 26.18
N THR A 555 15.31 -10.51 26.84
CA THR A 555 15.56 -10.49 28.29
C THR A 555 14.21 -10.52 29.01
N ASN A 556 14.10 -11.27 30.10
CA ASN A 556 12.87 -11.24 30.93
C ASN A 556 13.32 -11.00 32.37
N ALA A 557 13.68 -9.76 32.70
CA ALA A 557 14.23 -9.47 34.04
C ALA A 557 13.27 -8.60 34.86
N GLY A 558 11.97 -8.68 34.61
CA GLY A 558 11.07 -7.81 35.35
C GLY A 558 11.06 -8.06 36.85
N ASP A 559 11.52 -9.24 37.29
CA ASP A 559 11.54 -9.62 38.70
C ASP A 559 12.73 -9.06 39.48
N TYR A 560 13.78 -8.59 38.79
CA TYR A 560 14.92 -8.04 39.50
C TYR A 560 14.47 -7.05 40.58
N VAL A 561 15.07 -7.15 41.76
CA VAL A 561 14.87 -6.21 42.87
C VAL A 561 16.22 -5.99 43.55
N SER A 562 16.61 -4.72 43.72
CA SER A 562 17.96 -4.43 44.18
C SER A 562 18.17 -4.95 45.60
N ASP A 563 17.19 -4.75 46.48
CA ASP A 563 17.34 -5.08 47.89
C ASP A 563 16.68 -6.40 48.28
N ASP A 564 16.57 -7.34 47.34
CA ASP A 564 16.10 -8.68 47.68
C ASP A 564 17.30 -9.58 47.94
N PRO A 565 17.37 -10.28 49.07
CA PRO A 565 18.53 -11.16 49.31
C PRO A 565 18.55 -12.35 48.38
N SER A 566 17.44 -12.63 47.70
CA SER A 566 17.41 -13.67 46.67
C SER A 566 17.93 -13.20 45.31
N LEU A 567 17.98 -11.88 45.08
CA LEU A 567 18.40 -11.39 43.77
C LEU A 567 19.52 -10.37 43.86
N GLY A 568 19.18 -9.11 44.15
CA GLY A 568 20.20 -8.07 44.11
C GLY A 568 21.28 -8.21 45.16
N LEU A 569 20.91 -8.66 46.36
CA LEU A 569 21.88 -8.87 47.44
C LEU A 569 22.12 -10.35 47.72
N ASN A 570 21.94 -11.21 46.71
CA ASN A 570 22.28 -12.63 46.81
C ASN A 570 23.79 -12.82 46.59
N PRO A 571 24.54 -13.22 47.62
CA PRO A 571 25.97 -13.49 47.41
C PRO A 571 26.23 -14.59 46.39
N ASP A 572 25.25 -15.47 46.13
CA ASP A 572 25.47 -16.55 45.18
C ASP A 572 25.47 -16.05 43.74
N HIS A 573 25.04 -14.81 43.52
CA HIS A 573 25.09 -14.16 42.23
C HIS A 573 26.41 -13.46 41.93
N GLY A 574 27.40 -13.60 42.80
CA GLY A 574 28.67 -12.96 42.56
C GLY A 574 28.65 -11.53 43.05
N THR A 575 29.69 -10.80 42.66
CA THR A 575 29.82 -9.40 43.01
C THR A 575 30.00 -8.56 41.76
N ASN A 576 29.97 -7.26 41.97
CA ASN A 576 30.07 -6.29 40.91
C ASN A 576 31.52 -5.86 40.73
N PRO A 577 32.23 -6.45 39.77
CA PRO A 577 33.66 -6.11 39.61
C PRO A 577 33.89 -4.66 39.24
N SER A 578 32.84 -3.86 39.01
CA SER A 578 33.05 -2.51 38.53
C SER A 578 33.51 -1.62 39.67
N VAL A 579 34.47 -0.75 39.36
CA VAL A 579 35.14 0.08 40.35
C VAL A 579 35.15 1.48 39.80
N ILE A 580 34.47 2.40 40.47
CA ILE A 580 34.52 3.81 40.15
C ILE A 580 34.93 4.53 41.44
N ILE A 581 36.17 4.99 41.51
CA ILE A 581 36.59 5.77 42.67
C ILE A 581 36.08 7.19 42.50
N GLY A 582 35.21 7.61 43.42
CA GLY A 582 34.70 8.97 43.40
C GLY A 582 35.85 9.95 43.57
N ASP A 583 35.53 11.21 43.31
CA ASP A 583 36.57 12.23 43.43
C ASP A 583 36.71 12.74 44.86
N ASP A 584 35.85 12.29 45.78
CA ASP A 584 36.08 12.51 47.21
C ASP A 584 37.13 11.55 47.76
N GLY A 585 37.89 10.90 46.87
CA GLY A 585 38.92 9.90 47.19
C GLY A 585 38.45 8.47 47.45
N GLU A 586 37.17 8.31 47.95
CA GLU A 586 36.19 7.19 47.92
C GLU A 586 35.68 6.51 46.62
N PRO A 587 35.53 5.19 46.74
CA PRO A 587 34.70 4.44 45.78
C PRO A 587 33.21 4.77 45.97
N LEU A 588 32.48 4.82 44.86
CA LEU A 588 31.06 5.05 44.99
C LEU A 588 30.36 3.82 45.56
N PRO A 589 29.23 3.99 46.25
CA PRO A 589 28.65 2.88 47.00
C PRO A 589 28.26 1.76 46.05
N GLY A 590 28.62 0.55 46.42
CA GLY A 590 28.32 -0.59 45.58
C GLY A 590 29.31 -0.80 44.48
N LEU A 591 30.25 0.11 44.27
CA LEU A 591 31.19 0.06 43.15
C LEU A 591 32.62 0.19 43.64
N ASP A 592 32.99 -0.64 44.61
CA ASP A 592 34.37 -0.74 45.04
C ASP A 592 35.07 -1.97 44.47
N GLY A 593 34.31 -2.88 43.86
CA GLY A 593 34.86 -4.07 43.27
C GLY A 593 34.54 -5.33 44.03
N GLN A 594 33.97 -5.23 45.23
N GLN A 594 33.93 -5.25 45.21
CA GLN A 594 33.66 -6.41 46.02
CA GLN A 594 33.62 -6.47 45.94
C GLN A 594 32.31 -6.29 46.70
C GLN A 594 32.26 -6.38 46.62
N SER A 595 31.37 -5.56 46.10
CA SER A 595 30.02 -5.39 46.64
C SER A 595 29.01 -6.26 45.89
N LEU A 596 27.89 -6.48 46.55
CA LEU A 596 26.77 -7.18 45.95
C LEU A 596 26.10 -6.32 44.87
N TRP A 597 25.52 -7.01 43.87
CA TRP A 597 24.99 -6.33 42.69
C TRP A 597 24.00 -5.22 43.05
N GLY A 598 23.10 -5.47 44.00
CA GLY A 598 22.11 -4.47 44.37
C GLY A 598 22.61 -3.32 45.25
N ALA A 599 23.87 -3.36 45.70
CA ALA A 599 24.35 -2.37 46.67
C ALA A 599 24.56 -1.00 46.07
N ALA A 600 24.75 -0.90 44.76
CA ALA A 600 25.00 0.43 44.20
C ALA A 600 23.75 1.27 44.19
N ASP A 601 22.60 0.64 44.33
CA ASP A 601 21.32 1.33 44.26
C ASP A 601 21.08 2.13 45.54
N VAL A 602 20.48 3.32 45.37
CA VAL A 602 20.29 4.21 46.50
C VAL A 602 19.41 3.58 47.57
N CYS A 603 18.56 2.63 47.18
CA CYS A 603 17.72 1.99 48.18
C CYS A 603 18.52 1.13 49.13
N VAL A 604 19.77 0.83 48.80
CA VAL A 604 20.64 0.10 49.71
C VAL A 604 21.48 1.10 50.49
N HIS A 605 22.35 1.84 49.79
CA HIS A 605 23.30 2.69 50.47
C HIS A 605 22.66 3.94 51.07
N LYS A 606 21.50 4.36 50.58
CA LYS A 606 20.69 5.41 51.21
C LYS A 606 21.37 6.77 51.19
N GLU A 607 22.46 6.93 50.44
CA GLU A 607 23.32 8.08 50.61
C GLU A 607 22.66 9.40 50.24
N GLY A 608 21.39 9.32 49.87
CA GLY A 608 20.66 10.54 49.51
C GLY A 608 20.29 11.39 50.72
N HIS A 609 20.05 12.67 50.49
CA HIS A 609 19.63 13.58 51.59
C HIS A 609 18.19 13.20 51.93
N GLU A 610 17.73 12.05 51.43
CA GLU A 610 16.32 11.60 51.67
C GLU A 610 16.24 10.45 52.66
N GLU A 611 15.06 9.84 52.79
CA GLU A 611 14.85 8.81 53.83
C GLU A 611 14.10 7.62 53.25
N ASN A 612 14.51 6.42 53.59
CA ASN A 612 13.87 5.22 53.00
C ASN A 612 13.67 5.46 51.51
N PRO A 613 14.75 5.65 50.73
CA PRO A 613 14.62 5.92 49.32
C PRO A 613 14.17 4.65 48.62
N SER A 614 13.58 4.79 47.43
CA SER A 614 13.10 3.63 46.66
C SER A 614 14.21 3.10 45.75
N CYS A 615 14.05 1.88 45.23
CA CYS A 615 15.02 1.31 44.32
C CYS A 615 14.89 1.86 42.90
N THR A 616 16.00 2.41 42.38
CA THR A 616 16.06 2.82 40.97
C THR A 616 16.04 1.62 40.02
N ASP A 617 16.75 0.55 40.37
CA ASP A 617 16.99 -0.52 39.41
C ASP A 617 15.85 -1.52 39.31
N ASN A 618 14.95 -1.54 40.29
CA ASN A 618 13.88 -2.54 40.33
C ASN A 618 13.20 -2.65 38.97
N ARG A 619 12.90 -3.89 38.58
CA ARG A 619 12.12 -4.26 37.42
C ARG A 619 12.94 -4.20 36.11
N LEU A 620 14.11 -3.58 36.12
CA LEU A 620 14.92 -3.33 34.93
C LEU A 620 14.03 -2.93 33.76
N ARG A 621 13.14 -1.97 34.05
CA ARG A 621 12.09 -1.56 33.12
C ARG A 621 12.64 -1.16 31.76
N PHE A 622 13.86 -0.63 31.69
CA PHE A 622 14.33 -0.11 30.42
C PHE A 622 14.92 -1.19 29.54
N GLY A 623 15.20 -2.36 30.11
CA GLY A 623 15.85 -3.44 29.38
C GLY A 623 17.11 -3.91 30.07
N GLY A 624 17.70 -4.95 29.49
CA GLY A 624 18.92 -5.52 30.01
C GLY A 624 18.64 -6.74 30.86
N ALA A 625 19.61 -7.64 30.92
CA ALA A 625 19.48 -8.84 31.73
C ALA A 625 19.82 -8.53 33.18
N TYR A 626 19.57 -9.51 34.06
CA TYR A 626 20.18 -9.47 35.37
C TYR A 626 21.66 -9.14 35.21
N PRO A 627 22.22 -8.25 36.03
CA PRO A 627 23.60 -7.86 35.80
C PRO A 627 24.55 -9.04 35.82
N TRP A 628 24.26 -10.06 36.61
CA TRP A 628 25.14 -11.22 36.69
C TRP A 628 24.93 -12.19 35.54
N GLU A 629 24.04 -11.85 34.59
CA GLU A 629 23.77 -12.70 33.44
C GLU A 629 24.08 -11.97 32.14
N SER A 630 24.63 -10.75 32.22
CA SER A 630 24.82 -9.88 31.07
C SER A 630 25.84 -10.41 30.06
N SER A 631 26.71 -11.34 30.43
CA SER A 631 27.66 -11.85 29.44
C SER A 631 27.17 -13.10 28.76
N ILE A 632 26.00 -13.60 29.14
CA ILE A 632 25.39 -14.76 28.51
C ILE A 632 24.75 -14.35 27.20
N LEU A 633 25.53 -14.32 26.13
CA LEU A 633 25.00 -14.04 24.82
C LEU A 633 24.95 -15.26 23.92
N ASP A 634 25.36 -16.43 24.39
CA ASP A 634 25.30 -17.63 23.57
C ASP A 634 23.94 -18.28 23.76
N PHE A 635 23.39 -18.83 22.69
CA PHE A 635 22.00 -19.29 22.74
C PHE A 635 21.79 -20.36 23.79
N THR A 636 22.75 -21.29 23.91
CA THR A 636 22.59 -22.36 24.91
C THR A 636 22.54 -21.77 26.32
N GLY A 637 23.39 -20.79 26.60
CA GLY A 637 23.32 -20.14 27.90
C GLY A 637 22.01 -19.40 28.09
N MET A 638 21.63 -18.60 27.08
CA MET A 638 20.38 -17.88 27.12
C MET A 638 19.20 -18.81 27.38
N GLU A 639 19.18 -19.99 26.74
CA GLU A 639 18.15 -20.97 27.08
C GLU A 639 18.11 -21.22 28.57
N ALA A 640 19.26 -21.57 29.17
CA ALA A 640 19.37 -21.96 30.57
C ALA A 640 19.35 -20.79 31.56
N ALA A 641 19.71 -19.59 31.12
CA ALA A 641 19.78 -18.42 32.01
C ALA A 641 18.43 -18.14 32.68
N GLU A 642 18.44 -17.26 33.68
CA GLU A 642 17.19 -16.90 34.41
C GLU A 642 16.55 -15.69 33.74
N SER A 643 17.35 -14.70 33.34
CA SER A 643 16.80 -13.43 32.77
C SER A 643 16.81 -13.46 31.24
N TRP A 644 17.08 -14.62 30.65
CA TRP A 644 17.15 -14.72 29.18
C TRP A 644 16.09 -15.70 28.67
N GLU A 645 15.50 -15.41 27.51
CA GLU A 645 14.52 -16.34 26.90
C GLU A 645 14.79 -16.43 25.40
N VAL A 646 14.99 -17.64 24.88
CA VAL A 646 15.21 -17.83 23.42
C VAL A 646 13.84 -18.09 22.79
N VAL A 647 13.45 -17.28 21.81
CA VAL A 647 12.11 -17.41 21.18
C VAL A 647 12.29 -17.74 19.71
N PRO A 648 11.80 -18.90 19.22
CA PRO A 648 11.19 -19.89 20.08
C PRO A 648 12.22 -20.65 20.95
N SER A 649 11.76 -21.35 22.00
CA SER A 649 12.66 -22.15 22.82
C SER A 649 13.73 -22.81 21.97
N LEU A 650 14.98 -22.76 22.43
CA LEU A 650 16.03 -23.52 21.75
C LEU A 650 15.74 -25.02 21.79
N GLU A 651 15.12 -25.49 22.87
CA GLU A 651 14.71 -26.88 22.97
C GLU A 651 13.73 -27.25 21.86
N THR A 652 12.78 -26.36 21.57
CA THR A 652 11.86 -26.63 20.46
C THR A 652 12.60 -26.64 19.13
N ILE A 653 13.50 -25.68 18.93
CA ILE A 653 14.29 -25.64 17.70
C ILE A 653 15.07 -26.94 17.51
N GLN A 654 15.70 -27.43 18.58
CA GLN A 654 16.57 -28.60 18.48
C GLN A 654 15.76 -29.85 18.15
N GLU A 655 14.62 -30.04 18.80
CA GLU A 655 13.65 -31.06 18.39
C GLU A 655 13.30 -30.93 16.90
N VAL A 656 12.99 -29.71 16.44
CA VAL A 656 12.59 -29.53 15.06
C VAL A 656 13.75 -29.82 14.11
N MET A 657 14.97 -29.42 14.48
CA MET A 657 16.11 -29.66 13.61
C MET A 657 16.47 -31.12 13.55
N ALA A 658 15.97 -31.91 14.49
CA ALA A 658 16.16 -33.35 14.45
C ALA A 658 15.07 -34.04 13.64
N GLU A 659 13.81 -33.65 13.84
CA GLU A 659 12.69 -34.27 13.12
C GLU A 659 12.88 -34.30 11.60
N VAL A 660 13.54 -33.31 11.02
CA VAL A 660 14.03 -33.41 9.64
C VAL A 660 15.41 -34.07 9.71
N GLU A 661 15.56 -35.23 9.09
CA GLU A 661 16.84 -35.84 9.38
C GLU A 661 18.02 -35.19 8.67
N ASP A 662 17.81 -34.36 7.64
CA ASP A 662 18.93 -33.51 7.20
C ASP A 662 18.71 -32.09 7.71
N PRO A 663 19.60 -31.58 8.57
CA PRO A 663 19.49 -30.17 9.00
C PRO A 663 19.86 -29.18 7.92
N SER A 664 20.35 -29.66 6.77
CA SER A 664 20.53 -28.74 5.66
C SER A 664 19.21 -28.21 5.14
N LYS A 665 18.08 -28.79 5.55
CA LYS A 665 16.78 -28.28 5.15
C LYS A 665 16.30 -27.17 6.08
N VAL A 666 17.10 -26.81 7.09
CA VAL A 666 16.72 -25.78 8.05
C VAL A 666 17.29 -24.44 7.62
N ILE A 667 16.48 -23.40 7.80
CA ILE A 667 16.78 -22.04 7.40
C ILE A 667 16.41 -21.16 8.58
N LEU A 668 17.43 -20.57 9.24
CA LEU A 668 17.26 -19.73 10.44
C LEU A 668 17.27 -18.26 10.04
N HIS A 669 16.15 -17.59 10.22
CA HIS A 669 16.13 -16.13 10.23
C HIS A 669 16.37 -15.71 11.67
N VAL A 670 17.57 -15.20 11.98
CA VAL A 670 17.92 -14.74 13.32
C VAL A 670 17.87 -13.22 13.35
N TYR A 671 17.24 -12.68 14.37
CA TYR A 671 17.32 -11.25 14.65
C TYR A 671 18.37 -11.06 15.75
N PHE A 672 19.44 -10.36 15.40
CA PHE A 672 20.53 -10.11 16.38
C PHE A 672 20.23 -8.79 17.12
N ARG A 673 19.29 -8.82 18.06
CA ARG A 673 19.00 -7.63 18.88
C ARG A 673 20.33 -7.21 19.50
N GLN A 674 21.05 -8.17 20.07
CA GLN A 674 22.42 -7.90 20.54
C GLN A 674 23.32 -8.83 19.72
N PRO A 675 24.65 -8.65 19.65
CA PRO A 675 25.49 -9.58 18.90
C PRO A 675 25.47 -10.97 19.56
N TYR A 676 24.36 -11.70 19.39
CA TYR A 676 24.21 -13.03 20.04
C TYR A 676 25.20 -14.03 19.46
N VAL A 677 25.50 -15.07 20.23
CA VAL A 677 26.55 -16.04 19.80
C VAL A 677 25.94 -17.39 19.45
N LEU A 678 26.03 -17.78 18.18
CA LEU A 678 25.61 -19.12 17.74
C LEU A 678 26.64 -20.13 18.20
N ASP A 679 26.46 -20.63 19.43
CA ASP A 679 27.48 -21.51 20.00
C ASP A 679 27.47 -22.85 19.28
N GLU A 680 28.64 -23.46 19.21
CA GLU A 680 28.77 -24.70 18.45
C GLU A 680 27.91 -25.80 19.07
N GLU A 681 27.65 -25.71 20.36
CA GLU A 681 26.86 -26.76 20.99
C GLU A 681 25.38 -26.67 20.67
N SER A 682 24.88 -25.47 20.32
CA SER A 682 23.46 -25.29 20.07
C SER A 682 22.97 -26.11 18.87
N GLY A 683 23.87 -26.44 17.95
CA GLY A 683 23.57 -27.05 16.68
C GLY A 683 23.10 -26.11 15.59
N LEU A 684 22.89 -24.82 15.91
CA LEU A 684 22.32 -23.91 14.93
C LEU A 684 23.25 -23.65 13.77
N ARG A 685 24.55 -23.93 13.91
CA ARG A 685 25.42 -23.75 12.75
C ARG A 685 25.26 -24.88 11.76
N ASP A 686 24.58 -25.97 12.14
CA ASP A 686 24.23 -27.06 11.23
C ASP A 686 23.08 -26.70 10.29
N ALA A 687 22.36 -25.61 10.52
CA ALA A 687 21.30 -25.21 9.60
C ALA A 687 21.86 -24.97 8.20
N GLY A 688 21.08 -25.37 7.19
CA GLY A 688 21.49 -25.20 5.81
C GLY A 688 21.76 -23.76 5.41
N ALA A 689 20.95 -22.80 5.91
CA ALA A 689 21.26 -21.39 5.68
C ALA A 689 20.97 -20.60 6.94
N ILE A 690 21.77 -19.57 7.21
CA ILE A 690 21.53 -18.65 8.31
C ILE A 690 21.48 -17.23 7.76
N LEU A 691 20.48 -16.47 8.22
CA LEU A 691 20.32 -15.07 7.87
C LEU A 691 20.19 -14.24 9.13
N ALA A 692 20.73 -13.03 9.09
CA ALA A 692 20.49 -12.01 10.11
C ALA A 692 19.49 -11.00 9.55
N GLY A 693 18.30 -10.97 10.12
CA GLY A 693 17.31 -9.96 9.78
C GLY A 693 17.30 -8.89 10.85
N PHE A 694 17.05 -7.66 10.44
CA PHE A 694 17.04 -6.51 11.32
C PHE A 694 15.67 -5.84 11.33
N GLY A 695 14.62 -6.67 11.22
CA GLY A 695 13.24 -6.24 11.10
C GLY A 695 12.72 -6.08 9.68
N MET A 696 11.91 -7.03 9.19
CA MET A 696 11.33 -6.93 7.85
C MET A 696 10.02 -7.68 7.81
N THR A 697 9.10 -7.21 6.96
CA THR A 697 7.87 -7.96 6.72
C THR A 697 8.20 -9.31 6.09
N ASP A 698 7.22 -10.21 6.11
CA ASP A 698 7.43 -11.52 5.54
C ASP A 698 7.36 -11.54 4.03
N THR A 699 6.75 -10.53 3.39
CA THR A 699 6.91 -10.50 1.94
C THR A 699 8.33 -10.08 1.58
N ALA A 700 8.91 -9.18 2.37
CA ALA A 700 10.31 -8.83 2.15
C ALA A 700 11.20 -10.03 2.36
N LEU A 701 11.00 -10.75 3.45
CA LEU A 701 11.83 -11.93 3.72
C LEU A 701 11.63 -13.01 2.66
N MET A 702 10.38 -13.26 2.27
CA MET A 702 10.10 -14.30 1.28
C MET A 702 10.54 -13.89 -0.11
N ASP A 703 10.44 -12.59 -0.44
CA ASP A 703 11.00 -12.11 -1.70
C ASP A 703 12.47 -12.50 -1.83
N VAL A 704 13.23 -12.34 -0.75
CA VAL A 704 14.66 -12.66 -0.78
C VAL A 704 14.87 -14.17 -0.74
N LEU A 705 14.11 -14.89 0.11
CA LEU A 705 14.35 -16.32 0.25
C LEU A 705 14.05 -17.03 -1.06
N THR A 706 12.94 -16.70 -1.70
CA THR A 706 12.54 -17.42 -2.91
C THR A 706 13.30 -16.97 -4.14
N GLY A 707 14.10 -15.92 -4.03
CA GLY A 707 14.98 -15.52 -5.11
C GLY A 707 14.51 -14.36 -5.94
N ALA A 708 13.39 -13.73 -5.59
CA ALA A 708 12.94 -12.57 -6.35
C ALA A 708 13.94 -11.43 -6.23
N TYR A 709 14.59 -11.34 -5.08
CA TYR A 709 15.73 -10.45 -4.89
C TYR A 709 16.85 -11.22 -4.22
N ALA A 710 18.06 -10.80 -4.48
CA ALA A 710 19.09 -11.57 -3.83
C ALA A 710 19.54 -10.84 -2.56
N PRO A 711 19.93 -11.57 -1.53
CA PRO A 711 20.45 -10.90 -0.32
C PRO A 711 21.69 -10.12 -0.67
N GLN A 712 21.76 -8.87 -0.19
CA GLN A 712 22.97 -8.08 -0.39
C GLN A 712 23.53 -7.38 0.85
N GLY A 713 22.86 -7.39 2.00
CA GLY A 713 23.37 -6.67 3.16
C GLY A 713 24.64 -7.28 3.76
N LYS A 714 25.36 -6.47 4.53
CA LYS A 714 26.60 -6.90 5.19
C LYS A 714 26.53 -6.54 6.67
N LEU A 715 27.06 -7.43 7.52
CA LEU A 715 27.08 -7.24 8.98
C LEU A 715 27.64 -5.87 9.33
N PRO A 716 26.86 -5.06 10.09
CA PRO A 716 27.29 -3.74 10.50
C PRO A 716 28.05 -3.90 11.83
N PHE A 717 28.24 -5.14 12.24
CA PHE A 717 28.94 -5.45 13.50
C PHE A 717 29.37 -6.90 13.43
N ALA A 718 30.34 -7.27 14.24
CA ALA A 718 30.87 -8.65 14.16
C ALA A 718 30.11 -9.59 15.07
N LEU A 719 30.14 -10.85 14.69
CA LEU A 719 29.52 -11.87 15.51
C LEU A 719 30.60 -12.86 15.94
N ALA A 720 30.68 -13.11 17.23
CA ALA A 720 31.58 -14.10 17.80
C ALA A 720 30.91 -15.46 17.83
N GLY A 721 31.72 -16.49 18.07
CA GLY A 721 31.21 -17.85 18.05
C GLY A 721 31.39 -18.59 19.36
N THR A 722 31.88 -17.87 20.38
CA THR A 722 32.13 -18.40 21.72
C THR A 722 31.71 -17.35 22.74
N ARG A 723 31.09 -17.79 23.83
CA ARG A 723 30.86 -16.88 24.95
C ARG A 723 32.18 -16.29 25.43
N GLU A 724 33.24 -17.07 25.30
CA GLU A 724 34.53 -16.75 25.88
C GLU A 724 35.04 -15.45 25.25
N ALA A 725 34.86 -15.36 23.93
CA ALA A 725 35.19 -14.17 23.18
C ALA A 725 34.37 -12.97 23.61
N ILE A 726 33.17 -13.18 24.18
CA ILE A 726 32.37 -12.05 24.66
C ILE A 726 32.98 -11.49 25.95
N ILE A 727 33.42 -12.38 26.83
CA ILE A 727 34.02 -12.01 28.10
C ILE A 727 35.38 -11.33 27.89
N GLU A 728 36.11 -11.68 26.82
CA GLU A 728 37.46 -11.16 26.68
C GLU A 728 37.50 -9.84 25.91
N GLN A 729 36.55 -9.60 25.01
CA GLN A 729 36.64 -8.44 24.14
C GLN A 729 36.67 -7.13 24.93
N ASP A 730 37.15 -6.07 24.27
CA ASP A 730 37.31 -4.76 24.87
C ASP A 730 36.08 -3.88 24.64
N SER A 731 35.39 -3.53 25.73
CA SER A 731 34.09 -2.86 25.60
C SER A 731 34.13 -1.67 24.67
N ASP A 732 35.26 -1.01 24.52
CA ASP A 732 35.36 0.18 23.68
C ASP A 732 35.90 -0.15 22.30
N ARG A 733 36.21 -1.40 22.05
CA ARG A 733 36.85 -1.78 20.80
C ARG A 733 35.91 -2.58 19.88
N PRO A 734 35.88 -2.28 18.59
CA PRO A 734 35.11 -3.13 17.66
C PRO A 734 35.76 -4.48 17.41
N GLY A 735 34.92 -5.43 17.04
CA GLY A 735 35.39 -6.75 16.63
C GLY A 735 35.84 -7.62 17.79
N TYR A 736 36.40 -8.77 17.40
CA TYR A 736 36.93 -9.73 18.36
C TYR A 736 38.35 -10.14 17.96
N ASP A 737 39.03 -9.29 17.21
CA ASP A 737 40.33 -9.65 16.68
C ASP A 737 41.41 -9.73 17.74
N GLU A 738 41.13 -9.24 18.94
CA GLU A 738 42.05 -9.28 20.06
C GLU A 738 41.79 -10.43 21.03
N THR A 739 40.90 -11.35 20.69
CA THR A 739 40.47 -12.46 21.54
C THR A 739 41.10 -13.77 21.08
N GLU A 740 41.10 -14.78 21.97
CA GLU A 740 41.69 -16.06 21.62
C GLU A 740 40.84 -16.80 20.59
N ASP A 741 39.52 -16.67 20.65
CA ASP A 741 38.69 -17.38 19.68
C ASP A 741 38.34 -16.57 18.46
N GLY A 742 38.44 -15.26 18.53
CA GLY A 742 38.17 -14.47 17.37
C GLY A 742 36.69 -14.43 17.03
N ALA A 743 36.43 -13.83 15.87
CA ALA A 743 35.07 -13.65 15.35
C ALA A 743 34.59 -14.86 14.55
N LEU A 744 33.34 -15.25 14.81
CA LEU A 744 32.65 -16.18 13.94
C LEU A 744 32.40 -15.58 12.55
N TYR A 745 31.90 -14.35 12.51
CA TYR A 745 31.73 -13.61 11.26
C TYR A 745 32.23 -12.19 11.47
N PRO A 746 33.06 -11.69 10.57
CA PRO A 746 33.60 -10.33 10.73
C PRO A 746 32.60 -9.25 10.34
N PHE A 747 32.93 -8.03 10.75
CA PHE A 747 32.31 -6.82 10.20
C PHE A 747 32.35 -6.85 8.70
N GLY A 748 31.22 -6.53 8.08
CA GLY A 748 31.23 -6.33 6.64
C GLY A 748 31.03 -7.58 5.83
N TYR A 749 30.88 -8.73 6.49
CA TYR A 749 30.58 -9.98 5.83
C TYR A 749 29.11 -10.04 5.45
N GLY A 750 28.85 -10.75 4.34
CA GLY A 750 27.53 -11.06 3.82
C GLY A 750 27.66 -11.77 2.48
N LEU A 751 26.85 -12.82 2.24
CA LEU A 751 26.88 -13.57 0.98
C LEU A 751 25.92 -12.96 -0.04
N THR A 752 25.89 -13.53 -1.23
CA THR A 752 24.75 -13.30 -2.11
C THR A 752 24.45 -14.61 -2.81
N TYR A 753 23.48 -14.59 -3.70
CA TYR A 753 23.30 -15.72 -4.61
C TYR A 753 24.22 -15.50 -5.81
N GLU A 754 24.69 -16.58 -6.43
CA GLU A 754 25.37 -16.41 -7.71
C GLU A 754 24.89 -17.43 -8.73
N ASP A 755 24.47 -16.96 -9.90
CA ASP A 755 23.82 -17.86 -10.87
C ASP A 755 24.68 -18.09 -12.11
N GLU B 10 3.39 -35.80 -12.22
CA GLU B 10 2.23 -36.51 -12.76
C GLU B 10 1.03 -36.47 -11.78
N GLN B 11 1.11 -37.19 -10.65
CA GLN B 11 0.01 -37.26 -9.69
C GLN B 11 -0.45 -35.86 -9.30
N PRO B 12 -1.62 -35.40 -9.78
CA PRO B 12 -2.06 -34.05 -9.44
C PRO B 12 -2.55 -34.02 -8.03
N GLU B 13 -2.43 -32.86 -7.38
CA GLU B 13 -3.00 -32.84 -6.06
C GLU B 13 -4.51 -32.88 -6.14
N LEU B 14 -5.07 -33.64 -5.20
CA LEU B 14 -6.48 -33.83 -5.08
C LEU B 14 -6.96 -33.28 -3.76
N GLU B 15 -8.18 -32.74 -3.79
CA GLU B 15 -8.87 -32.27 -2.61
C GLU B 15 -10.31 -32.78 -2.73
N ALA B 16 -10.83 -33.37 -1.67
CA ALA B 16 -12.19 -33.89 -1.71
C ALA B 16 -12.79 -33.70 -0.33
N ARG B 17 -13.85 -32.91 -0.25
CA ARG B 17 -14.48 -32.60 1.03
C ARG B 17 -15.68 -33.47 1.31
N VAL B 18 -16.14 -34.24 0.32
CA VAL B 18 -17.34 -35.07 0.45
C VAL B 18 -17.04 -36.47 -0.05
N LYS B 19 -16.71 -36.58 -1.33
CA LYS B 19 -16.38 -37.88 -1.90
C LYS B 19 -15.04 -38.38 -1.34
N GLU B 20 -14.74 -39.65 -1.63
CA GLU B 20 -13.55 -40.30 -1.10
C GLU B 20 -12.53 -40.50 -2.21
N ILE B 21 -11.27 -40.58 -1.81
CA ILE B 21 -10.16 -40.87 -2.71
C ILE B 21 -9.97 -42.38 -2.76
N ILE B 22 -9.48 -42.89 -3.89
CA ILE B 22 -9.29 -44.33 -4.07
C ILE B 22 -7.95 -44.58 -4.77
N GLU B 23 -7.15 -45.48 -4.19
CA GLU B 23 -5.96 -46.02 -4.83
C GLU B 23 -6.36 -46.93 -5.98
N VAL B 24 -5.74 -46.75 -7.15
CA VAL B 24 -5.88 -47.68 -8.27
C VAL B 24 -4.58 -47.65 -9.07
N ASP B 25 -4.11 -48.82 -9.51
CA ASP B 25 -2.91 -48.95 -10.35
C ASP B 25 -1.73 -48.13 -9.78
N GLY B 26 -1.77 -47.86 -8.46
CA GLY B 26 -0.71 -47.20 -7.73
C GLY B 26 -0.81 -45.68 -7.57
N TYR B 27 -1.84 -45.04 -8.13
CA TYR B 27 -2.01 -43.60 -8.13
C TYR B 27 -3.31 -43.24 -7.41
N GLN B 28 -3.57 -41.94 -7.22
CA GLN B 28 -4.74 -41.48 -6.46
C GLN B 28 -5.79 -40.79 -7.33
N PHE B 29 -7.06 -41.01 -6.99
CA PHE B 29 -8.19 -40.55 -7.79
C PHE B 29 -9.37 -40.20 -6.88
N ARG B 30 -10.24 -39.30 -7.36
CA ARG B 30 -11.46 -38.95 -6.64
C ARG B 30 -12.61 -39.82 -7.14
N ASP B 31 -13.29 -40.49 -6.20
CA ASP B 31 -14.37 -41.42 -6.56
C ASP B 31 -15.67 -40.64 -6.57
N LEU B 32 -15.84 -39.85 -7.64
CA LEU B 32 -16.80 -38.75 -7.61
C LEU B 32 -18.25 -39.21 -7.62
N ASN B 33 -18.55 -40.37 -8.22
CA ASN B 33 -19.89 -40.94 -8.22
C ASN B 33 -20.13 -41.91 -7.08
N ASP B 34 -19.13 -42.12 -6.22
CA ASP B 34 -19.23 -42.91 -4.98
C ASP B 34 -19.58 -44.37 -5.21
N ASN B 35 -19.18 -44.91 -6.37
CA ASN B 35 -19.46 -46.31 -6.67
C ASN B 35 -18.33 -47.23 -6.28
N GLY B 36 -17.28 -46.70 -5.66
CA GLY B 36 -16.15 -47.49 -5.20
C GLY B 36 -15.17 -47.84 -6.29
N GLU B 37 -15.57 -47.73 -7.53
CA GLU B 37 -14.68 -48.12 -8.59
C GLU B 37 -14.26 -46.89 -9.41
N LEU B 38 -13.22 -47.05 -10.22
CA LEU B 38 -12.65 -45.91 -10.94
C LEU B 38 -13.29 -45.85 -12.31
N ASP B 39 -14.16 -44.87 -12.51
CA ASP B 39 -14.67 -44.66 -13.84
C ASP B 39 -13.65 -43.94 -14.72
N PRO B 40 -13.72 -44.10 -16.04
CA PRO B 40 -12.84 -43.33 -16.94
C PRO B 40 -12.92 -41.82 -16.77
N TYR B 41 -14.10 -41.27 -16.44
CA TYR B 41 -14.19 -39.81 -16.29
C TYR B 41 -13.45 -39.34 -15.04
N GLU B 42 -13.33 -40.20 -14.02
CA GLU B 42 -12.55 -39.92 -12.82
C GLU B 42 -11.06 -40.18 -13.00
N ASP B 43 -10.65 -40.70 -14.15
CA ASP B 43 -9.29 -41.18 -14.40
C ASP B 43 -8.51 -40.08 -15.11
N TRP B 44 -7.79 -39.26 -14.34
CA TRP B 44 -7.07 -38.13 -14.93
C TRP B 44 -5.95 -38.57 -15.87
N ARG B 45 -5.62 -39.86 -15.93
CA ARG B 45 -4.60 -40.30 -16.88
C ARG B 45 -5.13 -40.28 -18.31
N LEU B 46 -6.44 -40.49 -18.49
CA LEU B 46 -6.95 -40.63 -19.85
C LEU B 46 -7.21 -39.27 -20.47
N PRO B 47 -7.16 -39.16 -21.81
CA PRO B 47 -7.38 -37.85 -22.43
C PRO B 47 -8.80 -37.39 -22.14
N THR B 48 -8.98 -36.08 -22.17
CA THR B 48 -10.28 -35.52 -21.79
C THR B 48 -11.42 -36.09 -22.64
N PRO B 49 -11.33 -36.17 -23.98
CA PRO B 49 -12.44 -36.75 -24.75
C PRO B 49 -12.89 -38.11 -24.26
N GLU B 50 -12.01 -38.92 -23.68
CA GLU B 50 -12.47 -40.18 -23.12
C GLU B 50 -13.20 -39.96 -21.80
N ARG B 51 -12.67 -39.05 -20.96
CA ARG B 51 -13.31 -38.74 -19.68
C ARG B 51 -14.69 -38.14 -19.90
N VAL B 52 -14.80 -37.19 -20.84
CA VAL B 52 -16.08 -36.58 -21.16
C VAL B 52 -17.08 -37.65 -21.60
N ALA B 53 -16.67 -38.41 -22.63
CA ALA B 53 -17.52 -39.43 -23.22
C ALA B 53 -18.07 -40.36 -22.16
N ASP B 54 -17.19 -40.84 -21.28
CA ASP B 54 -17.63 -41.70 -20.19
C ASP B 54 -18.64 -41.01 -19.31
N LEU B 55 -18.47 -39.68 -19.11
CA LEU B 55 -19.30 -38.98 -18.14
C LEU B 55 -20.70 -38.72 -18.67
N VAL B 56 -20.81 -38.21 -19.90
CA VAL B 56 -22.15 -37.97 -20.45
C VAL B 56 -22.89 -39.29 -20.59
N GLY B 57 -22.18 -40.36 -20.94
CA GLY B 57 -22.69 -41.71 -20.85
C GLY B 57 -23.52 -41.98 -19.60
N GLN B 58 -23.02 -41.55 -18.45
CA GLN B 58 -23.70 -41.81 -17.19
C GLN B 58 -24.63 -40.70 -16.76
N MET B 59 -24.92 -39.74 -17.62
CA MET B 59 -25.67 -38.56 -17.22
C MET B 59 -27.13 -38.67 -17.67
N SER B 60 -28.05 -38.44 -16.74
CA SER B 60 -29.47 -38.22 -17.03
C SER B 60 -29.66 -37.13 -18.10
N LEU B 61 -30.82 -37.16 -18.73
CA LEU B 61 -31.19 -36.05 -19.61
C LEU B 61 -31.24 -34.73 -18.85
N VAL B 62 -31.76 -34.73 -17.62
CA VAL B 62 -31.93 -33.45 -16.96
C VAL B 62 -30.60 -32.94 -16.42
N GLU B 63 -29.69 -33.85 -16.05
CA GLU B 63 -28.35 -33.43 -15.63
C GLU B 63 -27.59 -32.85 -16.82
N LYS B 64 -27.67 -33.50 -17.97
CA LYS B 64 -27.01 -32.92 -19.13
C LYS B 64 -27.61 -31.57 -19.48
N SER B 65 -28.87 -31.36 -19.14
CA SER B 65 -29.47 -30.10 -19.54
C SER B 65 -29.23 -29.02 -18.50
N GLY B 66 -28.96 -29.41 -17.25
CA GLY B 66 -28.51 -28.45 -16.25
C GLY B 66 -27.20 -27.76 -16.62
N LEU B 67 -26.34 -28.45 -17.38
CA LEU B 67 -25.13 -27.81 -17.88
C LEU B 67 -25.44 -26.61 -18.78
N MET B 68 -26.58 -26.58 -19.46
CA MET B 68 -26.86 -25.44 -20.33
C MET B 68 -27.45 -24.23 -19.56
N LEU B 69 -27.34 -24.21 -18.24
CA LEU B 69 -27.77 -23.08 -17.43
C LEU B 69 -26.60 -22.40 -16.73
N ILE B 70 -26.63 -21.07 -16.72
CA ILE B 70 -25.72 -20.28 -15.90
C ILE B 70 -26.45 -19.06 -15.36
N ASN B 71 -26.53 -18.92 -14.04
CA ASN B 71 -27.18 -17.77 -13.45
C ASN B 71 -26.42 -17.29 -12.20
N THR B 72 -26.74 -16.08 -11.80
CA THR B 72 -26.10 -15.43 -10.66
C THR B 72 -26.18 -16.26 -9.40
N LEU B 73 -25.04 -16.38 -8.70
CA LEU B 73 -25.01 -17.02 -7.37
C LEU B 73 -24.04 -16.23 -6.51
N ASN B 74 -24.56 -15.25 -5.76
CA ASN B 74 -23.74 -14.39 -4.91
C ASN B 74 -23.55 -14.96 -3.51
N ALA B 75 -22.39 -14.66 -2.92
CA ALA B 75 -22.22 -14.80 -1.47
C ALA B 75 -23.34 -14.08 -0.74
N ALA B 76 -23.82 -14.68 0.34
CA ALA B 76 -24.76 -14.02 1.24
C ALA B 76 -24.12 -13.79 2.60
N CYS B 77 -24.84 -13.07 3.46
CA CYS B 77 -24.43 -12.89 4.85
C CYS B 77 -25.44 -13.55 5.77
N ASP B 78 -24.98 -13.99 6.93
CA ASP B 78 -25.85 -14.57 7.95
C ASP B 78 -25.98 -13.61 9.12
N PRO B 79 -27.13 -12.98 9.33
CA PRO B 79 -27.25 -12.01 10.42
C PRO B 79 -27.07 -12.62 11.81
N GLN B 80 -27.27 -13.93 11.98
CA GLN B 80 -27.23 -14.47 13.33
C GLN B 80 -25.81 -14.58 13.87
N THR B 81 -24.86 -14.90 13.01
CA THR B 81 -23.47 -15.08 13.38
C THR B 81 -22.57 -13.97 12.89
N GLY B 82 -23.06 -13.13 11.97
CA GLY B 82 -22.26 -12.14 11.29
C GLY B 82 -21.40 -12.67 10.17
N GLU B 83 -21.51 -13.93 9.79
CA GLU B 83 -20.60 -14.37 8.76
C GLU B 83 -21.06 -13.82 7.41
N PHE B 84 -20.11 -13.26 6.68
CA PHE B 84 -20.27 -12.94 5.28
C PHE B 84 -19.61 -14.03 4.44
N GLY B 85 -20.19 -14.32 3.28
CA GLY B 85 -19.67 -15.38 2.43
C GLY B 85 -20.31 -16.73 2.75
N VAL B 86 -21.61 -16.73 3.07
CA VAL B 86 -22.39 -17.96 3.21
C VAL B 86 -23.23 -18.17 1.94
N LEU B 87 -23.73 -19.40 1.78
CA LEU B 87 -24.55 -19.73 0.61
C LEU B 87 -25.85 -18.92 0.61
N PRO B 88 -26.25 -18.39 -0.55
CA PRO B 88 -27.56 -17.75 -0.66
C PRO B 88 -28.69 -18.77 -0.71
N ALA B 89 -29.92 -18.29 -0.92
CA ALA B 89 -31.09 -19.17 -0.81
C ALA B 89 -31.20 -20.11 -1.99
N GLN B 90 -30.96 -19.60 -3.20
CA GLN B 90 -31.11 -20.40 -4.39
C GLN B 90 -30.07 -21.50 -4.52
N ALA B 91 -29.12 -21.62 -3.59
CA ALA B 91 -27.97 -22.50 -3.82
C ALA B 91 -28.40 -23.96 -3.92
N ASP B 92 -29.12 -24.45 -2.92
CA ASP B 92 -29.58 -25.83 -2.97
C ASP B 92 -30.39 -26.08 -4.23
N ASN B 93 -31.34 -25.20 -4.54
CA ASN B 93 -32.17 -25.44 -5.70
C ASN B 93 -31.36 -25.43 -7.00
N TYR B 94 -30.33 -24.58 -7.10
CA TYR B 94 -29.60 -24.49 -8.36
C TYR B 94 -28.78 -25.74 -8.63
N ILE B 95 -28.21 -26.33 -7.59
CA ILE B 95 -27.27 -27.42 -7.80
C ILE B 95 -27.97 -28.77 -7.74
N ASN B 96 -28.88 -28.95 -6.80
CA ASN B 96 -29.52 -30.23 -6.56
C ASN B 96 -30.78 -30.41 -7.38
N THR B 97 -31.58 -29.36 -7.47
CA THR B 97 -32.77 -29.44 -8.30
C THR B 97 -32.47 -29.10 -9.75
N GLN B 98 -31.90 -27.94 -10.02
CA GLN B 98 -31.70 -27.55 -11.42
C GLN B 98 -30.42 -28.12 -12.04
N HIS B 99 -29.57 -28.78 -11.25
CA HIS B 99 -28.35 -29.42 -11.74
C HIS B 99 -27.47 -28.43 -12.50
N MET B 100 -27.23 -27.29 -11.88
CA MET B 100 -26.35 -26.29 -12.45
C MET B 100 -24.91 -26.48 -11.99
N HIS B 101 -23.97 -26.09 -12.84
CA HIS B 101 -22.55 -26.13 -12.51
C HIS B 101 -21.81 -24.89 -13.00
N ARG B 102 -22.51 -23.86 -13.48
CA ARG B 102 -21.90 -22.62 -13.92
C ARG B 102 -22.65 -21.43 -13.32
N PHE B 103 -21.92 -20.51 -12.67
CA PHE B 103 -22.54 -19.41 -11.96
C PHE B 103 -21.79 -18.12 -12.24
N VAL B 104 -22.46 -16.99 -11.99
CA VAL B 104 -21.87 -15.66 -12.10
C VAL B 104 -21.72 -15.11 -10.68
N PHE B 105 -20.48 -14.80 -10.29
CA PHE B 105 -20.18 -14.23 -8.98
C PHE B 105 -20.15 -12.71 -9.08
N ARG B 106 -21.05 -12.04 -8.37
CA ARG B 106 -21.20 -10.60 -8.54
C ARG B 106 -20.95 -9.76 -7.29
N ASN B 107 -20.74 -10.34 -6.11
CA ASN B 107 -20.45 -9.48 -4.96
C ASN B 107 -19.19 -8.67 -5.25
N VAL B 108 -19.19 -7.42 -4.77
CA VAL B 108 -17.96 -6.65 -4.68
C VAL B 108 -17.05 -7.29 -3.65
N VAL B 109 -15.75 -7.42 -3.99
CA VAL B 109 -14.75 -7.92 -3.04
C VAL B 109 -13.99 -6.73 -2.48
N ASP B 110 -14.09 -6.53 -1.17
CA ASP B 110 -13.43 -5.38 -0.57
C ASP B 110 -13.50 -5.56 0.94
N VAL B 111 -12.77 -4.72 1.65
CA VAL B 111 -12.95 -4.57 3.09
C VAL B 111 -14.16 -3.66 3.36
N ARG B 112 -15.11 -4.16 4.16
CA ARG B 112 -16.27 -3.36 4.54
C ARG B 112 -15.90 -2.30 5.57
N ALA B 113 -16.60 -1.16 5.52
CA ALA B 113 -16.46 -0.11 6.53
C ALA B 113 -16.85 -0.64 7.90
N GLU B 114 -16.51 0.11 8.97
CA GLU B 114 -16.88 -0.44 10.28
C GLU B 114 -18.37 -0.16 10.44
N GLY B 115 -19.03 -0.93 11.30
CA GLY B 115 -20.46 -0.76 11.48
C GLY B 115 -21.31 -1.35 10.38
N VAL B 116 -20.73 -1.76 9.27
CA VAL B 116 -21.48 -2.39 8.18
C VAL B 116 -21.90 -3.78 8.64
N GLU B 117 -23.17 -3.98 8.87
CA GLU B 117 -23.69 -5.31 9.20
C GLU B 117 -24.55 -5.83 8.04
N CYS B 118 -24.97 -7.09 8.19
CA CYS B 118 -25.82 -7.72 7.18
C CYS B 118 -27.17 -7.00 7.06
N THR B 119 -27.52 -6.57 5.84
CA THR B 119 -28.84 -6.00 5.67
C THR B 119 -29.91 -7.05 5.31
N GLY B 120 -29.54 -8.08 4.57
CA GLY B 120 -30.43 -9.16 4.23
C GLY B 120 -31.03 -9.05 2.84
N THR B 121 -30.97 -7.88 2.23
CA THR B 121 -31.25 -7.64 0.82
C THR B 121 -29.95 -7.21 0.15
N GLY B 122 -30.03 -6.85 -1.14
CA GLY B 122 -28.90 -6.41 -1.96
C GLY B 122 -27.79 -7.46 -2.04
N THR B 123 -26.63 -7.01 -2.52
CA THR B 123 -25.49 -7.89 -2.76
C THR B 123 -24.34 -7.46 -1.87
N PRO B 124 -24.02 -8.22 -0.83
CA PRO B 124 -23.04 -7.76 0.17
C PRO B 124 -21.60 -7.70 -0.34
N VAL B 125 -20.81 -6.84 0.29
CA VAL B 125 -19.36 -6.82 0.07
C VAL B 125 -18.69 -7.96 0.83
N VAL B 126 -17.77 -8.66 0.19
CA VAL B 126 -17.05 -9.74 0.84
C VAL B 126 -15.54 -9.53 0.76
N SER B 127 -14.85 -10.02 1.79
CA SER B 127 -13.41 -9.99 1.79
C SER B 127 -12.91 -11.10 0.85
N PRO B 128 -11.66 -10.99 0.37
CA PRO B 128 -11.14 -12.04 -0.52
C PRO B 128 -11.25 -13.42 0.10
N ALA B 129 -10.89 -13.53 1.37
CA ALA B 129 -11.03 -14.80 2.07
C ALA B 129 -12.49 -15.23 2.14
N GLU B 130 -13.41 -14.28 2.40
CA GLU B 130 -14.83 -14.64 2.46
C GLU B 130 -15.34 -15.08 1.08
N ALA B 131 -14.98 -14.37 0.01
CA ALA B 131 -15.30 -14.82 -1.34
C ALA B 131 -14.84 -16.26 -1.57
N ALA B 132 -13.63 -16.61 -1.14
CA ALA B 132 -13.08 -17.94 -1.42
C ALA B 132 -13.75 -19.02 -0.56
N THR B 133 -13.98 -18.71 0.72
CA THR B 133 -14.85 -19.53 1.56
C THR B 133 -16.18 -19.81 0.86
N PHE B 134 -16.80 -18.76 0.31
CA PHE B 134 -18.04 -18.91 -0.44
C PHE B 134 -17.90 -19.85 -1.64
N THR B 135 -16.98 -19.54 -2.57
CA THR B 135 -16.86 -20.39 -3.77
C THR B 135 -16.48 -21.82 -3.40
N ASN B 136 -15.72 -21.99 -2.33
CA ASN B 136 -15.45 -23.36 -1.85
C ASN B 136 -16.74 -24.03 -1.48
N ALA B 137 -17.60 -23.31 -0.76
CA ALA B 137 -18.87 -23.84 -0.31
C ALA B 137 -19.69 -24.34 -1.49
N VAL B 138 -19.70 -23.58 -2.57
CA VAL B 138 -20.43 -24.00 -3.75
C VAL B 138 -19.78 -25.25 -4.34
N GLN B 139 -18.45 -25.26 -4.47
CA GLN B 139 -17.75 -26.44 -4.95
C GLN B 139 -17.96 -27.63 -4.00
N GLU B 140 -18.02 -27.36 -2.70
CA GLU B 140 -18.26 -28.46 -1.78
C GLU B 140 -19.62 -29.09 -2.03
N MET B 141 -20.63 -28.25 -2.31
CA MET B 141 -21.97 -28.75 -2.60
C MET B 141 -22.04 -29.39 -3.97
N SER B 142 -21.32 -28.81 -4.94
CA SER B 142 -21.23 -29.42 -6.26
C SER B 142 -20.62 -30.81 -6.20
N GLU B 143 -19.66 -31.01 -5.29
CA GLU B 143 -19.06 -32.32 -5.11
C GLU B 143 -20.04 -33.32 -4.51
N ALA B 144 -21.02 -32.84 -3.75
CA ALA B 144 -21.95 -33.76 -3.13
C ALA B 144 -23.01 -34.27 -4.11
N THR B 145 -23.07 -33.74 -5.32
CA THR B 145 -24.05 -34.22 -6.29
C THR B 145 -23.79 -35.66 -6.68
N ARG B 146 -24.64 -36.23 -7.56
CA ARG B 146 -24.55 -37.66 -7.87
C ARG B 146 -23.20 -38.01 -8.48
N LEU B 147 -22.75 -37.20 -9.43
CA LEU B 147 -21.52 -37.45 -10.18
C LEU B 147 -20.35 -36.57 -9.73
N GLY B 148 -20.57 -35.71 -8.73
CA GLY B 148 -19.53 -34.81 -8.24
C GLY B 148 -18.90 -33.92 -9.29
N ILE B 149 -19.70 -33.39 -10.19
CA ILE B 149 -19.17 -32.46 -11.19
C ILE B 149 -18.81 -31.14 -10.50
N PRO B 150 -17.63 -30.59 -10.73
CA PRO B 150 -17.28 -29.30 -10.13
C PRO B 150 -18.05 -28.18 -10.80
N SER B 151 -17.95 -26.98 -10.21
CA SER B 151 -18.58 -25.77 -10.72
C SER B 151 -17.54 -24.82 -11.29
N LEU B 152 -17.98 -23.97 -12.20
CA LEU B 152 -17.18 -22.82 -12.61
C LEU B 152 -17.99 -21.55 -12.38
N PHE B 153 -17.34 -20.56 -11.76
CA PHE B 153 -17.86 -19.23 -11.53
C PHE B 153 -17.36 -18.29 -12.62
N LYS B 154 -18.20 -17.36 -13.03
CA LYS B 154 -17.76 -16.32 -13.95
C LYS B 154 -18.03 -14.96 -13.36
N SER B 155 -17.55 -13.93 -14.01
CA SER B 155 -17.76 -12.61 -13.45
C SER B 155 -17.45 -11.60 -14.53
N ASN B 156 -18.10 -10.44 -14.44
CA ASN B 156 -17.65 -9.29 -15.20
C ASN B 156 -16.34 -8.79 -14.61
N ALA B 157 -15.73 -7.82 -15.30
CA ALA B 157 -14.37 -7.37 -14.98
C ALA B 157 -14.28 -6.77 -13.57
N ARG B 158 -13.08 -6.79 -12.98
CA ARG B 158 -12.99 -6.32 -11.59
C ARG B 158 -11.78 -5.47 -11.25
N ASN B 159 -10.83 -5.27 -12.15
CA ASN B 159 -9.61 -4.57 -11.84
C ASN B 159 -9.55 -3.17 -12.42
N HIS B 160 -10.69 -2.60 -12.78
CA HIS B 160 -10.70 -1.30 -13.41
C HIS B 160 -11.32 -0.28 -12.47
N ILE B 161 -10.63 0.86 -12.32
CA ILE B 161 -11.15 1.99 -11.59
C ILE B 161 -12.44 2.51 -12.23
N ASP B 162 -13.40 2.90 -11.38
CA ASP B 162 -14.56 3.63 -11.86
C ASP B 162 -14.31 5.10 -11.61
N PRO B 163 -14.20 5.93 -12.66
CA PRO B 163 -14.23 7.41 -12.53
C PRO B 163 -15.62 7.97 -12.24
N ALA B 172 -5.13 -0.13 -1.36
CA ALA B 172 -4.93 -1.01 -0.21
C ALA B 172 -5.27 -2.49 -0.51
N ALA B 173 -4.82 -3.39 0.36
CA ALA B 173 -5.16 -4.81 0.26
C ALA B 173 -6.68 -5.03 0.36
N GLY B 174 -7.10 -6.26 0.06
CA GLY B 174 -8.49 -6.66 0.21
C GLY B 174 -9.43 -6.35 -0.94
N ALA B 175 -9.12 -5.39 -1.80
CA ALA B 175 -9.83 -5.27 -3.07
C ALA B 175 -8.92 -5.70 -4.21
N PHE B 176 -9.52 -5.94 -5.37
CA PHE B 176 -8.77 -6.25 -6.58
C PHE B 176 -7.94 -5.06 -7.00
N SER B 177 -6.72 -5.30 -7.48
CA SER B 177 -5.83 -4.21 -7.84
C SER B 177 -6.42 -3.28 -8.91
N ALA B 178 -6.37 -1.98 -8.63
CA ALA B 178 -6.99 -0.97 -9.48
C ALA B 178 -6.15 -0.67 -10.71
N PHE B 179 -6.70 -0.92 -11.89
CA PHE B 179 -6.07 -0.50 -13.13
C PHE B 179 -6.97 0.51 -13.83
N PRO B 180 -6.48 1.23 -14.82
CA PRO B 180 -7.37 2.12 -15.59
C PRO B 180 -8.37 1.30 -16.39
N LYS B 181 -9.33 2.01 -16.97
CA LYS B 181 -10.29 1.34 -17.83
C LYS B 181 -9.58 0.71 -19.03
N GLU B 182 -10.30 -0.19 -19.69
CA GLU B 182 -9.78 -0.93 -20.83
C GLU B 182 -9.03 -0.02 -21.81
N ALA B 183 -9.69 1.05 -22.24
CA ALA B 183 -9.06 2.01 -23.13
C ALA B 183 -7.82 2.61 -22.49
N GLY B 184 -7.79 2.67 -21.16
CA GLY B 184 -6.60 3.14 -20.48
C GLY B 184 -5.44 2.18 -20.64
N ILE B 185 -5.72 0.88 -20.63
CA ILE B 185 -4.68 -0.10 -20.88
C ILE B 185 -4.21 -0.01 -22.33
N ALA B 186 -5.15 0.13 -23.26
CA ALA B 186 -4.78 0.36 -24.65
C ALA B 186 -3.97 1.63 -24.80
N ALA B 187 -4.38 2.71 -24.13
CA ALA B 187 -3.60 3.96 -24.15
C ALA B 187 -2.17 3.72 -23.71
N ALA B 188 -1.99 2.99 -22.62
CA ALA B 188 -0.66 2.72 -22.10
C ALA B 188 0.11 1.81 -23.06
N ALA B 189 -0.57 0.85 -23.69
CA ALA B 189 0.16 -0.04 -24.57
C ALA B 189 0.66 0.71 -25.81
N LEU B 190 -0.19 1.54 -26.40
CA LEU B 190 0.27 2.38 -27.51
C LEU B 190 1.40 3.28 -27.06
N GLY B 191 1.29 3.83 -25.86
CA GLY B 191 2.29 4.76 -25.36
C GLY B 191 3.65 4.12 -25.15
N GLU B 192 3.69 2.85 -24.78
CA GLU B 192 4.97 2.20 -24.55
C GLU B 192 5.64 1.78 -25.85
N GLN B 193 4.86 1.36 -26.84
CA GLN B 193 5.38 1.15 -28.19
C GLN B 193 5.96 2.44 -28.74
N ALA B 194 5.14 3.50 -28.76
CA ALA B 194 5.60 4.81 -29.21
C ALA B 194 6.86 5.24 -28.48
N ARG B 195 6.91 5.03 -27.16
CA ARG B 195 8.05 5.47 -26.38
C ARG B 195 9.35 4.95 -26.96
N ARG B 196 9.43 3.64 -27.22
CA ARG B 196 10.69 3.04 -27.62
C ARG B 196 10.87 2.90 -29.13
N THR B 197 9.79 2.88 -29.90
CA THR B 197 9.92 2.65 -31.34
C THR B 197 9.54 3.88 -32.14
N GLY B 198 8.47 4.58 -31.77
CA GLY B 198 8.05 5.76 -32.48
C GLY B 198 6.65 5.67 -33.00
N GLU B 199 6.06 4.48 -33.06
CA GLU B 199 4.78 4.28 -33.72
C GLU B 199 3.69 3.95 -32.72
N ALA B 200 2.47 4.29 -33.11
CA ALA B 200 1.26 3.96 -32.38
C ALA B 200 0.43 3.11 -33.34
N THR B 201 0.74 1.82 -33.41
CA THR B 201 0.02 0.92 -34.31
C THR B 201 -0.59 -0.25 -33.53
N THR B 202 0.26 -1.23 -33.21
CA THR B 202 -0.13 -2.47 -32.55
C THR B 202 0.12 -2.44 -31.05
N GLY B 203 0.86 -1.47 -30.56
CA GLY B 203 1.07 -1.36 -29.14
C GLY B 203 2.08 -2.37 -28.62
N ASP B 204 2.47 -2.17 -27.38
CA ASP B 204 3.40 -3.03 -26.67
C ASP B 204 2.60 -3.92 -25.72
N MET B 205 2.41 -5.18 -26.11
CA MET B 205 1.59 -6.09 -25.32
C MET B 205 2.24 -6.50 -24.01
N SER B 206 3.48 -6.10 -23.74
CA SER B 206 4.03 -6.33 -22.41
C SER B 206 3.19 -5.64 -21.35
N VAL B 207 2.61 -4.48 -21.66
CA VAL B 207 1.66 -3.85 -20.74
C VAL B 207 0.49 -4.78 -20.45
N VAL B 208 -0.20 -5.24 -21.50
CA VAL B 208 -1.38 -6.09 -21.35
C VAL B 208 -1.06 -7.33 -20.52
N ALA B 209 0.09 -7.95 -20.75
CA ALA B 209 0.41 -9.18 -20.02
C ALA B 209 0.64 -8.88 -18.54
N ASP B 210 1.25 -7.73 -18.23
CA ASP B 210 1.46 -7.37 -16.84
C ASP B 210 0.13 -7.20 -16.13
N PHE B 211 -0.80 -6.48 -16.77
CA PHE B 211 -2.15 -6.36 -16.23
C PHE B 211 -2.78 -7.72 -16.00
N ALA B 212 -2.82 -8.54 -17.05
CA ALA B 212 -3.51 -9.83 -16.99
C ALA B 212 -2.90 -10.79 -15.98
N ASP B 213 -1.59 -10.66 -15.70
CA ASP B 213 -0.93 -11.56 -14.76
C ASP B 213 -1.37 -11.31 -13.33
N VAL B 214 -1.54 -10.05 -12.95
CA VAL B 214 -2.12 -9.71 -11.65
C VAL B 214 -3.57 -10.18 -11.57
N MET B 215 -4.35 -9.89 -12.60
CA MET B 215 -5.75 -10.29 -12.63
C MET B 215 -5.92 -11.79 -12.48
N GLY B 216 -5.20 -12.56 -13.28
CA GLY B 216 -5.30 -13.99 -13.23
C GLY B 216 -5.02 -14.51 -11.84
N GLU B 217 -3.85 -14.15 -11.29
CA GLU B 217 -3.46 -14.64 -9.97
C GLU B 217 -4.50 -14.26 -8.93
N GLU B 218 -5.05 -13.03 -9.04
CA GLU B 218 -5.99 -12.55 -8.02
C GLU B 218 -7.32 -13.28 -8.14
N TRP B 219 -7.87 -13.35 -9.35
CA TRP B 219 -9.11 -14.10 -9.57
C TRP B 219 -8.95 -15.58 -9.21
N ALA B 220 -7.87 -16.21 -9.67
CA ALA B 220 -7.71 -17.62 -9.38
C ALA B 220 -7.69 -17.89 -7.89
N SER B 221 -7.23 -16.92 -7.10
CA SER B 221 -7.05 -17.13 -5.67
C SER B 221 -8.36 -17.20 -4.91
N ILE B 222 -9.46 -16.67 -5.47
CA ILE B 222 -10.77 -16.75 -4.82
C ILE B 222 -11.66 -17.81 -5.47
N GLY B 223 -11.10 -18.63 -6.35
CA GLY B 223 -11.90 -19.67 -6.98
C GLY B 223 -12.75 -19.11 -8.10
N LEU B 224 -12.32 -18.00 -8.68
CA LEU B 224 -13.02 -17.36 -9.77
C LEU B 224 -12.20 -17.67 -11.02
N ARG B 225 -12.55 -18.74 -11.70
CA ARG B 225 -11.79 -19.25 -12.84
C ARG B 225 -12.39 -18.86 -14.18
N GLY B 226 -13.49 -18.08 -14.21
CA GLY B 226 -14.09 -17.67 -15.47
C GLY B 226 -14.32 -16.17 -15.51
N MET B 227 -14.47 -15.64 -16.72
CA MET B 227 -14.80 -14.24 -16.94
C MET B 227 -15.79 -14.05 -18.10
N TYR B 228 -16.88 -13.32 -17.84
CA TYR B 228 -17.78 -12.76 -18.88
C TYR B 228 -17.04 -11.62 -19.58
N GLY B 229 -16.21 -11.98 -20.54
CA GLY B 229 -15.31 -11.03 -21.16
C GLY B 229 -14.00 -11.72 -21.48
N TYR B 230 -13.03 -10.94 -21.94
CA TYR B 230 -13.16 -9.49 -22.10
C TYR B 230 -13.93 -9.10 -23.35
N MET B 231 -14.23 -7.81 -23.48
CA MET B 231 -14.87 -7.28 -24.68
C MET B 231 -13.85 -7.06 -25.80
N ALA B 232 -14.16 -7.59 -26.98
CA ALA B 232 -13.30 -7.37 -28.17
C ALA B 232 -13.97 -6.39 -29.12
N ASP B 233 -14.99 -5.70 -28.63
CA ASP B 233 -15.77 -4.82 -29.54
C ASP B 233 -14.95 -3.59 -29.84
N LEU B 234 -15.35 -2.84 -30.86
CA LEU B 234 -14.55 -1.70 -31.30
C LEU B 234 -15.31 -0.38 -31.09
N SER B 235 -14.57 0.69 -30.83
CA SER B 235 -15.16 2.01 -30.54
C SER B 235 -15.29 2.77 -31.85
N THR B 236 -15.88 2.14 -32.85
CA THR B 236 -15.99 2.75 -34.19
C THR B 236 -17.23 3.63 -34.24
N GLU B 237 -18.19 3.41 -33.35
CA GLU B 237 -19.37 4.32 -33.25
C GLU B 237 -19.26 5.09 -31.94
N PRO B 238 -18.90 6.37 -31.98
CA PRO B 238 -18.64 7.09 -30.75
C PRO B 238 -19.92 7.35 -29.96
N ARG B 239 -21.07 7.02 -30.54
CA ARG B 239 -22.35 7.31 -29.87
C ARG B 239 -22.79 6.08 -29.09
N TRP B 240 -22.10 4.96 -29.27
CA TRP B 240 -22.39 3.77 -28.48
C TRP B 240 -21.95 3.97 -27.03
N TYR B 241 -22.90 3.87 -26.09
CA TYR B 241 -22.54 4.13 -24.70
C TYR B 241 -21.50 3.13 -24.17
N ARG B 242 -21.36 1.96 -24.81
CA ARG B 242 -20.48 0.90 -24.28
C ARG B 242 -19.04 1.04 -24.78
N THR B 243 -18.68 2.20 -25.32
CA THR B 243 -17.28 2.43 -25.70
C THR B 243 -16.47 2.60 -24.42
N HIS B 244 -17.12 2.57 -23.27
CA HIS B 244 -16.45 2.73 -21.96
C HIS B 244 -15.83 1.41 -21.52
N GLU B 245 -16.31 0.29 -22.08
CA GLU B 245 -15.77 -1.04 -21.71
C GLU B 245 -15.01 -1.58 -22.91
N THR B 246 -14.70 -0.70 -23.85
CA THR B 246 -13.93 -1.09 -25.06
C THR B 246 -12.50 -0.62 -24.90
N PHE B 247 -11.56 -1.33 -25.52
CA PHE B 247 -10.14 -0.92 -25.49
C PHE B 247 -9.87 0.09 -26.61
N THR B 248 -10.22 -0.22 -27.85
CA THR B 248 -9.86 0.71 -28.96
C THR B 248 -10.86 0.64 -30.10
N GLU B 249 -10.60 1.44 -31.12
CA GLU B 249 -11.46 1.44 -32.31
C GLU B 249 -10.73 0.65 -33.38
N ASP B 250 -9.41 0.52 -33.25
CA ASP B 250 -8.60 -0.16 -34.28
C ASP B 250 -8.65 -1.66 -34.05
N ALA B 251 -9.17 -2.38 -35.02
CA ALA B 251 -9.30 -3.83 -34.95
C ALA B 251 -7.97 -4.54 -34.76
N TYR B 252 -6.90 -4.06 -35.40
CA TYR B 252 -5.66 -4.84 -35.35
C TYR B 252 -4.94 -4.70 -34.02
N LEU B 253 -5.06 -3.53 -33.38
CA LEU B 253 -4.63 -3.40 -31.99
C LEU B 253 -5.52 -4.23 -31.06
N ALA B 254 -6.84 -4.17 -31.29
CA ALA B 254 -7.77 -5.01 -30.53
C ALA B 254 -7.40 -6.48 -30.61
N ALA B 255 -7.08 -6.96 -31.81
CA ALA B 255 -6.77 -8.38 -32.00
C ALA B 255 -5.50 -8.78 -31.27
N GLU B 256 -4.55 -7.85 -31.15
CA GLU B 256 -3.31 -8.13 -30.42
C GLU B 256 -3.55 -8.16 -28.92
N ILE B 257 -4.42 -7.28 -28.43
CA ILE B 257 -4.77 -7.29 -27.00
C ILE B 257 -5.54 -8.55 -26.64
N MET B 258 -6.48 -8.97 -27.49
CA MET B 258 -7.23 -10.20 -27.22
C MET B 258 -6.29 -11.39 -27.21
N GLU B 259 -5.44 -11.48 -28.23
CA GLU B 259 -4.41 -12.52 -28.30
C GLU B 259 -3.61 -12.58 -27.02
N THR B 260 -3.15 -11.42 -26.54
CA THR B 260 -2.33 -11.41 -25.33
C THR B 260 -3.13 -11.80 -24.10
N LEU B 261 -4.34 -11.25 -23.96
CA LEU B 261 -5.19 -11.59 -22.82
C LEU B 261 -5.40 -13.10 -22.72
N VAL B 262 -5.80 -13.72 -23.84
CA VAL B 262 -6.05 -15.16 -23.84
C VAL B 262 -4.79 -15.91 -23.48
N GLN B 263 -3.68 -15.51 -24.09
CA GLN B 263 -2.40 -16.13 -23.77
C GLN B 263 -2.13 -16.07 -22.27
N THR B 264 -2.24 -14.88 -21.68
CA THR B 264 -1.82 -14.72 -20.29
C THR B 264 -2.80 -15.34 -19.30
N LEU B 265 -4.11 -15.11 -19.49
CA LEU B 265 -5.08 -15.60 -18.49
C LEU B 265 -5.36 -17.08 -18.66
N GLN B 266 -5.46 -17.55 -19.90
CA GLN B 266 -5.75 -18.95 -20.14
C GLN B 266 -4.49 -19.80 -20.24
N GLY B 267 -3.43 -19.25 -20.80
CA GLY B 267 -2.19 -19.97 -21.04
C GLY B 267 -1.92 -20.15 -22.53
N GLU B 268 -0.69 -20.59 -22.85
CA GLU B 268 -0.35 -20.85 -24.24
C GLU B 268 -0.32 -22.33 -24.58
N GLU B 269 -0.41 -23.20 -23.60
CA GLU B 269 -0.54 -24.62 -23.85
C GLU B 269 -1.94 -24.93 -24.32
N LEU B 270 -2.08 -25.22 -25.62
CA LEU B 270 -3.35 -25.67 -26.16
C LEU B 270 -3.54 -27.17 -25.98
N THR B 271 -4.77 -27.58 -26.15
CA THR B 271 -5.17 -28.97 -26.23
C THR B 271 -5.25 -29.44 -27.68
N ASP B 272 -5.39 -30.77 -27.82
CA ASP B 272 -5.62 -31.39 -29.13
C ASP B 272 -6.76 -30.68 -29.84
N ASN B 273 -7.81 -30.35 -29.08
CA ASN B 273 -8.97 -29.62 -29.52
C ASN B 273 -8.66 -28.15 -29.79
N GLY B 274 -7.46 -27.70 -29.45
CA GLY B 274 -7.06 -26.36 -29.81
C GLY B 274 -7.44 -25.29 -28.82
N LEU B 275 -7.78 -25.65 -27.58
CA LEU B 275 -8.18 -24.70 -26.57
C LEU B 275 -7.08 -24.49 -25.53
N ALA B 276 -6.85 -23.24 -25.16
CA ALA B 276 -5.79 -22.91 -24.21
C ALA B 276 -6.26 -23.22 -22.79
N LEU B 277 -6.35 -24.51 -22.48
CA LEU B 277 -6.90 -24.93 -21.19
C LEU B 277 -6.03 -26.00 -20.56
N SER B 278 -5.58 -25.74 -19.33
CA SER B 278 -4.70 -26.63 -18.59
C SER B 278 -4.88 -26.33 -17.12
N PRO B 279 -4.48 -27.24 -16.21
CA PRO B 279 -4.56 -26.96 -14.77
C PRO B 279 -3.86 -25.66 -14.37
N GLN B 280 -2.99 -25.12 -15.23
CA GLN B 280 -2.42 -23.81 -14.92
C GLN B 280 -3.28 -22.66 -15.41
N THR B 281 -4.34 -22.92 -16.17
CA THR B 281 -5.27 -21.86 -16.57
C THR B 281 -5.85 -21.11 -15.37
N ARG B 282 -5.59 -19.80 -15.31
CA ARG B 282 -6.07 -19.11 -14.14
C ARG B 282 -7.51 -18.61 -14.34
N VAL B 283 -7.79 -18.03 -15.50
CA VAL B 283 -9.15 -17.58 -15.83
C VAL B 283 -9.46 -17.93 -17.28
N ALA B 284 -10.52 -18.73 -17.49
CA ALA B 284 -11.02 -19.04 -18.82
C ALA B 284 -11.87 -17.88 -19.33
N LEU B 285 -11.61 -17.42 -20.53
CA LEU B 285 -12.28 -16.23 -21.02
C LEU B 285 -13.53 -16.60 -21.83
N THR B 286 -14.56 -15.77 -21.67
CA THR B 286 -15.75 -15.81 -22.51
C THR B 286 -15.83 -14.50 -23.27
N LEU B 287 -15.19 -14.46 -24.46
CA LEU B 287 -15.12 -13.22 -25.22
C LEU B 287 -16.49 -12.75 -25.67
N LYS B 288 -16.63 -11.44 -25.83
CA LYS B 288 -17.89 -10.84 -26.21
C LYS B 288 -17.59 -9.54 -26.95
N HIS B 289 -18.58 -9.03 -27.68
CA HIS B 289 -19.81 -9.72 -28.07
C HIS B 289 -19.75 -10.10 -29.55
N PHE B 290 -19.58 -11.41 -29.81
CA PHE B 290 -19.40 -11.90 -31.16
C PHE B 290 -20.59 -11.53 -32.04
N PRO B 291 -20.37 -11.12 -33.30
CA PRO B 291 -19.09 -10.93 -33.97
C PRO B 291 -18.57 -9.50 -33.94
N GLY B 292 -19.14 -8.65 -33.08
CA GLY B 292 -18.71 -7.27 -33.00
C GLY B 292 -19.85 -6.35 -32.65
N GLY B 293 -19.90 -5.92 -31.38
CA GLY B 293 -20.95 -5.04 -30.93
C GLY B 293 -20.80 -3.59 -31.35
N GLY B 294 -19.63 -3.22 -31.85
CA GLY B 294 -19.27 -1.84 -32.09
C GLY B 294 -20.16 -1.02 -33.01
N PRO B 295 -20.41 -1.50 -34.23
CA PRO B 295 -21.01 -0.59 -35.23
C PRO B 295 -22.53 -0.51 -35.15
N GLN B 296 -23.01 0.19 -34.12
CA GLN B 296 -24.44 0.28 -33.81
C GLN B 296 -25.02 1.49 -34.52
N GLU B 297 -26.09 1.28 -35.28
CA GLU B 297 -26.67 2.40 -36.01
C GLU B 297 -27.15 3.46 -35.01
N LEU B 298 -26.64 4.68 -35.20
CA LEU B 298 -26.89 5.83 -34.33
C LEU B 298 -26.33 5.63 -32.94
N GLY B 299 -25.40 4.69 -32.78
CA GLY B 299 -24.90 4.31 -31.48
C GLY B 299 -25.97 3.80 -30.52
N LEU B 300 -27.17 3.53 -31.02
CA LEU B 300 -28.21 3.02 -30.14
C LEU B 300 -27.93 1.57 -29.79
N ASP B 301 -28.13 1.23 -28.53
CA ASP B 301 -27.69 -0.09 -28.11
C ASP B 301 -28.86 -1.06 -28.15
N PRO B 302 -28.65 -2.28 -28.62
CA PRO B 302 -29.76 -3.23 -28.78
C PRO B 302 -30.18 -3.94 -27.51
N HIS B 303 -29.70 -3.56 -26.32
CA HIS B 303 -30.49 -3.89 -25.13
C HIS B 303 -31.90 -3.37 -25.32
N TYR B 304 -32.03 -2.32 -26.12
CA TYR B 304 -33.25 -1.55 -26.32
C TYR B 304 -33.86 -1.85 -27.69
N ALA B 305 -35.19 -1.78 -27.74
CA ALA B 305 -35.90 -2.09 -28.99
C ALA B 305 -35.56 -1.10 -30.09
N PHE B 306 -35.47 0.19 -29.79
CA PHE B 306 -35.12 1.11 -30.87
C PHE B 306 -33.74 0.83 -31.45
N GLY B 307 -32.90 0.04 -30.77
CA GLY B 307 -31.49 -0.08 -31.13
C GLY B 307 -31.05 -1.39 -31.75
N LYS B 308 -31.99 -2.15 -32.32
CA LYS B 308 -31.68 -3.49 -32.82
C LYS B 308 -30.63 -3.51 -33.92
N ALA B 309 -30.41 -2.40 -34.62
CA ALA B 309 -29.64 -2.39 -35.86
C ALA B 309 -28.14 -2.19 -35.64
N GLN B 310 -27.34 -3.05 -36.27
CA GLN B 310 -25.92 -2.79 -36.51
C GLN B 310 -25.75 -2.59 -38.01
N VAL B 311 -25.11 -1.49 -38.41
CA VAL B 311 -24.99 -1.16 -39.81
C VAL B 311 -23.51 -1.07 -40.19
N TYR B 312 -23.23 -1.34 -41.46
CA TYR B 312 -21.85 -1.49 -41.95
C TYR B 312 -21.63 -0.67 -43.23
N PRO B 313 -21.82 0.65 -43.17
CA PRO B 313 -21.67 1.46 -44.40
C PRO B 313 -20.28 1.39 -45.01
N ALA B 314 -19.23 1.18 -44.20
CA ALA B 314 -17.91 0.99 -44.78
C ALA B 314 -17.59 -0.47 -45.04
N GLY B 315 -18.58 -1.35 -44.95
CA GLY B 315 -18.39 -2.78 -45.20
C GLY B 315 -17.21 -3.38 -44.48
N ARG B 316 -17.14 -3.18 -43.17
CA ARG B 316 -16.02 -3.66 -42.36
C ARG B 316 -16.45 -4.76 -41.40
N PHE B 317 -17.59 -5.38 -41.66
CA PHE B 317 -18.08 -6.52 -40.88
C PHE B 317 -16.92 -7.46 -40.54
N GLU B 318 -16.04 -7.70 -41.52
CA GLU B 318 -14.93 -8.63 -41.30
C GLU B 318 -13.86 -8.04 -40.38
N GLU B 319 -13.61 -6.73 -40.45
CA GLU B 319 -12.65 -6.13 -39.55
C GLU B 319 -13.12 -6.24 -38.10
N HIS B 320 -14.43 -6.17 -37.89
CA HIS B 320 -14.98 -6.15 -36.54
C HIS B 320 -14.85 -7.48 -35.82
N PHE B 321 -14.81 -8.60 -36.52
CA PHE B 321 -14.60 -9.85 -35.81
C PHE B 321 -13.16 -10.35 -35.94
N LEU B 322 -12.29 -9.56 -36.53
CA LEU B 322 -10.86 -9.88 -36.48
C LEU B 322 -10.36 -10.15 -35.07
N PRO B 323 -10.73 -9.38 -34.03
CA PRO B 323 -10.27 -9.69 -32.67
C PRO B 323 -10.73 -11.05 -32.17
N PHE B 324 -11.90 -11.50 -32.60
CA PHE B 324 -12.37 -12.79 -32.13
C PHE B 324 -11.56 -13.93 -32.75
N GLN B 325 -11.30 -13.88 -34.06
CA GLN B 325 -10.44 -14.90 -34.67
C GLN B 325 -9.10 -15.00 -33.94
N ALA B 326 -8.43 -13.86 -33.74
CA ALA B 326 -7.20 -13.85 -32.97
C ALA B 326 -7.37 -14.61 -31.66
N ALA B 327 -8.47 -14.33 -30.95
CA ALA B 327 -8.72 -14.96 -29.66
C ALA B 327 -8.97 -16.45 -29.79
N ILE B 328 -9.73 -16.86 -30.81
CA ILE B 328 -9.95 -18.28 -31.05
C ILE B 328 -8.64 -18.98 -31.41
N ASP B 329 -7.84 -18.34 -32.27
CA ASP B 329 -6.55 -18.91 -32.66
C ASP B 329 -5.66 -19.14 -31.45
N ALA B 330 -5.82 -18.35 -30.39
CA ALA B 330 -5.06 -18.56 -29.16
C ALA B 330 -5.71 -19.60 -28.25
N GLY B 331 -6.96 -19.96 -28.50
CA GLY B 331 -7.60 -21.03 -27.78
C GLY B 331 -8.56 -20.54 -26.72
N VAL B 332 -9.20 -19.39 -26.94
CA VAL B 332 -10.16 -18.87 -25.99
C VAL B 332 -11.21 -19.92 -25.66
N SER B 333 -11.62 -19.99 -24.40
CA SER B 333 -12.48 -21.08 -23.98
C SER B 333 -13.89 -20.92 -24.53
N SER B 334 -14.39 -19.68 -24.62
CA SER B 334 -15.84 -19.51 -24.84
C SER B 334 -16.14 -18.20 -25.56
N ILE B 335 -17.40 -18.05 -25.98
CA ILE B 335 -17.82 -16.91 -26.80
C ILE B 335 -19.25 -16.50 -26.45
N MET B 336 -19.47 -15.19 -26.29
CA MET B 336 -20.82 -14.62 -26.14
C MET B 336 -21.22 -13.90 -27.41
N PRO B 337 -22.34 -14.28 -28.06
CA PRO B 337 -22.86 -13.50 -29.19
C PRO B 337 -23.54 -12.22 -28.72
N TYR B 338 -23.65 -11.26 -29.63
CA TYR B 338 -24.44 -10.08 -29.29
C TYR B 338 -25.88 -10.28 -29.76
N TYR B 339 -26.74 -9.31 -29.45
CA TYR B 339 -28.16 -9.42 -29.83
C TYR B 339 -28.49 -8.42 -30.93
N GLY B 340 -27.51 -7.66 -31.38
CA GLY B 340 -27.75 -6.78 -32.51
C GLY B 340 -28.19 -7.53 -33.76
N VAL B 341 -28.79 -6.85 -34.72
CA VAL B 341 -29.27 -7.47 -35.96
C VAL B 341 -28.41 -6.97 -37.11
N PRO B 342 -27.77 -7.87 -37.89
CA PRO B 342 -26.87 -7.44 -38.98
C PRO B 342 -27.57 -7.07 -40.28
N VAL B 343 -27.78 -5.76 -40.47
CA VAL B 343 -28.51 -5.24 -41.62
C VAL B 343 -27.67 -5.35 -42.89
N ASP B 344 -28.16 -6.15 -43.85
CA ASP B 344 -27.66 -6.19 -45.23
C ASP B 344 -26.15 -6.50 -45.27
N VAL B 345 -25.76 -7.58 -44.60
CA VAL B 345 -24.37 -7.92 -44.42
C VAL B 345 -24.04 -9.15 -45.28
N PRO B 346 -23.20 -9.02 -46.31
CA PRO B 346 -22.69 -10.18 -47.05
C PRO B 346 -22.30 -11.37 -46.18
N VAL B 347 -22.89 -12.54 -46.41
CA VAL B 347 -22.43 -13.75 -45.72
C VAL B 347 -21.00 -14.06 -46.13
N VAL B 348 -20.13 -14.26 -45.14
CA VAL B 348 -18.72 -14.52 -45.43
C VAL B 348 -18.59 -15.94 -45.96
N GLY B 349 -17.89 -16.10 -47.08
CA GLY B 349 -17.80 -17.42 -47.68
C GLY B 349 -19.10 -17.98 -48.20
N GLY B 350 -19.97 -17.15 -48.79
CA GLY B 350 -21.25 -17.61 -49.25
C GLY B 350 -21.45 -17.28 -50.73
N GLU B 351 -22.62 -17.69 -51.25
CA GLU B 351 -22.94 -17.43 -52.65
C GLU B 351 -22.95 -15.93 -52.82
N PRO B 352 -22.41 -15.38 -53.90
CA PRO B 352 -22.39 -13.92 -54.07
C PRO B 352 -23.79 -13.31 -53.99
N GLY B 353 -23.91 -12.17 -53.27
CA GLY B 353 -25.16 -11.45 -53.15
C GLY B 353 -25.98 -11.78 -51.90
N GLU B 354 -25.80 -12.97 -51.34
CA GLU B 354 -26.53 -13.36 -50.15
C GLU B 354 -26.14 -12.54 -48.92
N THR B 355 -27.14 -12.26 -48.07
CA THR B 355 -26.95 -11.56 -46.81
C THR B 355 -27.40 -12.45 -45.65
N TYR B 356 -26.80 -12.20 -44.48
CA TYR B 356 -27.16 -12.85 -43.23
C TYR B 356 -28.62 -12.57 -42.85
N PRO B 357 -29.27 -13.48 -42.12
CA PRO B 357 -30.64 -13.21 -41.67
C PRO B 357 -30.70 -11.92 -40.86
N HIS B 358 -31.79 -11.19 -41.03
CA HIS B 358 -32.05 -9.99 -40.24
C HIS B 358 -32.69 -10.37 -38.90
N THR B 359 -31.92 -11.14 -38.14
CA THR B 359 -32.24 -11.50 -36.76
C THR B 359 -30.99 -11.29 -35.91
N GLY B 360 -31.22 -11.02 -34.62
CA GLY B 360 -30.16 -10.97 -33.63
C GLY B 360 -29.16 -12.11 -33.70
N PHE B 361 -27.86 -11.78 -33.63
CA PHE B 361 -26.79 -12.77 -33.77
C PHE B 361 -27.00 -13.97 -32.88
N ALA B 362 -27.46 -13.73 -31.64
CA ALA B 362 -27.57 -14.81 -30.67
C ALA B 362 -28.50 -15.92 -31.14
N PHE B 363 -29.40 -15.61 -32.07
CA PHE B 363 -30.42 -16.54 -32.54
C PHE B 363 -30.18 -17.05 -33.95
N SER B 364 -29.16 -16.55 -34.64
CA SER B 364 -28.96 -16.88 -36.04
C SER B 364 -27.90 -17.97 -36.18
N ASP B 365 -28.33 -19.14 -36.67
CA ASP B 365 -27.42 -20.25 -36.90
C ASP B 365 -26.32 -19.88 -37.88
N SER B 366 -26.66 -19.10 -38.91
CA SER B 366 -25.65 -18.68 -39.88
C SER B 366 -24.47 -18.00 -39.23
N ILE B 367 -24.67 -17.37 -38.08
CA ILE B 367 -23.60 -16.61 -37.43
C ILE B 367 -22.88 -17.46 -36.38
N VAL B 368 -23.63 -18.10 -35.49
CA VAL B 368 -23.02 -18.78 -34.36
C VAL B 368 -22.49 -20.17 -34.74
N ASN B 369 -23.09 -20.83 -35.72
CA ASN B 369 -22.52 -22.07 -36.29
C ASN B 369 -21.85 -21.85 -37.64
N GLY B 370 -22.46 -21.06 -38.52
CA GLY B 370 -21.83 -20.74 -39.79
C GLY B 370 -20.52 -20.01 -39.64
N LEU B 371 -20.57 -18.75 -39.17
CA LEU B 371 -19.37 -17.92 -39.13
C LEU B 371 -18.45 -18.36 -38.01
N LEU B 372 -18.95 -18.38 -36.78
CA LEU B 372 -18.12 -18.70 -35.63
C LEU B 372 -17.39 -20.03 -35.80
N ARG B 373 -18.12 -21.08 -36.13
CA ARG B 373 -17.54 -22.42 -36.13
C ARG B 373 -17.03 -22.86 -37.49
N ASP B 374 -17.83 -22.71 -38.55
CA ASP B 374 -17.42 -23.24 -39.84
C ASP B 374 -16.46 -22.30 -40.56
N GLN B 375 -16.68 -21.00 -40.48
CA GLN B 375 -15.77 -20.07 -41.13
C GLN B 375 -14.53 -19.80 -40.28
N LEU B 376 -14.68 -19.65 -38.96
CA LEU B 376 -13.56 -19.24 -38.12
C LEU B 376 -12.94 -20.39 -37.32
N GLY B 377 -13.59 -21.54 -37.24
CA GLY B 377 -12.91 -22.68 -36.68
C GLY B 377 -12.96 -22.79 -35.18
N PHE B 378 -13.88 -22.08 -34.52
CA PHE B 378 -13.96 -22.12 -33.07
C PHE B 378 -14.39 -23.51 -32.63
N THR B 379 -13.74 -24.02 -31.58
CA THR B 379 -14.01 -25.36 -31.09
C THR B 379 -14.47 -25.39 -29.65
N GLY B 380 -14.83 -24.25 -29.07
CA GLY B 380 -15.28 -24.24 -27.70
C GLY B 380 -16.79 -24.13 -27.63
N TYR B 381 -17.29 -23.56 -26.54
CA TYR B 381 -18.72 -23.47 -26.33
C TYR B 381 -19.20 -22.03 -26.43
N VAL B 382 -20.52 -21.87 -26.51
CA VAL B 382 -21.12 -20.56 -26.68
C VAL B 382 -22.00 -20.28 -25.47
N ASN B 383 -21.69 -19.19 -24.77
CA ASN B 383 -22.43 -18.72 -23.60
C ASN B 383 -23.37 -17.62 -24.08
N SER B 384 -24.66 -17.86 -23.92
CA SER B 384 -25.66 -16.87 -24.31
C SER B 384 -25.52 -15.58 -23.48
N ASN B 385 -26.03 -14.48 -24.03
CA ASN B 385 -26.19 -13.26 -23.25
C ASN B 385 -27.24 -13.44 -22.17
N THR B 386 -27.25 -12.50 -21.23
CA THR B 386 -28.11 -12.53 -20.06
C THR B 386 -29.30 -11.62 -20.28
N GLY B 387 -30.49 -12.15 -20.00
CA GLY B 387 -31.67 -11.31 -20.00
C GLY B 387 -32.12 -10.85 -21.36
N ILE B 388 -31.79 -11.60 -22.42
CA ILE B 388 -32.19 -11.22 -23.77
C ILE B 388 -33.00 -12.36 -24.36
N ILE B 389 -32.70 -13.58 -23.94
CA ILE B 389 -33.27 -14.78 -24.50
C ILE B 389 -34.77 -14.90 -24.28
N ASN B 390 -35.38 -14.03 -23.48
CA ASN B 390 -36.83 -13.99 -23.46
C ASN B 390 -37.40 -12.75 -24.15
N ASP B 391 -36.86 -11.58 -23.86
CA ASP B 391 -37.49 -10.33 -24.24
C ASP B 391 -36.73 -9.51 -25.28
N ARG B 392 -35.58 -9.98 -25.78
CA ARG B 392 -34.80 -9.18 -26.74
C ARG B 392 -34.36 -10.06 -27.92
N ALA B 393 -35.23 -10.98 -28.32
CA ALA B 393 -35.02 -11.82 -29.51
C ALA B 393 -35.41 -11.02 -30.75
N TRP B 394 -34.49 -10.19 -31.22
CA TRP B 394 -34.75 -9.36 -32.39
C TRP B 394 -34.89 -10.17 -33.67
N GLY B 395 -35.91 -9.83 -34.46
CA GLY B 395 -36.31 -10.60 -35.61
C GLY B 395 -37.29 -11.70 -35.28
N LEU B 396 -37.52 -11.97 -34.00
CA LEU B 396 -38.43 -13.02 -33.56
C LEU B 396 -39.48 -12.46 -32.61
N GLU B 397 -39.94 -11.23 -32.85
CA GLU B 397 -40.95 -10.60 -32.02
C GLU B 397 -42.25 -11.40 -32.00
N GLY B 398 -42.55 -12.10 -33.10
CA GLY B 398 -43.76 -12.91 -33.13
C GLY B 398 -43.63 -14.22 -32.38
N ASN B 399 -42.43 -14.78 -32.30
CA ASN B 399 -42.27 -16.11 -31.75
C ASN B 399 -42.60 -16.16 -30.26
N THR B 400 -42.78 -17.38 -29.77
CA THR B 400 -42.91 -17.61 -28.35
C THR B 400 -41.51 -17.67 -27.72
N VAL B 401 -41.46 -17.72 -26.39
CA VAL B 401 -40.17 -17.80 -25.70
C VAL B 401 -39.57 -19.18 -25.96
N PRO B 402 -40.30 -20.28 -25.80
CA PRO B 402 -39.72 -21.58 -26.20
C PRO B 402 -39.22 -21.58 -27.63
N GLU B 403 -39.89 -20.90 -28.56
CA GLU B 403 -39.33 -20.81 -29.90
C GLU B 403 -38.05 -19.99 -29.90
N ARG B 404 -38.03 -18.88 -29.15
CA ARG B 404 -36.83 -18.04 -29.09
C ARG B 404 -35.67 -18.79 -28.45
N VAL B 405 -35.95 -19.53 -27.38
CA VAL B 405 -34.90 -20.33 -26.75
C VAL B 405 -34.30 -21.31 -27.75
N ALA B 406 -35.16 -22.07 -28.43
CA ALA B 406 -34.68 -23.11 -29.33
C ALA B 406 -33.89 -22.51 -30.48
N ALA B 407 -34.34 -21.38 -31.01
CA ALA B 407 -33.60 -20.75 -32.10
C ALA B 407 -32.14 -20.53 -31.72
N ALA B 408 -31.89 -20.08 -30.49
CA ALA B 408 -30.54 -19.81 -30.00
C ALA B 408 -29.74 -21.09 -29.77
N ILE B 409 -30.35 -22.10 -29.15
CA ILE B 409 -29.63 -23.35 -28.85
C ILE B 409 -29.25 -24.06 -30.15
N ASN B 410 -30.23 -24.29 -31.03
CA ASN B 410 -29.91 -24.94 -32.30
C ASN B 410 -29.09 -24.01 -33.18
N GLY B 411 -29.25 -22.70 -33.00
CA GLY B 411 -28.33 -21.71 -33.55
C GLY B 411 -26.90 -21.87 -33.08
N GLY B 412 -26.70 -22.58 -31.97
CA GLY B 412 -25.35 -22.87 -31.51
C GLY B 412 -25.00 -22.48 -30.09
N THR B 413 -25.87 -21.71 -29.43
CA THR B 413 -25.67 -21.42 -28.02
C THR B 413 -25.77 -22.68 -27.17
N ASP B 414 -24.78 -22.88 -26.29
CA ASP B 414 -24.69 -24.10 -25.50
C ASP B 414 -25.10 -23.91 -24.06
N THR B 415 -25.12 -22.69 -23.56
CA THR B 415 -25.50 -22.48 -22.17
C THR B 415 -26.19 -21.13 -22.10
N LEU B 416 -27.25 -21.06 -21.30
CA LEU B 416 -28.15 -19.91 -21.30
C LEU B 416 -27.95 -19.17 -20.01
N SER B 417 -27.64 -17.88 -20.12
CA SER B 417 -27.34 -17.05 -18.97
C SER B 417 -28.60 -16.34 -18.50
N GLY B 418 -28.76 -16.27 -17.19
CA GLY B 418 -29.97 -15.75 -16.59
C GLY B 418 -31.13 -16.70 -16.67
N PHE B 419 -30.87 -17.99 -16.84
CA PHE B 419 -31.88 -19.03 -16.85
C PHE B 419 -31.59 -19.99 -15.70
N SER B 420 -32.61 -20.33 -14.91
CA SER B 420 -32.30 -21.12 -13.71
C SER B 420 -33.34 -22.21 -13.44
N ASP B 421 -34.15 -22.58 -14.44
CA ASP B 421 -35.14 -23.67 -14.29
C ASP B 421 -34.89 -24.64 -15.44
N VAL B 422 -34.23 -25.76 -15.11
CA VAL B 422 -33.89 -26.74 -16.15
C VAL B 422 -35.14 -27.23 -16.89
N SER B 423 -36.30 -27.25 -16.23
CA SER B 423 -37.55 -27.65 -16.92
C SER B 423 -37.71 -26.98 -18.28
N VAL B 424 -37.20 -25.76 -18.43
CA VAL B 424 -37.27 -25.09 -19.72
C VAL B 424 -36.54 -25.88 -20.80
N ILE B 425 -35.32 -26.34 -20.50
CA ILE B 425 -34.55 -27.14 -21.44
C ILE B 425 -35.26 -28.45 -21.75
N THR B 426 -35.65 -29.19 -20.70
CA THR B 426 -36.31 -30.48 -20.88
C THR B 426 -37.61 -30.32 -21.66
N ASP B 427 -38.40 -29.30 -21.31
CA ASP B 427 -39.65 -29.06 -22.01
C ASP B 427 -39.43 -28.88 -23.51
N LEU B 428 -38.37 -28.16 -23.88
CA LEU B 428 -38.07 -27.96 -25.30
C LEU B 428 -37.75 -29.27 -26.02
N TYR B 429 -37.05 -30.18 -25.33
CA TYR B 429 -36.80 -31.49 -25.91
C TYR B 429 -38.12 -32.24 -26.12
N GLU B 430 -38.97 -32.24 -25.10
CA GLU B 430 -40.24 -32.96 -25.16
C GLU B 430 -41.28 -32.24 -26.01
N ALA B 431 -41.01 -31.01 -26.41
CA ALA B 431 -41.78 -30.29 -27.41
C ALA B 431 -41.09 -30.26 -28.77
N ASP B 432 -40.10 -31.14 -28.97
CA ASP B 432 -39.43 -31.33 -30.26
C ASP B 432 -38.85 -30.04 -30.82
N LEU B 433 -38.37 -29.16 -29.94
CA LEU B 433 -37.66 -28.02 -30.48
C LEU B 433 -36.15 -28.22 -30.52
N ILE B 434 -35.62 -29.19 -29.76
CA ILE B 434 -34.19 -29.48 -29.72
C ILE B 434 -34.02 -30.98 -29.52
N SER B 435 -33.16 -31.58 -30.34
CA SER B 435 -32.82 -32.99 -30.25
C SER B 435 -32.00 -33.28 -28.99
N GLU B 436 -31.97 -34.55 -28.59
CA GLU B 436 -31.05 -34.97 -27.53
C GLU B 436 -29.58 -34.93 -27.99
N GLU B 437 -29.31 -35.00 -29.31
CA GLU B 437 -27.93 -34.95 -29.81
C GLU B 437 -27.37 -33.58 -29.40
N ARG B 438 -28.23 -32.56 -29.48
CA ARG B 438 -27.84 -31.18 -29.20
C ARG B 438 -27.49 -31.00 -27.74
N ILE B 439 -28.38 -31.45 -26.86
CA ILE B 439 -28.07 -31.43 -25.44
C ILE B 439 -26.75 -32.16 -25.20
N ASP B 440 -26.61 -33.31 -25.85
CA ASP B 440 -25.37 -34.08 -25.78
C ASP B 440 -24.19 -33.28 -26.33
N LEU B 441 -24.38 -32.59 -27.44
CA LEU B 441 -23.30 -31.78 -28.00
C LEU B 441 -22.95 -30.60 -27.10
N ALA B 442 -23.96 -29.99 -26.48
CA ALA B 442 -23.69 -28.95 -25.49
C ALA B 442 -22.95 -29.53 -24.30
N ALA B 443 -23.53 -30.54 -23.65
CA ALA B 443 -22.89 -31.18 -22.51
C ALA B 443 -21.43 -31.50 -22.79
N GLU B 444 -21.14 -32.12 -23.94
CA GLU B 444 -19.75 -32.38 -24.32
C GLU B 444 -18.95 -31.08 -24.28
N ARG B 445 -19.43 -30.04 -24.97
CA ARG B 445 -18.66 -28.81 -25.07
C ARG B 445 -18.48 -28.15 -23.71
N LEU B 446 -19.45 -28.30 -22.82
CA LEU B 446 -19.42 -27.62 -21.54
C LEU B 446 -18.57 -28.35 -20.53
N LEU B 447 -18.51 -29.68 -20.64
CA LEU B 447 -17.69 -30.46 -19.73
C LEU B 447 -16.21 -30.36 -20.07
N GLU B 448 -15.86 -30.15 -21.34
CA GLU B 448 -14.44 -30.19 -21.71
C GLU B 448 -13.58 -29.21 -20.92
N PRO B 449 -13.93 -27.93 -20.78
CA PRO B 449 -13.06 -27.02 -20.02
C PRO B 449 -12.89 -27.41 -18.56
N LEU B 450 -13.92 -27.90 -17.89
CA LEU B 450 -13.76 -28.27 -16.48
C LEU B 450 -12.72 -29.36 -16.32
N PHE B 451 -12.75 -30.37 -17.19
CA PHE B 451 -11.71 -31.41 -17.17
C PHE B 451 -10.34 -30.80 -17.41
N ASP B 452 -10.20 -30.10 -18.53
CA ASP B 452 -8.90 -29.57 -18.94
C ASP B 452 -8.31 -28.64 -17.90
N MET B 453 -9.14 -27.89 -17.18
CA MET B 453 -8.66 -27.00 -16.13
C MET B 453 -8.44 -27.73 -14.81
N GLY B 454 -8.57 -29.04 -14.80
CA GLY B 454 -8.22 -29.77 -13.59
C GLY B 454 -9.20 -29.69 -12.46
N LEU B 455 -10.40 -29.13 -12.71
CA LEU B 455 -11.39 -28.94 -11.64
C LEU B 455 -11.98 -30.25 -11.14
N PHE B 456 -11.89 -31.34 -11.93
CA PHE B 456 -12.33 -32.63 -11.42
C PHE B 456 -11.31 -33.27 -10.48
N GLU B 457 -10.08 -32.77 -10.46
CA GLU B 457 -9.03 -33.20 -9.55
C GLU B 457 -9.01 -32.35 -8.29
N ASN B 458 -8.98 -31.02 -8.45
CA ASN B 458 -9.09 -30.16 -7.28
C ASN B 458 -9.85 -28.90 -7.68
N PRO B 459 -11.09 -28.73 -7.21
CA PRO B 459 -11.84 -27.49 -7.48
C PRO B 459 -11.79 -26.44 -6.39
N TYR B 460 -11.04 -26.68 -5.31
CA TYR B 460 -11.00 -25.81 -4.15
C TYR B 460 -9.78 -24.88 -4.16
N VAL B 461 -9.83 -23.89 -3.27
CA VAL B 461 -8.76 -22.93 -3.07
C VAL B 461 -8.57 -22.72 -1.56
N ASP B 462 -7.38 -22.24 -1.20
CA ASP B 462 -7.07 -21.84 0.17
C ASP B 462 -7.45 -20.39 0.42
N PRO B 463 -8.41 -20.13 1.31
CA PRO B 463 -8.84 -18.74 1.54
C PRO B 463 -7.80 -17.80 2.15
N ASP B 464 -6.95 -18.25 3.08
CA ASP B 464 -5.84 -17.40 3.56
C ASP B 464 -5.04 -16.79 2.40
N VAL B 465 -4.73 -17.59 1.39
CA VAL B 465 -3.84 -17.12 0.31
C VAL B 465 -4.51 -16.01 -0.48
N ALA B 466 -5.86 -16.00 -0.53
CA ALA B 466 -6.54 -14.90 -1.21
C ALA B 466 -6.34 -13.58 -0.45
N THR B 467 -6.47 -13.62 0.89
CA THR B 467 -6.07 -12.48 1.72
C THR B 467 -4.69 -11.98 1.33
N ALA B 468 -3.73 -12.90 1.14
CA ALA B 468 -2.39 -12.49 0.75
C ALA B 468 -2.24 -12.10 -0.71
N THR B 469 -3.21 -12.41 -1.57
CA THR B 469 -3.04 -12.21 -3.01
C THR B 469 -3.80 -11.00 -3.53
N VAL B 470 -5.06 -10.83 -3.11
CA VAL B 470 -5.93 -9.83 -3.71
C VAL B 470 -5.55 -8.45 -3.20
N GLY B 471 -5.00 -7.61 -4.06
CA GLY B 471 -4.63 -6.28 -3.68
C GLY B 471 -3.26 -6.17 -3.06
N ALA B 472 -2.39 -7.16 -3.28
CA ALA B 472 -1.00 -7.10 -2.85
C ALA B 472 -0.34 -5.80 -3.30
N ASP B 473 0.60 -5.33 -2.44
CA ASP B 473 1.37 -4.12 -2.76
C ASP B 473 2.11 -4.26 -4.08
N ASP B 474 2.77 -5.41 -4.31
CA ASP B 474 3.40 -5.60 -5.61
C ASP B 474 2.38 -5.50 -6.73
N HIS B 475 1.19 -6.10 -6.53
CA HIS B 475 0.15 -6.00 -7.55
C HIS B 475 -0.36 -4.56 -7.71
N ARG B 476 -0.59 -3.84 -6.60
CA ARG B 476 -1.09 -2.48 -6.82
C ARG B 476 -0.04 -1.62 -7.50
N ALA B 477 1.24 -1.91 -7.30
CA ALA B 477 2.27 -1.17 -7.99
C ALA B 477 2.11 -1.29 -9.50
N VAL B 478 1.87 -2.51 -10.00
CA VAL B 478 1.69 -2.67 -11.44
C VAL B 478 0.54 -1.80 -11.92
N GLY B 479 -0.57 -1.82 -11.17
CA GLY B 479 -1.72 -0.98 -11.52
C GLY B 479 -1.41 0.50 -11.52
N LEU B 480 -0.68 0.95 -10.50
CA LEU B 480 -0.38 2.37 -10.46
C LEU B 480 0.54 2.77 -11.61
N ASP B 481 1.46 1.89 -12.00
CA ASP B 481 2.33 2.19 -13.15
C ASP B 481 1.50 2.33 -14.42
N LEU B 482 0.56 1.42 -14.64
CA LEU B 482 -0.24 1.52 -15.86
C LEU B 482 -1.17 2.73 -15.79
N GLN B 483 -1.68 3.04 -14.59
CA GLN B 483 -2.48 4.26 -14.42
C GLN B 483 -1.71 5.47 -14.91
N ARG B 484 -0.44 5.59 -14.51
CA ARG B 484 0.37 6.72 -14.90
C ARG B 484 0.74 6.68 -16.39
N LYS B 485 0.80 5.47 -16.99
CA LYS B 485 1.10 5.34 -18.42
C LYS B 485 -0.17 5.38 -19.27
N SER B 486 -1.34 5.30 -18.64
CA SER B 486 -2.60 5.41 -19.35
C SER B 486 -2.95 6.86 -19.68
N LEU B 487 -2.45 7.81 -18.88
CA LEU B 487 -2.85 9.20 -19.02
C LEU B 487 -2.31 9.76 -20.34
N VAL B 488 -3.18 10.42 -21.10
CA VAL B 488 -2.77 10.95 -22.44
C VAL B 488 -2.88 12.48 -22.41
N LEU B 489 -1.82 13.17 -22.84
CA LEU B 489 -1.84 14.65 -22.88
C LEU B 489 -2.23 15.09 -24.30
N LEU B 490 -3.37 15.75 -24.44
CA LEU B 490 -3.87 16.14 -25.78
C LEU B 490 -3.46 17.57 -26.11
N GLN B 491 -3.17 18.38 -25.09
CA GLN B 491 -2.83 19.80 -25.32
C GLN B 491 -1.95 20.34 -24.19
N ASN B 492 -0.92 21.10 -24.54
CA ASN B 492 -0.03 21.72 -23.52
C ASN B 492 0.51 23.03 -24.12
N GLU B 493 -0.24 24.11 -23.96
CA GLU B 493 0.16 25.42 -24.58
C GLU B 493 1.50 25.89 -24.01
N GLU B 494 2.30 26.57 -24.83
CA GLU B 494 3.60 27.11 -24.36
C GLU B 494 3.40 28.56 -23.95
N THR B 495 3.44 28.83 -22.64
CA THR B 495 3.24 30.20 -22.12
C THR B 495 4.56 30.97 -22.15
N ASP B 496 4.52 32.24 -21.75
CA ASP B 496 5.75 33.07 -21.73
C ASP B 496 6.77 32.42 -20.80
N GLU B 497 6.31 31.95 -19.63
CA GLU B 497 7.22 31.29 -18.66
C GLU B 497 7.57 29.89 -19.18
N GLY B 498 6.85 29.40 -20.19
CA GLY B 498 7.16 28.09 -20.78
C GLY B 498 5.93 27.23 -20.96
N PRO B 499 6.05 25.89 -21.11
CA PRO B 499 4.90 25.00 -21.23
C PRO B 499 4.11 24.91 -19.92
N VAL B 500 2.78 24.91 -20.00
CA VAL B 500 1.92 24.88 -18.78
C VAL B 500 2.31 23.67 -17.93
N LEU B 501 2.46 22.51 -18.56
CA LEU B 501 2.81 21.27 -17.84
C LEU B 501 4.20 20.80 -18.29
N PRO B 502 5.10 20.38 -17.36
CA PRO B 502 4.69 19.99 -16.01
C PRO B 502 4.32 21.18 -15.12
N LEU B 503 3.67 20.91 -13.98
CA LEU B 503 3.26 21.99 -13.06
C LEU B 503 4.48 22.54 -12.33
N LYS B 504 4.54 23.85 -12.15
CA LYS B 504 5.66 24.45 -11.38
C LYS B 504 5.52 24.02 -9.92
N GLU B 505 6.64 23.92 -9.21
CA GLU B 505 6.62 23.52 -7.78
C GLU B 505 5.92 24.60 -6.96
N GLY B 506 4.90 24.23 -6.19
CA GLY B 506 4.24 25.20 -5.30
C GLY B 506 3.28 26.11 -6.04
N GLY B 507 2.33 26.72 -5.31
CA GLY B 507 1.38 27.66 -5.93
C GLY B 507 0.01 27.60 -5.31
N ASP B 508 -0.87 28.54 -5.68
CA ASP B 508 -2.27 28.52 -5.20
C ASP B 508 -3.09 27.80 -6.27
N VAL B 509 -3.81 26.74 -5.91
CA VAL B 509 -4.49 25.93 -6.92
C VAL B 509 -5.96 25.74 -6.55
N TYR B 510 -6.83 26.07 -7.49
CA TYR B 510 -8.27 25.87 -7.38
C TYR B 510 -8.65 24.52 -7.99
N ILE B 511 -9.53 23.77 -7.32
CA ILE B 511 -9.94 22.46 -7.81
C ILE B 511 -11.45 22.40 -8.02
N LEU B 512 -11.85 21.70 -9.09
CA LEU B 512 -13.25 21.46 -9.45
C LEU B 512 -13.36 20.03 -9.96
N GLY B 513 -14.33 19.28 -9.45
CA GLY B 513 -14.48 17.89 -9.85
C GLY B 513 -13.90 16.92 -8.82
N ASP B 514 -14.01 15.62 -9.12
CA ASP B 514 -13.57 14.60 -8.16
C ASP B 514 -12.05 14.71 -7.96
N PHE B 515 -11.66 15.37 -6.88
CA PHE B 515 -10.27 15.60 -6.52
C PHE B 515 -10.15 15.48 -5.02
N THR B 516 -9.28 14.62 -4.53
CA THR B 516 -9.01 14.64 -3.10
C THR B 516 -8.02 15.79 -2.88
N GLU B 517 -8.44 16.93 -2.29
CA GLU B 517 -7.42 17.98 -2.23
C GLU B 517 -6.31 17.67 -1.27
N GLU B 518 -6.57 16.85 -0.27
CA GLU B 518 -5.51 16.65 0.70
C GLU B 518 -4.31 16.03 -0.01
N THR B 519 -4.60 15.19 -0.99
CA THR B 519 -3.50 14.63 -1.74
C THR B 519 -2.91 15.67 -2.69
N VAL B 520 -3.76 16.48 -3.34
CA VAL B 520 -3.22 17.59 -4.12
C VAL B 520 -2.41 18.51 -3.23
N GLU B 521 -2.93 18.81 -2.03
CA GLU B 521 -2.24 19.72 -1.13
C GLU B 521 -0.85 19.19 -0.81
N SER B 522 -0.73 17.86 -0.66
CA SER B 522 0.52 17.22 -0.24
C SER B 522 1.65 17.39 -1.24
N TYR B 523 1.35 17.65 -2.49
CA TYR B 523 2.40 17.92 -3.47
C TYR B 523 2.92 19.34 -3.35
N GLY B 524 2.49 20.07 -2.33
CA GLY B 524 3.07 21.35 -2.00
C GLY B 524 2.26 22.56 -2.40
N TYR B 525 0.95 22.41 -2.62
CA TYR B 525 0.12 23.54 -3.02
C TYR B 525 -0.91 23.88 -1.95
N GLU B 526 -1.30 25.15 -1.93
CA GLU B 526 -2.44 25.60 -1.15
C GLU B 526 -3.65 25.49 -2.06
N VAL B 527 -4.68 24.76 -1.63
CA VAL B 527 -5.78 24.39 -2.52
C VAL B 527 -7.06 25.06 -2.04
N THR B 528 -7.75 25.74 -2.96
CA THR B 528 -9.13 26.17 -2.75
C THR B 528 -10.08 25.19 -3.44
N ASN B 529 -11.12 24.78 -2.73
CA ASN B 529 -12.06 23.77 -3.20
C ASN B 529 -13.30 24.45 -3.74
N GLY B 530 -13.49 24.35 -5.06
CA GLY B 530 -14.67 24.84 -5.72
C GLY B 530 -15.85 23.91 -5.73
N ASN B 531 -15.72 22.73 -5.11
CA ASN B 531 -16.84 21.82 -4.99
C ASN B 531 -17.63 22.20 -3.75
N VAL B 532 -18.84 22.70 -3.94
CA VAL B 532 -19.69 23.12 -2.83
C VAL B 532 -21.07 22.54 -3.07
N ALA B 533 -21.84 22.45 -1.99
CA ALA B 533 -23.24 22.07 -2.15
C ALA B 533 -23.98 23.15 -2.93
N GLU B 534 -25.14 22.78 -3.46
CA GLU B 534 -25.88 23.74 -4.26
C GLU B 534 -26.56 24.73 -3.33
N GLY B 535 -26.55 25.99 -3.74
CA GLY B 535 -27.01 27.05 -2.86
C GLY B 535 -25.82 27.71 -2.19
N GLU B 536 -24.90 26.89 -1.68
CA GLU B 536 -23.65 27.33 -1.06
C GLU B 536 -22.85 28.23 -2.01
N GLU B 537 -22.00 29.11 -1.48
CA GLU B 537 -21.27 29.99 -2.37
C GLU B 537 -19.97 29.32 -2.80
N ARG B 538 -19.79 29.20 -4.07
CA ARG B 538 -18.53 28.72 -4.54
C ARG B 538 -17.51 29.86 -4.47
N PRO B 539 -16.32 29.64 -3.90
CA PRO B 539 -15.31 30.71 -3.88
C PRO B 539 -14.81 30.97 -5.28
N SER B 540 -14.49 32.24 -5.56
CA SER B 540 -14.03 32.58 -6.89
C SER B 540 -12.63 32.03 -7.14
N ALA B 541 -12.30 31.87 -8.42
CA ALA B 541 -11.02 31.29 -8.82
C ALA B 541 -9.99 32.36 -9.14
N ALA B 542 -10.34 33.64 -9.00
CA ALA B 542 -9.41 34.71 -9.27
C ALA B 542 -8.24 34.64 -8.29
N GLY B 543 -7.06 35.00 -8.76
CA GLY B 543 -5.87 34.93 -7.94
C GLY B 543 -5.26 33.55 -7.79
N SER B 544 -5.84 32.53 -8.43
CA SER B 544 -5.23 31.21 -8.43
C SER B 544 -4.04 31.19 -9.39
N ASP B 545 -3.01 30.43 -9.01
CA ASP B 545 -1.91 30.19 -9.94
C ASP B 545 -2.20 29.02 -10.88
N TYR B 546 -2.98 28.03 -10.42
CA TYR B 546 -3.41 26.89 -11.23
C TYR B 546 -4.87 26.57 -10.96
N VAL B 547 -5.61 26.21 -12.01
CA VAL B 547 -6.98 25.71 -11.90
C VAL B 547 -7.03 24.31 -12.50
N LEU B 548 -7.21 23.29 -11.64
CA LEU B 548 -7.36 21.90 -12.09
C LEU B 548 -8.83 21.50 -12.10
N ILE B 549 -9.35 21.23 -13.28
CA ILE B 549 -10.72 20.79 -13.46
C ILE B 549 -10.65 19.32 -13.87
N SER B 550 -11.38 18.46 -13.15
CA SER B 550 -11.54 17.06 -13.51
C SER B 550 -13.01 16.81 -13.82
N MET B 551 -13.29 16.45 -15.08
CA MET B 551 -14.64 16.54 -15.60
C MET B 551 -14.97 15.40 -16.55
N THR B 552 -16.28 15.22 -16.75
CA THR B 552 -16.78 14.18 -17.63
C THR B 552 -18.21 14.50 -18.00
N ALA B 553 -18.82 13.62 -18.78
CA ALA B 553 -20.24 13.64 -19.06
C ALA B 553 -20.84 12.28 -18.73
N LYS B 554 -22.03 12.27 -18.17
CA LYS B 554 -22.75 11.06 -17.84
C LYS B 554 -24.17 11.14 -18.39
N THR B 555 -24.75 9.99 -18.71
CA THR B 555 -26.17 10.05 -19.06
C THR B 555 -27.01 10.15 -17.80
N ASN B 556 -28.29 10.51 -18.02
CA ASN B 556 -29.30 10.68 -17.01
C ASN B 556 -30.66 10.46 -17.69
N ALA B 557 -30.96 9.19 -18.01
CA ALA B 557 -32.12 8.83 -18.82
C ALA B 557 -33.10 7.93 -18.08
N GLY B 558 -33.05 7.93 -16.75
CA GLY B 558 -33.91 7.05 -15.96
C GLY B 558 -35.38 7.34 -16.10
N ASP B 559 -35.73 8.53 -16.60
CA ASP B 559 -37.14 8.86 -16.74
C ASP B 559 -37.77 8.26 -17.97
N TYR B 560 -36.98 7.84 -18.96
CA TYR B 560 -37.49 7.32 -20.23
C TYR B 560 -38.61 6.30 -20.06
N VAL B 561 -39.66 6.45 -20.86
CA VAL B 561 -40.75 5.50 -21.01
C VAL B 561 -41.18 5.55 -22.47
N SER B 562 -41.18 4.40 -23.13
CA SER B 562 -41.39 4.42 -24.58
C SER B 562 -42.87 4.64 -24.95
N ASP B 563 -43.77 4.12 -24.12
CA ASP B 563 -45.24 4.27 -24.38
C ASP B 563 -45.76 5.52 -23.67
N ASP B 564 -44.96 6.58 -23.62
CA ASP B 564 -45.42 7.86 -23.02
C ASP B 564 -45.40 8.92 -24.11
N PRO B 565 -46.49 9.69 -24.32
CA PRO B 565 -46.55 10.68 -25.40
C PRO B 565 -45.67 11.89 -25.10
N SER B 566 -45.09 11.94 -23.90
CA SER B 566 -44.19 13.07 -23.52
C SER B 566 -42.76 12.72 -23.90
N LEU B 567 -42.47 11.43 -24.08
CA LEU B 567 -41.08 10.99 -24.36
C LEU B 567 -41.05 10.06 -25.57
N GLY B 568 -41.19 8.75 -25.35
CA GLY B 568 -41.07 7.77 -26.46
C GLY B 568 -42.08 8.00 -27.56
N LEU B 569 -43.34 8.25 -27.21
CA LEU B 569 -44.41 8.44 -28.23
C LEU B 569 -44.64 9.92 -28.46
N ASN B 570 -43.71 10.77 -28.02
CA ASN B 570 -43.82 12.23 -28.27
C ASN B 570 -43.34 12.51 -29.68
N PRO B 571 -44.23 12.90 -30.62
CA PRO B 571 -43.84 13.12 -32.00
C PRO B 571 -42.83 14.26 -32.12
N ASP B 572 -42.79 15.14 -31.11
CA ASP B 572 -41.89 16.33 -31.19
C ASP B 572 -40.45 15.88 -30.87
N HIS B 573 -40.27 14.63 -30.45
CA HIS B 573 -38.90 14.09 -30.21
C HIS B 573 -38.33 13.58 -31.54
N GLY B 574 -39.16 13.50 -32.58
CA GLY B 574 -38.67 13.11 -33.91
C GLY B 574 -39.01 11.66 -34.23
N THR B 575 -38.45 11.13 -35.31
CA THR B 575 -38.70 9.72 -35.61
C THR B 575 -37.39 8.95 -35.63
N ASN B 576 -37.52 7.62 -35.73
CA ASN B 576 -36.45 6.63 -35.67
C ASN B 576 -35.98 6.31 -37.10
N PRO B 577 -34.87 6.90 -37.54
CA PRO B 577 -34.47 6.77 -38.95
C PRO B 577 -34.07 5.36 -39.38
N SER B 578 -33.91 4.41 -38.47
CA SER B 578 -33.33 3.12 -38.83
C SER B 578 -34.40 2.18 -39.34
N VAL B 579 -34.02 1.36 -40.33
CA VAL B 579 -34.96 0.53 -41.07
C VAL B 579 -34.42 -0.90 -41.08
N ILE B 580 -35.19 -1.83 -40.55
CA ILE B 580 -34.87 -3.26 -40.65
C ILE B 580 -36.05 -3.98 -41.29
N ILE B 581 -35.91 -4.37 -42.55
CA ILE B 581 -36.89 -5.23 -43.18
C ILE B 581 -36.62 -6.67 -42.75
N GLY B 582 -37.60 -7.25 -42.08
CA GLY B 582 -37.51 -8.64 -41.67
C GLY B 582 -37.40 -9.55 -42.87
N ASP B 583 -37.15 -10.81 -42.58
CA ASP B 583 -37.02 -11.70 -43.73
C ASP B 583 -38.36 -12.16 -44.28
N ASP B 584 -39.53 -11.83 -43.67
CA ASP B 584 -40.83 -12.08 -44.31
C ASP B 584 -41.17 -11.04 -45.39
N GLY B 585 -40.24 -10.17 -45.79
CA GLY B 585 -40.61 -9.00 -46.58
C GLY B 585 -41.00 -7.76 -45.80
N GLU B 586 -41.46 -7.87 -44.51
CA GLU B 586 -41.94 -6.59 -43.96
C GLU B 586 -40.99 -6.03 -42.90
N PRO B 587 -41.08 -4.73 -42.59
CA PRO B 587 -40.23 -4.15 -41.53
C PRO B 587 -40.72 -4.50 -40.15
N LEU B 588 -39.78 -4.67 -39.24
CA LEU B 588 -40.13 -4.94 -37.87
C LEU B 588 -40.68 -3.67 -37.22
N PRO B 589 -41.51 -3.83 -36.20
CA PRO B 589 -42.26 -2.69 -35.66
C PRO B 589 -41.35 -1.57 -35.20
N GLY B 590 -41.69 -0.36 -35.59
CA GLY B 590 -40.97 0.83 -35.22
C GLY B 590 -39.73 1.12 -36.04
N LEU B 591 -39.28 0.20 -36.87
CA LEU B 591 -38.03 0.41 -37.58
C LEU B 591 -38.27 0.22 -39.08
N ASP B 592 -39.26 0.96 -39.57
CA ASP B 592 -39.54 1.12 -40.98
C ASP B 592 -38.99 2.44 -41.51
N GLY B 593 -38.47 3.29 -40.63
CA GLY B 593 -37.87 4.55 -40.99
C GLY B 593 -38.73 5.74 -40.63
N GLN B 594 -40.01 5.50 -40.39
CA GLN B 594 -41.02 6.52 -40.19
C GLN B 594 -41.82 6.02 -38.99
N SER B 595 -41.23 6.13 -37.80
CA SER B 595 -41.93 5.65 -36.62
C SER B 595 -41.43 6.43 -35.41
N LEU B 596 -42.28 6.51 -34.39
CA LEU B 596 -41.86 7.17 -33.17
C LEU B 596 -40.88 6.28 -32.41
N TRP B 597 -39.97 6.95 -31.70
CA TRP B 597 -38.85 6.30 -31.05
C TRP B 597 -39.31 5.14 -30.18
N GLY B 598 -40.41 5.32 -29.46
CA GLY B 598 -40.87 4.27 -28.58
C GLY B 598 -41.55 3.11 -29.28
N ALA B 599 -41.78 3.21 -30.59
CA ALA B 599 -42.63 2.25 -31.26
C ALA B 599 -42.02 0.85 -31.39
N ALA B 600 -40.69 0.74 -31.32
CA ALA B 600 -40.09 -0.59 -31.48
C ALA B 600 -40.35 -1.48 -30.26
N ASP B 601 -40.74 -0.90 -29.13
CA ASP B 601 -40.91 -1.65 -27.90
C ASP B 601 -42.20 -2.47 -27.97
N VAL B 602 -42.14 -3.68 -27.41
CA VAL B 602 -43.27 -4.59 -27.52
C VAL B 602 -44.50 -4.06 -26.82
N CYS B 603 -44.34 -3.15 -25.85
CA CYS B 603 -45.52 -2.66 -25.13
C CYS B 603 -46.39 -1.76 -26.01
N VAL B 604 -45.88 -1.31 -27.17
CA VAL B 604 -46.70 -0.57 -28.12
C VAL B 604 -47.18 -1.51 -29.23
N HIS B 605 -46.24 -2.19 -29.93
CA HIS B 605 -46.63 -3.00 -31.09
C HIS B 605 -47.31 -4.31 -30.68
N LYS B 606 -47.07 -4.80 -29.47
CA LYS B 606 -47.81 -5.91 -28.86
C LYS B 606 -47.73 -7.18 -29.67
N GLU B 607 -46.85 -7.21 -30.65
CA GLU B 607 -46.95 -8.25 -31.66
C GLU B 607 -46.47 -9.63 -31.21
N GLY B 608 -45.90 -9.75 -30.02
CA GLY B 608 -45.62 -11.04 -29.41
C GLY B 608 -46.89 -11.78 -28.97
N HIS B 609 -46.69 -12.95 -28.37
CA HIS B 609 -47.80 -13.76 -27.84
C HIS B 609 -48.41 -13.24 -26.54
N GLU B 610 -47.88 -12.18 -25.95
CA GLU B 610 -48.53 -11.68 -24.75
C GLU B 610 -49.45 -10.51 -25.10
N GLU B 611 -50.54 -10.39 -24.35
CA GLU B 611 -51.52 -9.35 -24.66
C GLU B 611 -51.24 -8.08 -23.85
N ASN B 612 -50.77 -8.20 -22.61
CA ASN B 612 -50.34 -7.03 -21.86
C ASN B 612 -48.82 -7.03 -21.73
N PRO B 613 -48.07 -6.74 -22.79
CA PRO B 613 -46.61 -6.80 -22.68
C PRO B 613 -46.07 -5.56 -22.00
N SER B 614 -44.99 -5.74 -21.24
CA SER B 614 -44.31 -4.65 -20.55
C SER B 614 -43.25 -4.00 -21.42
N CYS B 615 -43.03 -2.71 -21.18
CA CYS B 615 -42.02 -1.99 -21.95
C CYS B 615 -40.64 -2.47 -21.54
N THR B 616 -39.90 -3.01 -22.49
CA THR B 616 -38.51 -3.41 -22.22
C THR B 616 -37.60 -2.22 -21.97
N ASP B 617 -37.77 -1.15 -22.73
CA ASP B 617 -36.79 -0.08 -22.76
C ASP B 617 -36.87 0.87 -21.58
N ASN B 618 -37.95 0.83 -20.80
CA ASN B 618 -38.17 1.81 -19.75
C ASN B 618 -36.93 1.98 -18.87
N ARG B 619 -36.61 3.24 -18.57
CA ARG B 619 -35.57 3.68 -17.65
C ARG B 619 -34.19 3.56 -18.27
N LEU B 620 -34.08 2.93 -19.43
CA LEU B 620 -32.78 2.68 -20.03
C LEU B 620 -31.75 2.24 -18.99
N ARG B 621 -32.11 1.18 -18.26
CA ARG B 621 -31.33 0.67 -17.13
C ARG B 621 -29.86 0.41 -17.44
N PHE B 622 -29.51 0.03 -18.66
CA PHE B 622 -28.15 -0.42 -18.94
C PHE B 622 -27.19 0.70 -19.32
N GLY B 623 -27.70 1.87 -19.65
CA GLY B 623 -26.88 2.97 -20.12
C GLY B 623 -27.43 3.56 -21.40
N GLY B 624 -26.80 4.66 -21.80
CA GLY B 624 -27.23 5.32 -23.02
C GLY B 624 -28.20 6.45 -22.74
N ALA B 625 -28.19 7.44 -23.63
CA ALA B 625 -29.06 8.59 -23.58
C ALA B 625 -30.43 8.24 -24.14
N TYR B 626 -31.37 9.18 -23.96
CA TYR B 626 -32.59 9.18 -24.75
C TYR B 626 -32.22 8.94 -26.21
N PRO B 627 -32.95 8.08 -26.93
CA PRO B 627 -32.52 7.73 -28.29
C PRO B 627 -32.41 8.93 -29.20
N TRP B 628 -33.22 9.95 -28.99
CA TRP B 628 -33.18 11.12 -29.85
C TRP B 628 -32.07 12.10 -29.51
N GLU B 629 -31.23 11.79 -28.54
CA GLU B 629 -30.13 12.67 -28.13
C GLU B 629 -28.77 12.00 -28.28
N SER B 630 -28.75 10.80 -28.89
CA SER B 630 -27.56 9.95 -28.95
C SER B 630 -26.41 10.58 -29.74
N SER B 631 -26.67 11.62 -30.54
CA SER B 631 -25.62 12.25 -31.31
C SER B 631 -25.01 13.45 -30.61
N ILE B 632 -25.58 13.88 -29.50
CA ILE B 632 -25.05 15.02 -28.77
C ILE B 632 -23.87 14.59 -27.93
N LEU B 633 -22.67 14.58 -28.52
CA LEU B 633 -21.47 14.22 -27.79
C LEU B 633 -20.59 15.41 -27.47
N ASP B 634 -20.95 16.62 -27.88
CA ASP B 634 -20.20 17.82 -27.54
C ASP B 634 -20.72 18.47 -26.25
N PHE B 635 -19.78 19.05 -25.49
CA PHE B 635 -20.10 19.53 -24.14
C PHE B 635 -21.17 20.61 -24.11
N THR B 636 -21.18 21.53 -25.10
CA THR B 636 -22.22 22.56 -25.07
C THR B 636 -23.60 21.96 -25.26
N GLY B 637 -23.74 21.05 -26.22
CA GLY B 637 -25.03 20.38 -26.40
C GLY B 637 -25.42 19.56 -25.19
N MET B 638 -24.48 18.77 -24.68
CA MET B 638 -24.72 17.95 -23.49
C MET B 638 -25.20 18.78 -22.32
N GLU B 639 -24.65 19.98 -22.15
CA GLU B 639 -25.17 20.88 -21.12
C GLU B 639 -26.67 21.06 -21.28
N ALA B 640 -27.10 21.45 -22.49
CA ALA B 640 -28.50 21.70 -22.80
C ALA B 640 -29.32 20.43 -23.02
N ALA B 641 -28.69 19.31 -23.36
CA ALA B 641 -29.45 18.09 -23.62
C ALA B 641 -30.29 17.70 -22.41
N GLU B 642 -31.34 16.93 -22.66
CA GLU B 642 -32.26 16.52 -21.59
C GLU B 642 -31.76 15.31 -20.83
N SER B 643 -31.15 14.36 -21.51
CA SER B 643 -30.67 13.15 -20.84
C SER B 643 -29.16 13.14 -20.68
N TRP B 644 -28.48 14.26 -20.92
CA TRP B 644 -27.03 14.36 -20.75
C TRP B 644 -26.69 15.33 -19.63
N GLU B 645 -25.66 14.98 -18.87
CA GLU B 645 -25.20 15.81 -17.76
C GLU B 645 -23.69 15.93 -17.82
N VAL B 646 -23.21 17.16 -17.89
CA VAL B 646 -21.78 17.45 -17.81
C VAL B 646 -21.42 17.62 -16.35
N VAL B 647 -20.35 16.96 -15.91
CA VAL B 647 -19.94 17.00 -14.50
C VAL B 647 -18.51 17.43 -14.37
N PRO B 648 -18.23 18.57 -13.68
CA PRO B 648 -19.23 19.49 -13.17
C PRO B 648 -19.92 20.22 -14.33
N SER B 649 -21.07 20.85 -14.07
CA SER B 649 -21.78 21.65 -15.06
C SER B 649 -20.82 22.47 -15.90
N LEU B 650 -21.07 22.49 -17.21
CA LEU B 650 -20.29 23.35 -18.08
C LEU B 650 -20.40 24.82 -17.67
N GLU B 651 -21.56 25.24 -17.17
CA GLU B 651 -21.71 26.64 -16.76
C GLU B 651 -20.74 26.97 -15.64
N THR B 652 -20.58 26.06 -14.67
CA THR B 652 -19.64 26.31 -13.58
C THR B 652 -18.20 26.32 -14.08
N ILE B 653 -17.84 25.38 -14.95
CA ILE B 653 -16.51 25.40 -15.56
C ILE B 653 -16.29 26.71 -16.31
N GLN B 654 -17.31 27.18 -17.03
CA GLN B 654 -17.16 28.42 -17.78
C GLN B 654 -17.04 29.61 -16.86
N GLU B 655 -17.86 29.66 -15.81
CA GLU B 655 -17.66 30.65 -14.76
C GLU B 655 -16.22 30.61 -14.25
N VAL B 656 -15.74 29.39 -13.90
CA VAL B 656 -14.43 29.26 -13.28
C VAL B 656 -13.31 29.66 -14.25
N MET B 657 -13.45 29.30 -15.52
CA MET B 657 -12.39 29.64 -16.47
C MET B 657 -12.34 31.14 -16.75
N ALA B 658 -13.42 31.87 -16.44
CA ALA B 658 -13.46 33.32 -16.58
C ALA B 658 -12.90 34.02 -15.34
N GLU B 659 -13.31 33.57 -14.16
CA GLU B 659 -12.85 34.17 -12.89
C GLU B 659 -11.33 34.22 -12.81
N VAL B 660 -10.65 33.25 -13.40
CA VAL B 660 -9.22 33.36 -13.66
C VAL B 660 -9.04 34.17 -14.94
N GLU B 661 -8.29 35.27 -14.86
CA GLU B 661 -8.24 36.13 -16.02
C GLU B 661 -7.37 35.58 -17.15
N ASP B 662 -6.45 34.63 -16.86
CA ASP B 662 -5.80 33.85 -17.91
C ASP B 662 -6.33 32.42 -17.95
N PRO B 663 -7.00 31.99 -19.04
CA PRO B 663 -7.42 30.58 -19.15
C PRO B 663 -6.32 29.57 -19.47
N SER B 664 -5.10 30.01 -19.81
CA SER B 664 -3.94 29.12 -19.92
C SER B 664 -3.49 28.54 -18.58
N LYS B 665 -4.03 29.04 -17.47
CA LYS B 665 -3.77 28.47 -16.15
C LYS B 665 -4.74 27.36 -15.75
N VAL B 666 -5.71 27.03 -16.61
CA VAL B 666 -6.71 25.99 -16.34
C VAL B 666 -6.23 24.69 -16.96
N ILE B 667 -6.43 23.58 -16.26
CA ILE B 667 -5.93 22.27 -16.67
C ILE B 667 -7.08 21.28 -16.54
N LEU B 668 -7.56 20.78 -17.68
CA LEU B 668 -8.71 19.89 -17.75
C LEU B 668 -8.28 18.42 -17.78
N HIS B 669 -8.57 17.69 -16.71
CA HIS B 669 -8.55 16.23 -16.71
C HIS B 669 -9.93 15.74 -17.14
N VAL B 670 -10.05 15.27 -18.38
CA VAL B 670 -11.33 14.80 -18.92
C VAL B 670 -11.34 13.28 -18.99
N TYR B 671 -12.46 12.70 -18.56
CA TYR B 671 -12.72 11.27 -18.75
C TYR B 671 -13.64 11.12 -19.96
N PHE B 672 -13.09 10.60 -21.05
CA PHE B 672 -13.89 10.32 -22.25
C PHE B 672 -14.53 8.94 -22.12
N ARG B 673 -15.62 8.90 -21.34
CA ARG B 673 -16.46 7.70 -21.32
C ARG B 673 -16.85 7.30 -22.73
N GLN B 674 -17.41 8.24 -23.48
CA GLN B 674 -17.49 8.14 -24.92
C GLN B 674 -16.57 9.18 -25.55
N PRO B 675 -16.22 9.05 -26.83
CA PRO B 675 -15.38 10.07 -27.48
C PRO B 675 -16.07 11.42 -27.60
N TYR B 676 -16.10 12.16 -26.49
CA TYR B 676 -16.79 13.44 -26.40
C TYR B 676 -16.12 14.50 -27.28
N VAL B 677 -16.91 15.49 -27.65
CA VAL B 677 -16.50 16.52 -28.59
C VAL B 677 -16.19 17.79 -27.79
N LEU B 678 -14.92 18.19 -27.81
CA LEU B 678 -14.50 19.49 -27.29
C LEU B 678 -14.83 20.56 -28.33
N ASP B 679 -16.10 20.98 -28.36
CA ASP B 679 -16.60 21.88 -29.40
C ASP B 679 -16.08 23.31 -29.18
N GLU B 680 -16.04 24.06 -30.29
CA GLU B 680 -15.46 25.41 -30.32
C GLU B 680 -16.19 26.35 -29.39
N GLU B 681 -17.50 26.18 -29.25
CA GLU B 681 -18.35 27.05 -28.46
C GLU B 681 -18.14 26.84 -26.97
N SER B 682 -17.59 25.69 -26.58
CA SER B 682 -17.39 25.39 -25.17
C SER B 682 -16.40 26.32 -24.52
N GLY B 683 -15.39 26.78 -25.26
CA GLY B 683 -14.29 27.50 -24.67
C GLY B 683 -13.26 26.62 -24.00
N LEU B 684 -13.49 25.30 -23.97
CA LEU B 684 -12.63 24.37 -23.23
C LEU B 684 -11.25 24.22 -23.84
N ARG B 685 -11.09 24.53 -25.13
CA ARG B 685 -9.78 24.44 -25.73
C ARG B 685 -8.92 25.65 -25.44
N ASP B 686 -9.52 26.68 -24.85
CA ASP B 686 -8.72 27.77 -24.35
C ASP B 686 -7.93 27.37 -23.11
N ALA B 687 -8.27 26.23 -22.50
CA ALA B 687 -7.54 25.73 -21.34
C ALA B 687 -6.07 25.49 -21.68
N GLY B 688 -5.20 25.83 -20.72
CA GLY B 688 -3.77 25.64 -20.93
C GLY B 688 -3.38 24.21 -21.26
N ALA B 689 -3.94 23.25 -20.52
CA ALA B 689 -3.65 21.84 -20.81
C ALA B 689 -4.93 21.03 -20.75
N ILE B 690 -5.02 20.05 -21.64
CA ILE B 690 -6.12 19.08 -21.66
C ILE B 690 -5.51 17.69 -21.64
N LEU B 691 -6.08 16.81 -20.82
CA LEU B 691 -5.63 15.42 -20.78
C LEU B 691 -6.83 14.49 -20.93
N ALA B 692 -6.58 13.33 -21.51
CA ALA B 692 -7.53 12.22 -21.51
C ALA B 692 -7.13 11.28 -20.39
N GLY B 693 -7.97 11.21 -19.36
CA GLY B 693 -7.81 10.27 -18.27
C GLY B 693 -8.75 9.07 -18.42
N PHE B 694 -8.28 7.92 -17.96
CA PHE B 694 -9.03 6.69 -18.06
C PHE B 694 -9.22 6.02 -16.71
N GLY B 695 -9.35 6.81 -15.65
CA GLY B 695 -9.47 6.21 -14.34
C GLY B 695 -8.13 6.04 -13.68
N MET B 696 -7.83 6.91 -12.71
CA MET B 696 -6.58 6.86 -11.96
C MET B 696 -6.79 7.54 -10.63
N THR B 697 -6.02 7.09 -9.65
CA THR B 697 -6.02 7.80 -8.37
C THR B 697 -5.50 9.21 -8.56
N ASP B 698 -5.72 10.06 -7.56
CA ASP B 698 -5.19 11.41 -7.65
C ASP B 698 -3.68 11.43 -7.43
N THR B 699 -3.14 10.37 -6.83
CA THR B 699 -1.69 10.29 -6.71
C THR B 699 -1.02 10.05 -8.06
N ALA B 700 -1.57 9.16 -8.88
CA ALA B 700 -1.01 8.96 -10.21
C ALA B 700 -1.15 10.23 -11.04
N LEU B 701 -2.32 10.87 -10.99
CA LEU B 701 -2.54 12.08 -11.76
C LEU B 701 -1.60 13.18 -11.31
N MET B 702 -1.43 13.35 -9.99
CA MET B 702 -0.53 14.38 -9.50
C MET B 702 0.93 14.01 -9.77
N ASP B 703 1.27 12.72 -9.64
CA ASP B 703 2.66 12.27 -9.96
C ASP B 703 3.06 12.78 -11.35
N VAL B 704 2.15 12.74 -12.31
CA VAL B 704 2.47 13.13 -13.70
C VAL B 704 2.38 14.66 -13.84
N LEU B 705 1.35 15.27 -13.24
CA LEU B 705 1.16 16.73 -13.39
C LEU B 705 2.39 17.46 -12.84
N THR B 706 2.90 17.01 -11.69
CA THR B 706 4.08 17.65 -11.07
C THR B 706 5.31 17.41 -11.94
N GLY B 707 5.42 16.22 -12.55
CA GLY B 707 6.56 15.90 -13.42
C GLY B 707 7.40 14.75 -12.89
N ALA B 708 6.97 14.13 -11.79
CA ALA B 708 7.70 12.96 -11.24
C ALA B 708 7.75 11.88 -12.31
N TYR B 709 6.69 11.73 -13.09
CA TYR B 709 6.69 10.78 -14.23
C TYR B 709 6.16 11.56 -15.43
N ALA B 710 6.40 11.07 -16.66
CA ALA B 710 6.01 11.88 -17.84
C ALA B 710 4.84 11.27 -18.59
N PRO B 711 3.98 12.09 -19.22
CA PRO B 711 2.85 11.59 -20.02
C PRO B 711 3.35 10.79 -21.24
N GLN B 712 2.76 9.62 -21.49
CA GLN B 712 3.25 8.76 -22.61
C GLN B 712 2.08 8.12 -23.37
N GLY B 713 0.90 8.02 -22.75
CA GLY B 713 -0.17 7.31 -23.40
C GLY B 713 -0.59 7.97 -24.70
N LYS B 714 -1.23 7.20 -25.56
CA LYS B 714 -1.75 7.73 -26.80
C LYS B 714 -3.18 7.27 -26.99
N LEU B 715 -4.03 8.16 -27.54
CA LEU B 715 -5.43 7.89 -27.81
C LEU B 715 -5.63 6.56 -28.53
N PRO B 716 -6.41 5.62 -27.97
CA PRO B 716 -6.69 4.36 -28.62
C PRO B 716 -7.91 4.56 -29.51
N PHE B 717 -8.47 5.76 -29.48
CA PHE B 717 -9.60 6.10 -30.36
C PHE B 717 -9.46 7.57 -30.74
N ALA B 718 -10.19 8.01 -31.75
CA ALA B 718 -10.03 9.40 -32.23
C ALA B 718 -11.10 10.30 -31.64
N LEU B 719 -10.82 11.58 -31.68
CA LEU B 719 -11.77 12.55 -31.14
C LEU B 719 -12.21 13.51 -32.23
N ALA B 720 -13.52 13.67 -32.38
CA ALA B 720 -13.99 14.66 -33.32
C ALA B 720 -14.06 16.02 -32.65
N GLY B 721 -14.21 17.05 -33.47
CA GLY B 721 -14.24 18.41 -32.97
C GLY B 721 -15.53 19.11 -33.36
N THR B 722 -16.44 18.37 -34.00
CA THR B 722 -17.73 18.92 -34.38
C THR B 722 -18.81 17.89 -34.13
N ARG B 723 -19.97 18.40 -33.75
CA ARG B 723 -21.17 17.57 -33.74
C ARG B 723 -21.42 16.90 -35.09
N GLU B 724 -21.21 17.64 -36.18
CA GLU B 724 -21.53 17.12 -37.51
C GLU B 724 -20.62 15.96 -37.92
N ALA B 725 -19.32 16.04 -37.55
CA ALA B 725 -18.41 14.92 -37.79
C ALA B 725 -18.89 13.68 -37.06
N ILE B 726 -19.61 13.84 -35.96
CA ILE B 726 -20.17 12.71 -35.25
C ILE B 726 -21.35 12.15 -36.02
N ILE B 727 -22.20 13.04 -36.54
CA ILE B 727 -23.36 12.55 -37.27
C ILE B 727 -22.97 12.01 -38.64
N GLU B 728 -21.88 12.51 -39.26
CA GLU B 728 -21.70 12.10 -40.65
C GLU B 728 -20.85 10.83 -40.71
N GLN B 729 -20.07 10.59 -39.67
CA GLN B 729 -19.10 9.46 -39.65
C GLN B 729 -19.76 8.10 -39.90
N ASP B 730 -18.95 7.11 -40.31
CA ASP B 730 -19.47 5.74 -40.56
C ASP B 730 -19.30 4.93 -39.26
N SER B 731 -20.38 4.31 -38.79
CA SER B 731 -20.35 3.59 -37.49
C SER B 731 -19.33 2.45 -37.50
N ASP B 732 -19.01 1.88 -38.68
CA ASP B 732 -18.15 0.71 -38.65
C ASP B 732 -16.70 1.01 -38.93
N ARG B 733 -16.39 2.26 -39.26
CA ARG B 733 -15.09 2.69 -39.70
C ARG B 733 -14.45 3.51 -38.57
N PRO B 734 -13.19 3.27 -38.24
CA PRO B 734 -12.51 4.09 -37.25
C PRO B 734 -12.18 5.50 -37.76
N GLY B 735 -11.99 6.40 -36.81
CA GLY B 735 -11.61 7.78 -37.17
C GLY B 735 -12.77 8.61 -37.69
N TYR B 736 -12.49 9.85 -38.07
CA TYR B 736 -13.52 10.74 -38.64
C TYR B 736 -12.91 11.37 -39.90
N ASP B 737 -11.96 10.69 -40.51
CA ASP B 737 -11.25 11.24 -41.69
C ASP B 737 -12.23 11.40 -42.86
N GLU B 738 -13.21 10.51 -42.98
CA GLU B 738 -14.23 10.62 -44.05
C GLU B 738 -15.00 11.93 -43.87
N THR B 739 -15.20 12.36 -42.61
CA THR B 739 -15.99 13.58 -42.33
C THR B 739 -15.28 14.81 -42.91
N GLU B 740 -16.06 15.83 -43.28
CA GLU B 740 -15.49 17.06 -43.88
C GLU B 740 -14.77 17.86 -42.79
N ASP B 741 -15.25 17.73 -41.55
CA ASP B 741 -14.62 18.46 -40.42
C ASP B 741 -13.40 17.66 -39.93
N GLY B 742 -13.32 16.39 -40.32
CA GLY B 742 -12.20 15.56 -39.90
C GLY B 742 -12.11 15.36 -38.39
N ALA B 743 -11.01 14.71 -37.99
CA ALA B 743 -10.77 14.40 -36.58
C ALA B 743 -10.09 15.57 -35.89
N LEU B 744 -10.58 15.88 -34.68
CA LEU B 744 -9.88 16.86 -33.83
C LEU B 744 -8.51 16.34 -33.40
N TYR B 745 -8.46 15.14 -32.84
CA TYR B 745 -7.23 14.46 -32.49
C TYR B 745 -7.30 13.04 -33.06
N PRO B 746 -6.28 12.60 -33.78
CA PRO B 746 -6.29 11.25 -34.37
C PRO B 746 -5.90 10.14 -33.41
N PHE B 747 -6.25 8.91 -33.82
CA PHE B 747 -5.74 7.70 -33.18
C PHE B 747 -4.22 7.75 -33.06
N GLY B 748 -3.72 7.51 -31.85
CA GLY B 748 -2.31 7.49 -31.57
C GLY B 748 -1.73 8.84 -31.20
N TYR B 749 -2.54 9.90 -31.24
CA TYR B 749 -2.03 11.22 -30.90
C TYR B 749 -1.76 11.29 -29.40
N GLY B 750 -0.74 12.07 -29.03
CA GLY B 750 -0.46 12.32 -27.64
C GLY B 750 0.87 13.03 -27.42
N LEU B 751 0.86 14.08 -26.62
CA LEU B 751 2.09 14.89 -26.39
C LEU B 751 2.88 14.31 -25.23
N THR B 752 4.05 14.88 -24.94
CA THR B 752 4.87 14.44 -23.78
C THR B 752 5.55 15.67 -23.18
N TYR B 753 6.50 15.46 -22.28
CA TYR B 753 7.27 16.61 -21.74
C TYR B 753 8.32 17.02 -22.77
N GLU B 754 9.12 18.05 -22.49
CA GLU B 754 10.03 18.57 -23.55
C GLU B 754 11.51 18.20 -23.32
N ASP B 755 11.97 18.12 -22.07
CA ASP B 755 13.42 17.89 -21.82
C ASP B 755 13.95 16.81 -22.76
N ASP B 756 13.27 15.66 -22.85
CA ASP B 756 13.70 14.57 -23.76
C ASP B 756 15.12 14.12 -23.38
#